data_4JAT
#
_entry.id   4JAT
#
_cell.length_a   72.374
_cell.length_b   48.871
_cell.length_c   194.616
_cell.angle_alpha   90.00
_cell.angle_beta   97.95
_cell.angle_gamma   90.00
#
_symmetry.space_group_name_H-M   'P 1 21 1'
#
loop_
_entity.id
_entity.type
_entity.pdbx_description
1 polymer 'Alpha-pyrone synthesis polyketide synthase-like Pks11'
2 non-polymer 'PALMITIC ACID'
3 water water
#
_entity_poly.entity_id   1
_entity_poly.type   'polypeptide(L)'
_entity_poly.pdbx_seq_one_letter_code
;MSVIAGVFGALPPHRYSQSEITDSFVEFPGLKEHEEIIRRLHAAAKVNGRHLVLPLQQYPSLTDFGDANEIFIEKAVDLG
VEALLGALDDANLRPSDIDMIATATVTGVAVPSLDARIAGRLGLRPDVRRMPLFGLGSVAGAAGVARLRDYLRGAPDDVA
VLVSVELCSLTYPAVKPTVSSLVGTALFGDGAAAVVAVGDRRAEQVRAGGPDILDSRSSLYPDSLHIMGWDVGSHGLRLR
LSPDLTNLIERYLANDVTTFLDAHRLTKDDIGAWVSHPGGPKVIDAVATSLALPPEALELTWRSLGEIGNLSSASILHIL
RDTIEKRPPSGSAGLMLAMGPGFCTELVLLRWR
;
_entity_poly.pdbx_strand_id   A,B,C,D
#
# COMPACT_ATOMS: atom_id res chain seq x y z
N SER A 2 -1.88 -0.33 -11.08
CA SER A 2 -0.68 -0.59 -11.86
C SER A 2 -0.41 -2.09 -11.91
N VAL A 3 -0.73 -2.70 -13.03
CA VAL A 3 -0.47 -4.11 -13.25
C VAL A 3 0.23 -4.29 -14.60
N ILE A 4 1.35 -5.00 -14.60
CA ILE A 4 2.09 -5.25 -15.83
C ILE A 4 1.25 -6.15 -16.72
N ALA A 5 1.12 -5.80 -17.99
CA ALA A 5 0.31 -6.59 -18.93
C ALA A 5 1.17 -7.23 -20.02
N GLY A 6 2.36 -6.70 -20.25
CA GLY A 6 3.25 -7.24 -21.26
C GLY A 6 4.70 -6.89 -21.02
N VAL A 7 5.59 -7.82 -21.33
CA VAL A 7 7.03 -7.60 -21.24
C VAL A 7 7.74 -8.32 -22.40
N PHE A 8 8.65 -7.62 -23.07
CA PHE A 8 9.28 -8.19 -24.26
C PHE A 8 10.68 -7.66 -24.46
N GLY A 9 11.59 -8.55 -24.85
CA GLY A 9 12.96 -8.16 -25.11
C GLY A 9 13.34 -8.34 -26.57
N ALA A 10 14.18 -7.45 -27.07
CA ALA A 10 14.62 -7.50 -28.45
C ALA A 10 16.12 -7.45 -28.52
N LEU A 11 16.70 -8.15 -29.47
CA LEU A 11 18.12 -8.22 -29.62
C LEU A 11 18.54 -8.10 -31.06
N PRO A 12 19.70 -7.52 -31.28
CA PRO A 12 20.24 -7.42 -32.61
C PRO A 12 20.67 -8.78 -33.10
N PRO A 13 20.65 -8.97 -34.39
CA PRO A 13 20.77 -10.30 -35.00
C PRO A 13 22.21 -10.83 -34.94
N HIS A 14 23.17 -9.92 -34.96
CA HIS A 14 24.56 -10.34 -34.86
C HIS A 14 24.90 -10.80 -33.45
N ARG A 15 25.03 -12.11 -33.27
CA ARG A 15 25.49 -12.66 -32.00
C ARG A 15 26.89 -13.24 -32.15
N TYR A 16 27.74 -12.99 -31.15
CA TYR A 16 29.11 -13.49 -31.12
C TYR A 16 29.44 -14.09 -29.76
N SER A 17 30.16 -15.21 -29.77
CA SER A 17 30.66 -15.80 -28.54
C SER A 17 31.66 -14.82 -27.93
N GLN A 18 31.84 -14.91 -26.62
CA GLN A 18 32.67 -13.95 -25.90
C GLN A 18 34.08 -13.89 -26.45
N SER A 19 34.75 -15.04 -26.55
CA SER A 19 36.14 -15.04 -26.98
C SER A 19 36.31 -14.64 -28.46
N GLU A 20 35.29 -14.89 -29.28
CA GLU A 20 35.25 -14.31 -30.62
C GLU A 20 35.46 -12.82 -30.52
N ILE A 21 34.59 -12.18 -29.74
CA ILE A 21 34.68 -10.75 -29.54
C ILE A 21 36.09 -10.37 -29.11
N THR A 22 36.60 -11.06 -28.10
CA THR A 22 37.94 -10.78 -27.58
C THR A 22 39.01 -11.00 -28.65
N ASP A 23 38.93 -12.13 -29.35
CA ASP A 23 39.94 -12.45 -30.35
C ASP A 23 40.14 -11.36 -31.39
N SER A 24 39.04 -10.73 -31.80
CA SER A 24 39.11 -9.63 -32.75
C SER A 24 39.50 -8.32 -32.06
N PHE A 25 39.01 -8.13 -30.84
CA PHE A 25 39.20 -6.88 -30.11
C PHE A 25 40.67 -6.54 -29.86
N VAL A 26 41.45 -7.52 -29.40
CA VAL A 26 42.87 -7.29 -29.16
C VAL A 26 43.60 -6.90 -30.44
N GLU A 27 42.96 -7.10 -31.58
CA GLU A 27 43.57 -6.78 -32.87
C GLU A 27 43.14 -5.43 -33.42
N PHE A 28 42.19 -4.77 -32.74
CA PHE A 28 41.73 -3.46 -33.16
C PHE A 28 42.87 -2.46 -33.04
N PRO A 29 42.87 -1.42 -33.88
CA PRO A 29 43.93 -0.42 -33.82
C PRO A 29 44.17 0.10 -32.41
N GLY A 30 45.42 0.05 -31.96
CA GLY A 30 45.81 0.64 -30.68
C GLY A 30 45.57 -0.24 -29.46
N LEU A 31 45.09 -1.46 -29.68
CA LEU A 31 44.75 -2.35 -28.58
C LEU A 31 45.66 -3.54 -28.36
N LYS A 32 46.51 -3.83 -29.31
CA LYS A 32 47.43 -4.97 -29.19
C LYS A 32 48.50 -4.84 -28.08
N GLU A 33 48.79 -3.62 -27.66
CA GLU A 33 49.69 -3.44 -26.53
C GLU A 33 48.98 -3.83 -25.22
N HIS A 34 47.72 -4.21 -25.31
CA HIS A 34 46.96 -4.53 -24.11
C HIS A 34 46.26 -5.89 -24.17
N GLU A 35 46.70 -6.73 -25.11
CA GLU A 35 46.12 -8.05 -25.25
C GLU A 35 45.91 -8.70 -23.89
N GLU A 36 46.91 -8.65 -23.02
CA GLU A 36 46.87 -9.45 -21.80
C GLU A 36 45.78 -8.99 -20.82
N ILE A 37 45.73 -7.69 -20.51
CA ILE A 37 44.74 -7.22 -19.56
C ILE A 37 43.34 -7.34 -20.14
N ILE A 38 43.25 -7.31 -21.46
CA ILE A 38 41.96 -7.42 -22.16
C ILE A 38 41.44 -8.84 -22.08
N ARG A 39 42.30 -9.81 -22.36
CA ARG A 39 41.91 -11.21 -22.29
C ARG A 39 41.45 -11.57 -20.89
N ARG A 40 42.23 -11.17 -19.90
CA ARG A 40 41.88 -11.41 -18.49
C ARG A 40 40.53 -10.82 -18.13
N LEU A 41 40.38 -9.51 -18.32
CA LEU A 41 39.14 -8.81 -18.04
C LEU A 41 37.94 -9.41 -18.77
N HIS A 42 38.15 -9.89 -19.99
CA HIS A 42 37.06 -10.46 -20.79
C HIS A 42 36.67 -11.86 -20.32
N ALA A 43 37.67 -12.62 -19.88
CA ALA A 43 37.44 -13.98 -19.40
C ALA A 43 36.85 -13.99 -17.98
N ALA A 44 37.03 -12.89 -17.27
CA ALA A 44 36.54 -12.82 -15.90
C ALA A 44 35.17 -12.16 -15.81
N ALA A 45 34.56 -11.87 -16.96
CA ALA A 45 33.31 -11.12 -16.98
C ALA A 45 32.08 -12.02 -16.79
N LYS A 46 32.28 -13.32 -16.99
CA LYS A 46 31.21 -14.30 -16.89
C LYS A 46 30.10 -14.06 -17.91
N VAL A 47 30.49 -13.53 -19.07
CA VAL A 47 29.62 -13.39 -20.22
C VAL A 47 30.04 -14.41 -21.27
N ASN A 48 29.09 -15.10 -21.87
CA ASN A 48 29.42 -16.16 -22.81
C ASN A 48 29.25 -15.75 -24.26
N GLY A 49 28.46 -14.70 -24.45
CA GLY A 49 28.20 -14.13 -25.75
C GLY A 49 27.46 -12.81 -25.59
N ARG A 50 27.50 -11.98 -26.62
CA ARG A 50 26.80 -10.70 -26.63
C ARG A 50 26.26 -10.44 -28.02
N HIS A 51 25.15 -9.71 -28.09
CA HIS A 51 24.62 -9.26 -29.37
C HIS A 51 25.17 -7.88 -29.66
N LEU A 52 25.63 -7.69 -30.89
CA LEU A 52 26.16 -6.42 -31.35
C LEU A 52 25.29 -5.87 -32.46
N VAL A 53 25.02 -4.57 -32.42
CA VAL A 53 24.13 -3.92 -33.36
C VAL A 53 24.85 -3.76 -34.70
N LEU A 54 26.17 -3.94 -34.68
CA LEU A 54 27.01 -3.83 -35.86
C LEU A 54 27.85 -5.09 -36.02
N PRO A 55 28.21 -5.43 -37.27
CA PRO A 55 29.13 -6.55 -37.52
C PRO A 55 30.43 -6.30 -36.79
N LEU A 56 30.87 -7.27 -36.00
CA LEU A 56 32.11 -7.14 -35.23
C LEU A 56 33.26 -6.49 -36.01
N GLN A 57 33.30 -6.73 -37.31
CA GLN A 57 34.41 -6.32 -38.16
C GLN A 57 34.37 -4.82 -38.51
N GLN A 58 33.25 -4.19 -38.23
CA GLN A 58 33.04 -2.78 -38.55
C GLN A 58 33.45 -1.81 -37.42
N TYR A 59 33.59 -2.31 -36.20
CA TYR A 59 33.88 -1.44 -35.05
C TYR A 59 35.20 -0.63 -35.09
N PRO A 60 36.28 -1.19 -35.65
CA PRO A 60 37.52 -0.40 -35.65
C PRO A 60 37.41 0.89 -36.49
N SER A 61 36.50 0.91 -37.46
CA SER A 61 36.31 2.08 -38.29
C SER A 61 35.31 3.07 -37.69
N LEU A 62 34.79 2.74 -36.50
CA LEU A 62 33.81 3.60 -35.84
C LEU A 62 34.51 4.48 -34.83
N THR A 63 35.24 5.47 -35.34
CA THR A 63 36.05 6.33 -34.49
C THR A 63 35.45 7.72 -34.32
N ASP A 64 34.44 8.05 -35.12
CA ASP A 64 33.81 9.37 -35.01
C ASP A 64 32.51 9.34 -34.20
N PHE A 65 32.46 10.19 -33.18
CA PHE A 65 31.30 10.22 -32.29
C PHE A 65 30.00 10.50 -33.06
N GLY A 66 30.03 11.50 -33.94
CA GLY A 66 28.88 11.83 -34.78
C GLY A 66 28.37 10.70 -35.68
N ASP A 67 29.28 9.92 -36.25
CA ASP A 67 28.89 8.76 -37.02
C ASP A 67 28.15 7.79 -36.11
N ALA A 68 28.78 7.48 -34.98
CA ALA A 68 28.26 6.51 -34.02
C ALA A 68 26.89 6.92 -33.46
N ASN A 69 26.73 8.19 -33.14
CA ASN A 69 25.45 8.66 -32.60
C ASN A 69 24.36 8.59 -33.64
N GLU A 70 24.72 8.83 -34.90
CA GLU A 70 23.74 8.83 -35.98
C GLU A 70 23.20 7.43 -36.18
N ILE A 71 24.10 6.46 -36.23
CA ILE A 71 23.72 5.04 -36.27
C ILE A 71 22.85 4.66 -35.06
N PHE A 72 23.29 5.05 -33.86
CA PHE A 72 22.49 4.86 -32.67
C PHE A 72 21.04 5.27 -32.89
N ILE A 73 20.84 6.48 -33.39
CA ILE A 73 19.49 7.01 -33.55
C ILE A 73 18.65 6.11 -34.45
N GLU A 74 19.26 5.57 -35.50
CA GLU A 74 18.54 4.69 -36.42
C GLU A 74 18.26 3.30 -35.84
N LYS A 75 19.31 2.60 -35.43
CA LYS A 75 19.16 1.30 -34.81
C LYS A 75 18.29 1.38 -33.56
N ALA A 76 18.61 2.32 -32.67
CA ALA A 76 17.88 2.43 -31.42
C ALA A 76 16.38 2.43 -31.67
N VAL A 77 15.93 3.18 -32.67
CA VAL A 77 14.51 3.26 -32.98
C VAL A 77 13.95 1.94 -33.53
N ASP A 78 14.72 1.25 -34.37
CA ASP A 78 14.32 -0.06 -34.86
C ASP A 78 14.07 -1.05 -33.72
N LEU A 79 15.06 -1.16 -32.83
CA LEU A 79 15.00 -2.13 -31.74
C LEU A 79 13.90 -1.76 -30.76
N GLY A 80 13.77 -0.47 -30.46
CA GLY A 80 12.75 0.00 -29.54
C GLY A 80 11.35 -0.26 -30.06
N VAL A 81 11.17 -0.11 -31.37
CA VAL A 81 9.89 -0.41 -32.00
C VAL A 81 9.56 -1.90 -31.90
N GLU A 82 10.55 -2.73 -32.28
CA GLU A 82 10.41 -4.17 -32.17
C GLU A 82 9.98 -4.60 -30.75
N ALA A 83 10.65 -4.05 -29.73
CA ALA A 83 10.36 -4.40 -28.35
C ALA A 83 8.93 -4.02 -27.98
N LEU A 84 8.58 -2.76 -28.22
CA LEU A 84 7.24 -2.27 -27.90
C LEU A 84 6.15 -3.09 -28.59
N LEU A 85 6.34 -3.39 -29.87
CA LEU A 85 5.39 -4.20 -30.62
C LEU A 85 5.20 -5.56 -29.98
N GLY A 86 6.32 -6.16 -29.56
CA GLY A 86 6.31 -7.45 -28.88
C GLY A 86 5.60 -7.43 -27.54
N ALA A 87 5.91 -6.43 -26.73
CA ALA A 87 5.27 -6.31 -25.41
C ALA A 87 3.78 -6.05 -25.52
N LEU A 88 3.37 -5.35 -26.58
CA LEU A 88 1.96 -5.10 -26.86
C LEU A 88 1.25 -6.39 -27.28
N ASP A 89 1.97 -7.23 -28.02
CA ASP A 89 1.47 -8.54 -28.44
C ASP A 89 1.19 -9.39 -27.21
N ASP A 90 2.19 -9.44 -26.34
CA ASP A 90 2.07 -10.10 -25.05
C ASP A 90 0.88 -9.57 -24.22
N ALA A 91 0.64 -8.27 -24.27
CA ALA A 91 -0.50 -7.70 -23.56
C ALA A 91 -1.79 -7.78 -24.38
N ASN A 92 -1.69 -8.27 -25.62
CA ASN A 92 -2.83 -8.25 -26.54
C ASN A 92 -3.44 -6.85 -26.67
N LEU A 93 -2.60 -5.81 -26.68
CA LEU A 93 -3.06 -4.44 -26.84
C LEU A 93 -2.54 -3.82 -28.13
N ARG A 94 -3.00 -2.60 -28.43
CA ARG A 94 -2.63 -1.92 -29.66
C ARG A 94 -1.96 -0.56 -29.42
N PRO A 95 -1.14 -0.11 -30.38
CA PRO A 95 -0.47 1.19 -30.27
C PRO A 95 -1.45 2.33 -29.92
N SER A 96 -2.63 2.36 -30.54
CA SER A 96 -3.59 3.42 -30.26
C SER A 96 -4.04 3.49 -28.78
N ASP A 97 -3.85 2.39 -28.05
CA ASP A 97 -4.30 2.32 -26.65
C ASP A 97 -3.36 3.01 -25.67
N ILE A 98 -2.14 3.34 -26.11
CA ILE A 98 -1.13 3.94 -25.24
C ILE A 98 -1.38 5.42 -24.90
N ASP A 99 -1.45 5.73 -23.61
CA ASP A 99 -1.72 7.09 -23.15
C ASP A 99 -0.45 7.82 -22.71
N MET A 100 0.59 7.05 -22.41
CA MET A 100 1.84 7.58 -21.88
C MET A 100 2.96 6.65 -22.32
N ILE A 101 4.05 7.23 -22.80
CA ILE A 101 5.22 6.44 -23.18
C ILE A 101 6.45 7.05 -22.53
N ALA A 102 7.31 6.18 -22.02
CA ALA A 102 8.55 6.63 -21.41
C ALA A 102 9.68 5.92 -22.12
N THR A 103 10.79 6.61 -22.35
CA THR A 103 11.95 5.95 -22.92
C THR A 103 13.16 6.12 -22.03
N ALA A 104 13.99 5.09 -21.96
CA ALA A 104 15.24 5.18 -21.25
C ALA A 104 16.40 4.72 -22.12
N THR A 105 17.45 5.52 -22.10
CA THR A 105 18.71 5.15 -22.71
C THR A 105 19.76 6.00 -22.05
N VAL A 106 21.01 5.61 -22.18
CA VAL A 106 22.10 6.45 -21.72
C VAL A 106 23.24 6.37 -22.74
N THR A 107 22.98 5.66 -23.82
CA THR A 107 24.04 5.31 -24.76
C THR A 107 23.95 6.12 -26.05
N GLY A 108 23.01 7.06 -26.11
CA GLY A 108 22.84 7.91 -27.27
C GLY A 108 22.20 9.23 -26.93
N VAL A 109 22.40 10.22 -27.78
CA VAL A 109 21.80 11.53 -27.59
C VAL A 109 20.87 11.82 -28.77
N ALA A 110 19.59 11.98 -28.45
CA ALA A 110 18.58 12.21 -29.49
C ALA A 110 17.66 13.37 -29.16
N VAL A 111 17.57 14.33 -30.08
CA VAL A 111 16.59 15.40 -29.99
C VAL A 111 16.13 15.68 -31.43
N PRO A 112 14.86 15.36 -31.74
CA PRO A 112 13.85 14.82 -30.81
C PRO A 112 14.22 13.48 -30.18
N SER A 113 13.60 13.22 -29.03
CA SER A 113 13.83 12.05 -28.20
C SER A 113 13.36 10.75 -28.84
N LEU A 114 13.79 9.62 -28.28
CA LEU A 114 13.40 8.32 -28.82
C LEU A 114 11.89 8.10 -28.80
N ASP A 115 11.19 8.63 -27.80
CA ASP A 115 9.75 8.46 -27.74
C ASP A 115 9.01 9.16 -28.88
N ALA A 116 9.51 10.31 -29.31
CA ALA A 116 8.90 11.02 -30.43
C ALA A 116 9.03 10.23 -31.72
N ARG A 117 10.21 9.65 -31.92
CA ARG A 117 10.48 8.89 -33.13
C ARG A 117 9.74 7.56 -33.06
N ILE A 118 9.83 6.91 -31.90
CA ILE A 118 9.17 5.63 -31.71
C ILE A 118 7.67 5.79 -31.92
N ALA A 119 7.09 6.81 -31.30
CA ALA A 119 5.67 7.11 -31.43
C ALA A 119 5.30 7.48 -32.86
N GLY A 120 6.26 7.98 -33.63
CA GLY A 120 6.01 8.30 -35.01
C GLY A 120 5.92 7.04 -35.84
N ARG A 121 6.80 6.10 -35.58
CA ARG A 121 6.85 4.83 -36.31
C ARG A 121 5.65 3.92 -36.05
N LEU A 122 5.08 4.01 -34.85
CA LEU A 122 4.05 3.06 -34.41
C LEU A 122 2.63 3.57 -34.57
N GLY A 123 2.51 4.83 -34.98
CA GLY A 123 1.21 5.43 -35.16
C GLY A 123 0.49 5.63 -33.85
N LEU A 124 1.19 6.19 -32.85
CA LEU A 124 0.58 6.50 -31.57
C LEU A 124 -0.28 7.79 -31.61
N ARG A 125 -1.34 7.80 -30.80
CA ARG A 125 -2.20 8.97 -30.69
C ARG A 125 -1.38 10.23 -30.58
N PRO A 126 -1.72 11.25 -31.37
CA PRO A 126 -0.96 12.49 -31.34
C PRO A 126 -0.90 13.08 -29.94
N ASP A 127 -1.88 12.76 -29.09
CA ASP A 127 -1.93 13.33 -27.74
C ASP A 127 -1.25 12.51 -26.65
N VAL A 128 -0.55 11.44 -27.03
CA VAL A 128 0.13 10.59 -26.05
C VAL A 128 1.18 11.36 -25.23
N ARG A 129 1.23 11.10 -23.93
CA ARG A 129 2.17 11.78 -23.05
C ARG A 129 3.56 11.17 -23.16
N ARG A 130 4.57 12.02 -23.35
CA ARG A 130 5.95 11.56 -23.51
C ARG A 130 6.83 11.84 -22.29
N MET A 131 7.77 10.94 -22.07
CA MET A 131 8.68 11.02 -20.96
C MET A 131 10.02 10.38 -21.22
N PRO A 132 10.91 11.14 -21.82
CA PRO A 132 12.28 10.67 -22.11
C PRO A 132 13.18 10.87 -20.90
N LEU A 133 13.60 9.78 -20.27
CA LEU A 133 14.57 9.84 -19.20
C LEU A 133 15.96 9.61 -19.79
N PHE A 134 16.92 10.43 -19.40
CA PHE A 134 18.24 10.26 -19.98
C PHE A 134 19.36 10.00 -18.96
N GLY A 135 19.42 10.79 -17.91
CA GLY A 135 20.55 10.67 -16.99
C GLY A 135 20.64 9.43 -16.11
N LEU A 136 19.78 8.43 -16.32
CA LEU A 136 19.53 7.39 -15.33
C LEU A 136 20.43 6.18 -15.55
N GLY A 137 20.75 5.85 -16.76
CA GLY A 137 21.59 4.70 -17.07
C GLY A 137 21.06 3.35 -16.60
N SER A 138 21.91 2.65 -15.85
CA SER A 138 21.68 1.26 -15.47
C SER A 138 20.53 1.04 -14.51
N VAL A 139 20.03 2.11 -13.90
CA VAL A 139 18.97 2.03 -12.92
C VAL A 139 17.59 2.25 -13.55
N ALA A 140 17.58 2.72 -14.79
CA ALA A 140 16.35 3.14 -15.48
C ALA A 140 15.36 2.03 -15.83
N GLY A 141 15.78 0.77 -15.69
CA GLY A 141 14.90 -0.36 -15.94
C GLY A 141 13.90 -0.47 -14.80
N ALA A 142 14.40 -0.43 -13.57
CA ALA A 142 13.56 -0.46 -12.38
C ALA A 142 12.87 0.88 -12.16
N ALA A 143 13.66 1.96 -12.18
CA ALA A 143 13.13 3.31 -12.02
C ALA A 143 12.04 3.63 -13.03
N GLY A 144 12.16 3.08 -14.24
CA GLY A 144 11.17 3.28 -15.27
C GLY A 144 9.84 2.59 -14.99
N VAL A 145 9.91 1.34 -14.55
CA VAL A 145 8.72 0.63 -14.11
C VAL A 145 8.04 1.40 -12.97
N ALA A 146 8.85 1.97 -12.08
CA ALA A 146 8.36 2.73 -10.95
C ALA A 146 7.68 4.02 -11.38
N ARG A 147 8.17 4.62 -12.46
CA ARG A 147 7.57 5.84 -13.01
C ARG A 147 6.23 5.53 -13.67
N LEU A 148 6.13 4.35 -14.28
CA LEU A 148 4.87 3.84 -14.78
C LEU A 148 3.81 3.79 -13.67
N ARG A 149 4.20 3.26 -12.50
CA ARG A 149 3.25 3.14 -11.40
C ARG A 149 2.79 4.51 -10.95
N ASP A 150 3.74 5.44 -10.81
CA ASP A 150 3.45 6.80 -10.38
C ASP A 150 2.45 7.44 -11.32
N TYR A 151 2.65 7.23 -12.61
CA TYR A 151 1.70 7.75 -13.58
C TYR A 151 0.33 7.08 -13.44
N LEU A 152 0.31 5.75 -13.41
CA LEU A 152 -0.94 4.98 -13.46
C LEU A 152 -1.71 5.10 -12.16
N ARG A 153 -1.02 5.51 -11.12
CA ARG A 153 -1.62 5.73 -9.81
C ARG A 153 -2.63 6.88 -9.84
N GLY A 154 -2.41 7.84 -10.75
CA GLY A 154 -3.28 8.99 -10.89
C GLY A 154 -4.10 8.93 -12.15
N ALA A 155 -3.88 7.87 -12.94
CA ALA A 155 -4.58 7.66 -14.19
C ALA A 155 -4.98 6.19 -14.29
N PRO A 156 -5.90 5.77 -13.43
CA PRO A 156 -6.26 4.36 -13.18
C PRO A 156 -6.87 3.62 -14.39
N ASP A 157 -7.42 4.34 -15.35
CA ASP A 157 -8.00 3.74 -16.56
C ASP A 157 -7.03 3.69 -17.75
N ASP A 158 -5.80 4.15 -17.58
CA ASP A 158 -4.87 4.30 -18.71
C ASP A 158 -3.92 3.13 -18.96
N VAL A 159 -3.29 3.16 -20.13
CA VAL A 159 -2.21 2.24 -20.51
C VAL A 159 -0.90 3.02 -20.67
N ALA A 160 0.15 2.60 -19.96
CA ALA A 160 1.45 3.24 -20.06
C ALA A 160 2.54 2.23 -20.45
N VAL A 161 3.52 2.70 -21.21
CA VAL A 161 4.61 1.84 -21.62
C VAL A 161 5.98 2.44 -21.27
N LEU A 162 6.95 1.56 -21.02
CA LEU A 162 8.33 1.96 -20.88
C LEU A 162 9.12 1.23 -21.93
N VAL A 163 9.94 1.97 -22.66
CA VAL A 163 10.83 1.36 -23.64
C VAL A 163 12.30 1.68 -23.30
N SER A 164 13.12 0.65 -23.26
CA SER A 164 14.51 0.83 -22.88
C SER A 164 15.47 0.31 -23.96
N VAL A 165 16.16 1.23 -24.63
CA VAL A 165 17.12 0.83 -25.64
C VAL A 165 18.52 1.18 -25.20
N GLU A 166 19.40 0.21 -25.23
CA GLU A 166 20.77 0.44 -24.91
C GLU A 166 21.65 -0.20 -25.94
N LEU A 167 22.39 0.62 -26.65
CA LEU A 167 23.33 0.15 -27.64
C LEU A 167 24.73 0.55 -27.26
N CYS A 168 25.26 -0.17 -26.29
CA CYS A 168 26.53 0.10 -25.66
C CYS A 168 27.73 -0.02 -26.60
N SER A 169 27.66 -0.95 -27.55
CA SER A 169 28.73 -1.13 -28.53
C SER A 169 29.00 0.16 -29.34
N LEU A 170 27.96 0.99 -29.46
CA LEU A 170 28.06 2.20 -30.25
C LEU A 170 28.88 3.31 -29.58
N THR A 171 29.11 3.19 -28.28
CA THR A 171 29.91 4.19 -27.57
C THR A 171 31.40 4.00 -27.84
N TYR A 172 31.71 3.09 -28.76
CA TYR A 172 33.10 2.71 -29.02
C TYR A 172 34.09 3.85 -29.27
N PRO A 173 33.68 4.91 -30.00
CA PRO A 173 34.62 6.01 -30.25
C PRO A 173 35.34 6.52 -28.99
N ALA A 174 34.69 6.46 -27.85
CA ALA A 174 35.27 6.99 -26.62
C ALA A 174 36.12 5.98 -25.84
N VAL A 175 36.24 4.75 -26.35
CA VAL A 175 36.94 3.70 -25.61
C VAL A 175 38.45 3.86 -25.68
N LYS A 176 39.08 3.82 -24.51
CA LYS A 176 40.51 3.95 -24.38
C LYS A 176 41.04 2.73 -23.64
N PRO A 177 42.31 2.43 -23.80
CA PRO A 177 42.86 1.28 -23.10
C PRO A 177 43.10 1.60 -21.66
N THR A 178 42.10 2.14 -21.00
CA THR A 178 42.09 2.34 -19.56
C THR A 178 41.31 1.21 -18.86
N VAL A 179 41.59 0.98 -17.58
CA VAL A 179 41.01 -0.15 -16.88
C VAL A 179 39.49 -0.10 -16.84
N SER A 180 38.93 1.07 -16.59
CA SER A 180 37.49 1.17 -16.45
C SER A 180 36.77 1.03 -17.78
N SER A 181 37.41 1.48 -18.86
CA SER A 181 36.83 1.34 -20.19
C SER A 181 36.95 -0.06 -20.74
N LEU A 182 38.02 -0.75 -20.35
CA LEU A 182 38.21 -2.14 -20.75
C LEU A 182 37.24 -3.05 -20.00
N VAL A 183 36.92 -2.71 -18.76
CA VAL A 183 35.87 -3.42 -18.04
C VAL A 183 34.54 -3.28 -18.77
N GLY A 184 34.26 -2.08 -19.28
CA GLY A 184 33.03 -1.86 -20.02
C GLY A 184 33.04 -2.68 -21.29
N THR A 185 34.24 -2.93 -21.78
CA THR A 185 34.41 -3.66 -23.03
C THR A 185 34.24 -5.18 -22.84
N ALA A 186 34.34 -5.62 -21.59
CA ALA A 186 34.14 -7.03 -21.28
C ALA A 186 32.67 -7.33 -20.95
N LEU A 187 31.94 -6.34 -20.45
CA LEU A 187 30.60 -6.55 -19.90
C LEU A 187 29.43 -6.28 -20.83
N PHE A 188 29.46 -5.14 -21.52
CA PHE A 188 28.24 -4.58 -22.12
C PHE A 188 27.92 -5.08 -23.52
N GLY A 189 26.63 -5.30 -23.77
CA GLY A 189 26.16 -5.72 -25.08
C GLY A 189 25.06 -4.79 -25.55
N ASP A 190 24.39 -5.17 -26.63
CA ASP A 190 23.32 -4.37 -27.19
C ASP A 190 21.97 -5.08 -27.01
N GLY A 191 20.90 -4.29 -26.84
CA GLY A 191 19.57 -4.84 -26.75
C GLY A 191 18.52 -3.82 -26.40
N ALA A 192 17.26 -4.26 -26.38
CA ALA A 192 16.12 -3.41 -25.99
C ALA A 192 15.11 -4.24 -25.18
N ALA A 193 14.18 -3.53 -24.53
CA ALA A 193 13.12 -4.18 -23.77
C ALA A 193 11.99 -3.19 -23.59
N ALA A 194 10.77 -3.71 -23.41
CA ALA A 194 9.60 -2.88 -23.27
C ALA A 194 8.67 -3.47 -22.25
N VAL A 195 8.09 -2.62 -21.42
CA VAL A 195 7.02 -3.05 -20.51
C VAL A 195 5.73 -2.29 -20.79
N VAL A 196 4.66 -3.04 -21.04
CA VAL A 196 3.33 -2.47 -21.13
C VAL A 196 2.64 -2.67 -19.79
N ALA A 197 2.14 -1.59 -19.20
CA ALA A 197 1.47 -1.66 -17.90
C ALA A 197 0.13 -0.91 -17.91
N VAL A 198 -0.83 -1.37 -17.11
CA VAL A 198 -2.16 -0.75 -17.11
C VAL A 198 -2.58 -0.34 -15.70
N GLY A 199 -3.43 0.68 -15.60
CA GLY A 199 -3.98 1.10 -14.31
C GLY A 199 -4.89 0.07 -13.64
N ASP A 200 -5.08 0.21 -12.33
CA ASP A 200 -5.92 -0.71 -11.57
C ASP A 200 -7.29 -0.99 -12.20
N ARG A 201 -7.93 0.05 -12.74
CA ARG A 201 -9.26 -0.09 -13.31
C ARG A 201 -9.24 -0.70 -14.71
N ARG A 202 -8.09 -0.79 -15.33
CA ARG A 202 -8.04 -1.28 -16.67
C ARG A 202 -7.50 -2.70 -16.73
N ALA A 203 -6.95 -3.17 -15.63
CA ALA A 203 -6.37 -4.50 -15.56
C ALA A 203 -7.34 -5.61 -15.90
N GLU A 204 -8.49 -5.60 -15.27
CA GLU A 204 -9.42 -6.68 -15.38
C GLU A 204 -9.98 -6.84 -16.76
N GLN A 205 -10.17 -5.76 -17.45
CA GLN A 205 -10.75 -5.93 -18.72
C GLN A 205 -9.75 -5.87 -19.82
N VAL A 206 -8.52 -5.89 -19.50
CA VAL A 206 -7.54 -6.23 -20.52
C VAL A 206 -7.05 -7.66 -20.37
N ARG A 207 -7.44 -8.16 -19.18
CA ARG A 207 -6.90 -9.46 -18.73
C ARG A 207 -5.40 -9.35 -18.45
N ALA A 208 -5.00 -8.27 -17.80
CA ALA A 208 -3.59 -8.04 -17.49
C ALA A 208 -3.03 -9.24 -16.74
N GLY A 209 -2.04 -9.87 -17.33
CA GLY A 209 -1.43 -11.04 -16.74
C GLY A 209 -0.36 -10.69 -15.72
N GLY A 210 0.74 -10.11 -16.19
CA GLY A 210 1.93 -9.87 -15.37
C GLY A 210 1.62 -9.37 -13.97
N PRO A 211 2.67 -9.21 -13.15
CA PRO A 211 2.55 -8.95 -11.71
C PRO A 211 1.99 -7.57 -11.43
N ASP A 212 1.43 -7.38 -10.24
CA ASP A 212 1.06 -6.04 -9.79
C ASP A 212 2.37 -5.27 -9.54
N ILE A 213 2.30 -3.94 -9.68
CA ILE A 213 3.39 -3.10 -9.24
C ILE A 213 2.95 -2.42 -7.97
N LEU A 214 3.51 -2.82 -6.84
CA LEU A 214 3.02 -2.39 -5.54
C LEU A 214 3.63 -1.09 -5.02
N ASP A 215 4.92 -0.91 -5.23
CA ASP A 215 5.65 0.20 -4.61
C ASP A 215 7.08 0.25 -5.14
N SER A 216 7.78 1.33 -4.84
CA SER A 216 9.21 1.44 -5.16
C SER A 216 9.89 2.37 -4.16
N ARG A 217 11.21 2.31 -4.08
CA ARG A 217 11.96 3.28 -3.30
C ARG A 217 13.32 3.58 -3.92
N SER A 218 13.58 4.86 -4.17
CA SER A 218 14.86 5.31 -4.68
C SER A 218 15.80 5.55 -3.51
N SER A 219 17.08 5.28 -3.72
CA SER A 219 18.07 5.58 -2.70
C SER A 219 19.30 6.25 -3.31
N LEU A 220 19.43 7.55 -3.07
CA LEU A 220 20.54 8.34 -3.61
C LEU A 220 21.65 8.51 -2.57
N TYR A 221 22.81 7.93 -2.84
CA TYR A 221 23.95 7.99 -1.92
C TYR A 221 24.63 9.36 -1.93
N PRO A 222 24.94 9.91 -0.74
CA PRO A 222 25.70 11.18 -0.59
C PRO A 222 27.11 11.12 -1.17
N ASP A 223 27.51 12.17 -1.89
CA ASP A 223 28.89 12.33 -2.36
C ASP A 223 29.41 11.14 -3.18
N SER A 224 28.61 10.71 -4.16
CA SER A 224 28.98 9.52 -4.92
C SER A 224 28.85 9.71 -6.42
N LEU A 225 29.09 10.92 -6.91
CA LEU A 225 28.91 11.22 -8.34
C LEU A 225 29.92 10.47 -9.18
N HIS A 226 31.05 10.15 -8.58
CA HIS A 226 32.19 9.61 -9.29
C HIS A 226 32.12 8.11 -9.51
N ILE A 227 31.08 7.48 -8.98
CA ILE A 227 30.98 6.03 -9.02
C ILE A 227 30.62 5.55 -10.42
N MET A 228 29.65 6.23 -11.03
CA MET A 228 29.22 5.89 -12.38
C MET A 228 28.89 7.16 -13.14
N GLY A 229 29.35 7.24 -14.39
CA GLY A 229 29.02 8.39 -15.21
C GLY A 229 29.57 8.34 -16.62
N TRP A 230 29.28 9.38 -17.38
CA TRP A 230 29.86 9.60 -18.69
C TRP A 230 30.82 10.77 -18.60
N ASP A 231 32.07 10.58 -19.01
CA ASP A 231 32.87 11.74 -19.40
C ASP A 231 32.52 12.06 -20.85
N VAL A 232 31.84 13.18 -21.06
CA VAL A 232 31.35 13.56 -22.39
C VAL A 232 32.33 14.49 -23.07
N GLY A 233 32.56 14.27 -24.36
CA GLY A 233 33.45 15.12 -25.10
C GLY A 233 33.44 14.90 -26.59
N SER A 234 34.41 15.52 -27.26
CA SER A 234 34.63 15.36 -28.70
C SER A 234 34.62 13.89 -29.12
N HIS A 235 35.01 13.05 -28.19
CA HIS A 235 35.21 11.66 -28.42
C HIS A 235 33.90 10.92 -28.21
N GLY A 236 32.93 11.61 -27.65
CA GLY A 236 31.64 11.02 -27.33
C GLY A 236 31.48 10.72 -25.84
N LEU A 237 30.87 9.58 -25.54
CA LEU A 237 30.52 9.24 -24.19
C LEU A 237 31.50 8.22 -23.60
N ARG A 238 32.32 8.66 -22.65
CA ARG A 238 33.36 7.83 -22.08
C ARG A 238 33.02 7.42 -20.65
N LEU A 239 33.14 6.13 -20.36
CA LEU A 239 32.69 5.58 -19.09
C LEU A 239 33.56 5.94 -17.88
N ARG A 240 32.91 6.41 -16.82
CA ARG A 240 33.57 6.54 -15.53
C ARG A 240 33.07 5.41 -14.64
N LEU A 241 33.99 4.62 -14.12
CA LEU A 241 33.62 3.47 -13.31
C LEU A 241 34.63 3.32 -12.19
N SER A 242 34.24 3.74 -10.99
CA SER A 242 35.10 3.70 -9.82
C SER A 242 35.21 2.29 -9.24
N PRO A 243 36.35 1.97 -8.65
CA PRO A 243 36.54 0.66 -8.03
C PRO A 243 35.65 0.49 -6.79
N ASP A 244 35.38 1.59 -6.11
CA ASP A 244 34.63 1.58 -4.86
C ASP A 244 33.17 1.14 -4.99
N LEU A 245 32.72 0.89 -6.22
CA LEU A 245 31.33 0.52 -6.46
C LEU A 245 30.85 -0.66 -5.63
N THR A 246 31.60 -1.76 -5.62
CA THR A 246 31.14 -2.95 -4.90
C THR A 246 31.16 -2.71 -3.39
N ASN A 247 32.18 -2.00 -2.90
CA ASN A 247 32.26 -1.66 -1.49
C ASN A 247 31.05 -0.86 -1.05
N LEU A 248 30.57 0.04 -1.91
CA LEU A 248 29.38 0.82 -1.62
C LEU A 248 28.18 -0.08 -1.42
N ILE A 249 27.93 -0.96 -2.38
CA ILE A 249 26.82 -1.89 -2.29
C ILE A 249 26.92 -2.74 -1.02
N GLU A 250 28.12 -3.25 -0.77
CA GLU A 250 28.37 -4.10 0.40
C GLU A 250 28.02 -3.42 1.71
N ARG A 251 28.19 -2.11 1.75
CA ARG A 251 28.00 -1.35 2.97
C ARG A 251 26.61 -0.77 3.15
N TYR A 252 25.90 -0.49 2.05
CA TYR A 252 24.62 0.21 2.18
C TYR A 252 23.38 -0.49 1.61
N LEU A 253 23.57 -1.50 0.81
CA LEU A 253 22.48 -2.18 0.12
C LEU A 253 21.50 -2.79 1.12
N ALA A 254 21.94 -3.50 2.12
CA ALA A 254 21.04 -4.07 3.14
C ALA A 254 20.07 -3.05 3.70
N ASN A 255 20.59 -1.91 4.13
CA ASN A 255 19.76 -0.84 4.66
C ASN A 255 18.72 -0.33 3.64
N ASP A 256 19.12 -0.22 2.37
CA ASP A 256 18.17 0.14 1.32
C ASP A 256 17.04 -0.87 1.31
N VAL A 257 17.41 -2.14 1.33
CA VAL A 257 16.43 -3.21 1.29
C VAL A 257 15.57 -3.30 2.58
N THR A 258 16.20 -3.21 3.75
CA THR A 258 15.48 -3.34 5.02
C THR A 258 14.52 -2.19 5.28
N THR A 259 14.91 -1.00 4.84
CA THR A 259 14.10 0.18 5.07
C THR A 259 12.84 0.12 4.22
N PHE A 260 13.01 -0.41 3.01
CA PHE A 260 11.90 -0.49 2.09
C PHE A 260 10.92 -1.61 2.47
N LEU A 261 11.45 -2.77 2.83
CA LEU A 261 10.59 -3.90 3.19
C LEU A 261 9.92 -3.71 4.56
N ASP A 262 10.64 -3.11 5.51
CA ASP A 262 10.04 -2.79 6.81
C ASP A 262 8.75 -2.01 6.60
N ALA A 263 8.74 -1.20 5.55
CA ALA A 263 7.60 -0.33 5.30
C ALA A 263 6.39 -1.15 4.90
N HIS A 264 6.64 -2.35 4.40
CA HIS A 264 5.56 -3.27 4.03
C HIS A 264 5.45 -4.44 5.01
N ARG A 265 6.19 -4.34 6.12
CA ARG A 265 6.35 -5.42 7.10
C ARG A 265 6.79 -6.75 6.51
N LEU A 266 7.68 -6.70 5.52
CA LEU A 266 8.21 -7.93 4.92
C LEU A 266 9.68 -8.12 5.30
N THR A 267 10.14 -9.37 5.27
CA THR A 267 11.55 -9.69 5.46
C THR A 267 12.16 -10.15 4.13
N LYS A 268 13.49 -10.25 4.08
CA LYS A 268 14.15 -10.78 2.88
C LYS A 268 13.57 -12.15 2.52
N ASP A 269 13.14 -12.90 3.52
CA ASP A 269 12.62 -14.25 3.30
C ASP A 269 11.24 -14.26 2.63
N ASP A 270 10.52 -13.15 2.70
CA ASP A 270 9.19 -13.12 2.15
C ASP A 270 9.22 -12.92 0.64
N ILE A 271 10.41 -12.67 0.10
CA ILE A 271 10.55 -12.46 -1.32
C ILE A 271 10.52 -13.77 -2.09
N GLY A 272 9.53 -13.91 -2.96
CA GLY A 272 9.39 -15.11 -3.77
C GLY A 272 10.34 -15.16 -4.96
N ALA A 273 10.62 -14.01 -5.56
CA ALA A 273 11.53 -13.96 -6.71
C ALA A 273 12.39 -12.69 -6.68
N TRP A 274 13.70 -12.85 -6.87
CA TRP A 274 14.58 -11.69 -6.96
C TRP A 274 14.84 -11.33 -8.40
N VAL A 275 14.70 -10.05 -8.73
CA VAL A 275 14.93 -9.57 -10.08
C VAL A 275 16.00 -8.47 -10.01
N SER A 276 17.26 -8.88 -10.11
CA SER A 276 18.40 -8.00 -9.90
C SER A 276 19.09 -7.62 -11.22
N HIS A 277 19.64 -6.41 -11.26
CA HIS A 277 20.48 -5.96 -12.37
C HIS A 277 21.83 -6.68 -12.35
N PRO A 278 22.28 -7.14 -13.52
CA PRO A 278 23.53 -7.91 -13.65
C PRO A 278 24.72 -7.02 -13.95
N GLY A 279 25.12 -6.18 -12.99
CA GLY A 279 26.21 -5.24 -13.22
C GLY A 279 27.48 -5.96 -13.60
N GLY A 280 27.59 -7.21 -13.18
CA GLY A 280 28.78 -8.00 -13.45
C GLY A 280 29.06 -8.90 -12.29
N PRO A 281 30.03 -9.82 -12.46
CA PRO A 281 30.33 -10.81 -11.43
C PRO A 281 30.48 -10.17 -10.06
N LYS A 282 31.38 -9.20 -9.94
CA LYS A 282 31.68 -8.63 -8.64
C LYS A 282 30.49 -7.93 -8.00
N VAL A 283 29.62 -7.34 -8.82
CA VAL A 283 28.40 -6.66 -8.32
C VAL A 283 27.31 -7.65 -7.92
N ILE A 284 27.16 -8.72 -8.70
CA ILE A 284 26.20 -9.75 -8.35
C ILE A 284 26.60 -10.43 -7.05
N ASP A 285 27.90 -10.69 -6.90
CA ASP A 285 28.44 -11.25 -5.67
C ASP A 285 28.15 -10.33 -4.49
N ALA A 286 28.34 -9.03 -4.71
CA ALA A 286 28.13 -8.04 -3.65
C ALA A 286 26.68 -8.04 -3.17
N VAL A 287 25.74 -8.13 -4.09
CA VAL A 287 24.32 -8.16 -3.74
C VAL A 287 24.00 -9.40 -2.91
N ALA A 288 24.43 -10.56 -3.40
CA ALA A 288 24.20 -11.82 -2.70
C ALA A 288 24.80 -11.75 -1.30
N THR A 289 26.03 -11.26 -1.19
CA THR A 289 26.70 -11.18 0.10
C THR A 289 26.01 -10.23 1.06
N SER A 290 25.60 -9.07 0.55
CA SER A 290 24.91 -8.04 1.33
C SER A 290 23.59 -8.53 1.94
N LEU A 291 22.86 -9.30 1.17
CA LEU A 291 21.54 -9.71 1.58
C LEU A 291 21.54 -11.19 1.99
N ALA A 292 22.72 -11.79 2.00
CA ALA A 292 22.87 -13.17 2.45
C ALA A 292 21.90 -14.10 1.71
N LEU A 293 21.94 -14.04 0.39
CA LEU A 293 21.02 -14.81 -0.44
C LEU A 293 21.64 -16.11 -0.91
N PRO A 294 20.81 -17.16 -1.03
CA PRO A 294 21.23 -18.47 -1.52
C PRO A 294 21.60 -18.34 -2.98
N PRO A 295 22.52 -19.19 -3.44
CA PRO A 295 23.01 -19.18 -4.83
C PRO A 295 21.88 -19.17 -5.86
N GLU A 296 20.72 -19.70 -5.47
CA GLU A 296 19.59 -19.80 -6.39
C GLU A 296 18.76 -18.52 -6.50
N ALA A 297 18.97 -17.59 -5.58
CA ALA A 297 18.12 -16.40 -5.54
C ALA A 297 18.37 -15.53 -6.77
N LEU A 298 19.60 -15.50 -7.24
CA LEU A 298 20.00 -14.59 -8.29
C LEU A 298 20.46 -15.33 -9.53
N GLU A 299 19.93 -16.53 -9.74
CA GLU A 299 20.45 -17.38 -10.81
C GLU A 299 20.00 -16.94 -12.21
N LEU A 300 18.82 -16.33 -12.29
CA LEU A 300 18.30 -15.86 -13.57
C LEU A 300 19.04 -14.62 -14.05
N THR A 301 19.61 -13.86 -13.11
CA THR A 301 20.43 -12.73 -13.50
C THR A 301 21.82 -13.19 -13.94
N TRP A 302 22.38 -14.17 -13.22
CA TRP A 302 23.63 -14.80 -13.63
C TRP A 302 23.46 -15.36 -15.03
N ARG A 303 22.37 -16.07 -15.23
CA ARG A 303 22.06 -16.71 -16.50
C ARG A 303 21.98 -15.67 -17.62
N SER A 304 21.39 -14.52 -17.29
CA SER A 304 21.22 -13.42 -18.23
C SER A 304 22.57 -12.83 -18.58
N LEU A 305 23.34 -12.45 -17.55
CA LEU A 305 24.70 -11.96 -17.74
C LEU A 305 25.47 -12.85 -18.72
N GLY A 306 25.32 -14.16 -18.56
CA GLY A 306 26.06 -15.12 -19.36
C GLY A 306 25.63 -15.18 -20.82
N GLU A 307 24.34 -15.06 -21.06
CA GLU A 307 23.81 -15.29 -22.41
C GLU A 307 23.84 -14.05 -23.31
N ILE A 308 23.63 -12.87 -22.74
CA ILE A 308 23.58 -11.64 -23.52
C ILE A 308 24.40 -10.48 -22.96
N GLY A 309 25.17 -10.73 -21.90
CA GLY A 309 25.98 -9.69 -21.31
C GLY A 309 25.14 -8.71 -20.51
N ASN A 310 25.75 -7.56 -20.19
CA ASN A 310 25.13 -6.48 -19.43
C ASN A 310 24.54 -5.45 -20.39
N LEU A 311 23.22 -5.27 -20.35
CA LEU A 311 22.53 -4.43 -21.31
C LEU A 311 22.11 -3.09 -20.71
N SER A 312 22.89 -2.56 -19.79
CA SER A 312 22.51 -1.37 -19.11
C SER A 312 21.08 -1.55 -18.65
N SER A 313 20.26 -0.52 -18.78
CA SER A 313 18.90 -0.50 -18.23
C SER A 313 17.98 -1.61 -18.74
N ALA A 314 18.33 -2.21 -19.89
CA ALA A 314 17.45 -3.18 -20.51
C ALA A 314 17.56 -4.57 -19.86
N SER A 315 18.68 -4.83 -19.20
CA SER A 315 18.93 -6.14 -18.60
C SER A 315 17.93 -6.57 -17.53
N ILE A 316 17.57 -5.65 -16.63
CA ILE A 316 16.67 -6.00 -15.54
C ILE A 316 15.28 -6.37 -16.04
N LEU A 317 14.96 -5.95 -17.27
CA LEU A 317 13.65 -6.23 -17.86
C LEU A 317 13.65 -7.57 -18.62
N HIS A 318 14.78 -7.91 -19.26
CA HIS A 318 14.98 -9.24 -19.83
C HIS A 318 14.84 -10.28 -18.72
N ILE A 319 15.59 -10.10 -17.64
CA ILE A 319 15.51 -10.95 -16.46
C ILE A 319 14.11 -11.01 -15.86
N LEU A 320 13.45 -9.86 -15.75
CA LEU A 320 12.04 -9.82 -15.31
C LEU A 320 11.16 -10.71 -16.18
N ARG A 321 11.37 -10.68 -17.50
CA ARG A 321 10.59 -11.50 -18.40
C ARG A 321 10.88 -12.97 -18.13
N ASP A 322 12.16 -13.29 -17.92
CA ASP A 322 12.55 -14.66 -17.60
C ASP A 322 11.82 -15.14 -16.35
N THR A 323 11.71 -14.25 -15.37
CA THR A 323 11.14 -14.61 -14.08
C THR A 323 9.65 -14.87 -14.18
N ILE A 324 8.98 -14.06 -14.99
CA ILE A 324 7.56 -14.22 -15.26
C ILE A 324 7.27 -15.58 -15.91
N GLU A 325 8.09 -15.94 -16.89
CA GLU A 325 7.94 -17.20 -17.64
C GLU A 325 8.03 -18.42 -16.74
N LYS A 326 8.93 -18.39 -15.80
CA LYS A 326 9.10 -19.49 -14.89
C LYS A 326 8.17 -19.40 -13.71
N ARG A 327 7.08 -18.65 -13.89
CA ARG A 327 5.94 -18.59 -12.98
C ARG A 327 6.28 -18.78 -11.50
N PRO A 328 6.70 -17.69 -10.84
CA PRO A 328 6.94 -17.76 -9.39
C PRO A 328 5.64 -18.03 -8.63
N PRO A 329 5.75 -18.41 -7.34
CA PRO A 329 4.57 -18.77 -6.54
C PRO A 329 3.49 -17.69 -6.62
N SER A 330 2.28 -18.09 -6.99
CA SER A 330 1.19 -17.13 -7.15
C SER A 330 0.92 -16.41 -5.84
N GLY A 331 0.98 -15.08 -5.88
CA GLY A 331 0.68 -14.24 -4.73
C GLY A 331 1.88 -13.88 -3.87
N SER A 332 3.06 -14.37 -4.23
CA SER A 332 4.26 -14.06 -3.47
C SER A 332 4.88 -12.72 -3.91
N ALA A 333 5.75 -12.18 -3.07
CA ALA A 333 6.42 -10.91 -3.32
C ALA A 333 7.58 -11.05 -4.29
N GLY A 334 7.78 -10.04 -5.11
CA GLY A 334 8.94 -9.94 -5.98
C GLY A 334 9.67 -8.62 -5.81
N LEU A 335 11.00 -8.68 -5.83
CA LEU A 335 11.80 -7.48 -5.67
C LEU A 335 12.67 -7.19 -6.90
N MET A 336 12.51 -6.00 -7.47
CA MET A 336 13.43 -5.52 -8.48
C MET A 336 14.47 -4.67 -7.78
N LEU A 337 15.71 -4.83 -8.21
CA LEU A 337 16.84 -4.20 -7.56
C LEU A 337 17.81 -3.76 -8.64
N ALA A 338 17.97 -2.45 -8.83
CA ALA A 338 18.90 -1.91 -9.83
C ALA A 338 19.75 -0.80 -9.24
N MET A 339 20.81 -0.43 -9.97
CA MET A 339 21.71 0.62 -9.51
C MET A 339 22.33 1.31 -10.71
N GLY A 340 22.56 2.61 -10.60
CA GLY A 340 23.15 3.36 -11.69
C GLY A 340 23.71 4.69 -11.23
N PRO A 341 24.02 5.57 -12.21
CA PRO A 341 24.63 6.88 -11.96
C PRO A 341 23.84 7.69 -10.95
N GLY A 342 24.54 8.23 -9.95
CA GLY A 342 23.89 8.94 -8.86
C GLY A 342 24.88 9.34 -7.79
N PHE A 343 25.41 8.36 -7.06
CA PHE A 343 25.07 6.96 -7.21
C PHE A 343 23.76 6.66 -6.51
N CYS A 344 22.96 5.75 -7.09
CA CYS A 344 21.68 5.39 -6.49
C CYS A 344 21.32 3.94 -6.70
N THR A 345 20.39 3.47 -5.88
CA THR A 345 19.75 2.18 -6.13
C THR A 345 18.26 2.43 -6.20
N GLU A 346 17.55 1.56 -6.89
CA GLU A 346 16.10 1.62 -6.97
C GLU A 346 15.56 0.24 -6.66
N LEU A 347 14.49 0.20 -5.87
CA LEU A 347 13.83 -1.03 -5.48
C LEU A 347 12.36 -0.96 -5.91
N VAL A 348 11.86 -2.02 -6.53
CA VAL A 348 10.44 -2.09 -6.88
C VAL A 348 9.79 -3.34 -6.28
N LEU A 349 8.62 -3.18 -5.69
CA LEU A 349 7.91 -4.29 -5.09
C LEU A 349 6.85 -4.85 -6.03
N LEU A 350 6.95 -6.13 -6.32
CA LEU A 350 6.01 -6.82 -7.19
C LEU A 350 5.19 -7.88 -6.45
N ARG A 351 4.03 -8.21 -6.98
CA ARG A 351 3.31 -9.38 -6.51
C ARG A 351 2.97 -10.24 -7.71
N TRP A 352 3.50 -11.45 -7.74
CA TRP A 352 3.21 -12.39 -8.81
C TRP A 352 1.76 -12.87 -8.78
N ARG A 353 1.20 -13.10 -9.97
CA ARG A 353 -0.20 -13.50 -10.09
C ARG A 353 -0.33 -15.02 -10.22
N SER B 2 7.18 -12.26 15.17
CA SER B 2 6.39 -13.15 15.99
C SER B 2 7.16 -14.40 16.37
N VAL B 3 7.46 -14.53 17.64
CA VAL B 3 8.11 -15.72 18.17
C VAL B 3 7.43 -16.20 19.45
N ILE B 4 7.18 -17.49 19.55
CA ILE B 4 6.54 -18.05 20.73
C ILE B 4 7.56 -18.19 21.85
N ALA B 5 7.19 -17.69 23.03
CA ALA B 5 8.07 -17.77 24.18
C ALA B 5 7.51 -18.64 25.30
N GLY B 6 6.23 -19.02 25.20
CA GLY B 6 5.62 -19.84 26.23
C GLY B 6 4.29 -20.48 25.84
N VAL B 7 4.21 -21.81 26.02
CA VAL B 7 2.96 -22.54 25.84
C VAL B 7 2.69 -23.39 27.08
N PHE B 8 1.50 -23.28 27.65
CA PHE B 8 1.20 -23.99 28.89
C PHE B 8 -0.24 -24.49 28.92
N GLY B 9 -0.42 -25.77 29.22
CA GLY B 9 -1.76 -26.33 29.36
C GLY B 9 -2.18 -26.38 30.83
N ALA B 10 -3.45 -26.21 31.09
CA ALA B 10 -4.05 -26.36 32.39
C ALA B 10 -5.30 -27.20 32.30
N LEU B 11 -5.51 -28.05 33.29
CA LEU B 11 -6.63 -28.95 33.33
C LEU B 11 -7.27 -28.97 34.69
N PRO B 12 -8.53 -29.33 34.74
CA PRO B 12 -9.24 -29.38 36.00
C PRO B 12 -8.84 -30.60 36.78
N PRO B 13 -9.02 -30.58 38.09
CA PRO B 13 -8.42 -31.62 38.93
C PRO B 13 -9.07 -33.00 38.80
N HIS B 14 -10.40 -33.06 38.66
CA HIS B 14 -11.11 -34.33 38.53
C HIS B 14 -10.80 -35.01 37.20
N ARG B 15 -9.97 -36.05 37.21
CA ARG B 15 -9.80 -36.87 36.01
C ARG B 15 -10.54 -38.19 36.14
N TYR B 16 -11.28 -38.55 35.10
CA TYR B 16 -12.01 -39.82 35.07
C TYR B 16 -11.59 -40.67 33.88
N SER B 17 -11.50 -41.97 34.08
CA SER B 17 -11.27 -42.87 32.97
C SER B 17 -12.54 -42.84 32.11
N GLN B 18 -12.42 -43.23 30.85
CA GLN B 18 -13.58 -43.25 29.97
C GLN B 18 -14.62 -44.27 30.45
N SER B 19 -14.16 -45.38 31.01
CA SER B 19 -15.06 -46.42 31.51
C SER B 19 -15.86 -45.91 32.70
N GLU B 20 -15.20 -45.16 33.57
CA GLU B 20 -15.88 -44.56 34.72
C GLU B 20 -16.93 -43.59 34.20
N ILE B 21 -16.60 -42.86 33.15
CA ILE B 21 -17.51 -41.84 32.64
C ILE B 21 -18.71 -42.52 32.03
N THR B 22 -18.44 -43.45 31.11
CA THR B 22 -19.48 -44.15 30.39
C THR B 22 -20.42 -44.89 31.31
N ASP B 23 -19.86 -45.57 32.32
CA ASP B 23 -20.64 -46.34 33.29
C ASP B 23 -21.68 -45.46 34.00
N SER B 24 -21.25 -44.30 34.47
CA SER B 24 -22.12 -43.37 35.18
C SER B 24 -23.12 -42.75 34.22
N PHE B 25 -22.62 -42.34 33.06
CA PHE B 25 -23.42 -41.63 32.08
C PHE B 25 -24.68 -42.38 31.64
N VAL B 26 -24.56 -43.69 31.41
CA VAL B 26 -25.71 -44.47 30.97
C VAL B 26 -26.76 -44.59 32.06
N GLU B 27 -26.38 -44.29 33.28
CA GLU B 27 -27.35 -44.32 34.38
C GLU B 27 -28.01 -42.95 34.62
N PHE B 28 -27.57 -41.93 33.88
CA PHE B 28 -28.12 -40.58 34.02
C PHE B 28 -29.59 -40.55 33.61
N PRO B 29 -30.39 -39.69 34.25
CA PRO B 29 -31.82 -39.62 33.94
C PRO B 29 -32.05 -39.52 32.45
N GLY B 30 -32.90 -40.39 31.91
CA GLY B 30 -33.31 -40.31 30.52
C GLY B 30 -32.29 -40.89 29.55
N LEU B 31 -31.36 -41.66 30.03
CA LEU B 31 -30.32 -42.16 29.17
C LEU B 31 -30.21 -43.67 29.11
N LYS B 32 -30.79 -44.36 30.06
CA LYS B 32 -30.73 -45.82 30.09
C LYS B 32 -31.16 -46.51 28.79
N GLU B 33 -32.25 -46.05 28.19
CA GLU B 33 -32.70 -46.65 26.94
C GLU B 33 -31.64 -46.66 25.83
N HIS B 34 -30.65 -45.76 25.94
CA HIS B 34 -29.69 -45.57 24.86
C HIS B 34 -28.30 -46.09 25.17
N GLU B 35 -28.22 -46.96 26.17
CA GLU B 35 -26.96 -47.51 26.63
C GLU B 35 -26.11 -48.14 25.53
N GLU B 36 -26.76 -48.82 24.60
CA GLU B 36 -26.04 -49.55 23.56
C GLU B 36 -25.16 -48.65 22.71
N ILE B 37 -25.74 -47.56 22.22
CA ILE B 37 -25.02 -46.68 21.32
C ILE B 37 -24.07 -45.77 22.09
N ILE B 38 -24.39 -45.47 23.34
CA ILE B 38 -23.49 -44.66 24.15
C ILE B 38 -22.17 -45.40 24.37
N ARG B 39 -22.25 -46.66 24.79
CA ARG B 39 -21.07 -47.49 24.98
C ARG B 39 -20.31 -47.69 23.67
N ARG B 40 -21.06 -47.97 22.61
CA ARG B 40 -20.50 -48.12 21.28
C ARG B 40 -19.71 -46.85 20.89
N LEU B 41 -20.33 -45.69 21.06
CA LEU B 41 -19.71 -44.41 20.71
C LEU B 41 -18.55 -44.08 21.64
N HIS B 42 -18.74 -44.24 22.94
CA HIS B 42 -17.70 -43.91 23.91
C HIS B 42 -16.46 -44.76 23.72
N ALA B 43 -16.65 -46.01 23.35
CA ALA B 43 -15.53 -46.93 23.18
C ALA B 43 -14.80 -46.67 21.87
N ALA B 44 -15.49 -46.09 20.90
CA ALA B 44 -14.89 -45.80 19.58
C ALA B 44 -14.16 -44.45 19.52
N ALA B 45 -14.29 -43.66 20.58
CA ALA B 45 -13.73 -42.30 20.60
C ALA B 45 -12.21 -42.32 20.63
N LYS B 46 -11.65 -43.48 20.92
CA LYS B 46 -10.22 -43.57 21.20
C LYS B 46 -9.78 -42.53 22.25
N VAL B 47 -10.70 -42.24 23.17
CA VAL B 47 -10.43 -41.39 24.32
C VAL B 47 -10.46 -42.28 25.57
N ASN B 48 -9.40 -42.22 26.37
CA ASN B 48 -9.25 -43.12 27.51
C ASN B 48 -9.55 -42.45 28.84
N GLY B 49 -9.60 -41.13 28.82
CA GLY B 49 -9.80 -40.36 30.03
C GLY B 49 -10.03 -38.90 29.71
N ARG B 50 -10.68 -38.20 30.63
CA ARG B 50 -11.05 -36.81 30.45
C ARG B 50 -11.09 -36.16 31.81
N HIS B 51 -10.70 -34.90 31.89
CA HIS B 51 -10.88 -34.11 33.10
C HIS B 51 -12.22 -33.38 33.06
N LEU B 52 -12.92 -33.35 34.18
CA LEU B 52 -14.18 -32.63 34.22
C LEU B 52 -14.13 -31.57 35.32
N VAL B 53 -14.87 -30.50 35.08
CA VAL B 53 -14.82 -29.31 35.91
C VAL B 53 -15.66 -29.53 37.16
N LEU B 54 -16.72 -30.29 37.01
CA LEU B 54 -17.55 -30.70 38.14
C LEU B 54 -17.33 -32.17 38.49
N PRO B 55 -17.57 -32.56 39.71
CA PRO B 55 -17.58 -34.01 39.97
C PRO B 55 -18.54 -34.69 38.99
N LEU B 56 -18.13 -35.85 38.50
CA LEU B 56 -18.92 -36.63 37.54
C LEU B 56 -20.43 -36.74 37.87
N GLN B 57 -20.75 -36.95 39.15
CA GLN B 57 -22.14 -37.21 39.55
C GLN B 57 -22.99 -35.94 39.76
N GLN B 58 -22.40 -34.77 39.52
CA GLN B 58 -23.17 -33.54 39.66
C GLN B 58 -23.93 -33.15 38.36
N TYR B 59 -23.41 -33.59 37.23
CA TYR B 59 -23.99 -33.26 35.93
C TYR B 59 -25.49 -33.55 35.77
N PRO B 60 -26.00 -34.65 36.36
CA PRO B 60 -27.44 -34.87 36.22
C PRO B 60 -28.27 -33.71 36.77
N SER B 61 -27.72 -32.97 37.74
CA SER B 61 -28.40 -31.84 38.36
C SER B 61 -28.18 -30.54 37.57
N LEU B 62 -27.29 -30.60 36.59
CA LEU B 62 -26.95 -29.44 35.78
C LEU B 62 -27.90 -29.29 34.58
N THR B 63 -29.15 -28.94 34.84
CA THR B 63 -30.18 -28.88 33.80
C THR B 63 -30.55 -27.47 33.40
N ASP B 64 -29.92 -26.46 33.99
CA ASP B 64 -30.32 -25.09 33.74
C ASP B 64 -29.21 -24.28 33.09
N PHE B 65 -29.51 -23.75 31.92
CA PHE B 65 -28.53 -22.99 31.17
C PHE B 65 -27.98 -21.87 32.06
N GLY B 66 -28.86 -21.15 32.74
CA GLY B 66 -28.47 -20.10 33.65
C GLY B 66 -27.44 -20.56 34.67
N ASP B 67 -27.74 -21.66 35.35
CA ASP B 67 -26.84 -22.21 36.35
C ASP B 67 -25.50 -22.60 35.73
N ALA B 68 -25.56 -23.27 34.58
CA ALA B 68 -24.37 -23.81 33.95
C ALA B 68 -23.43 -22.72 33.44
N ASN B 69 -24.00 -21.66 32.87
CA ASN B 69 -23.20 -20.56 32.35
C ASN B 69 -22.50 -19.78 33.47
N GLU B 70 -23.21 -19.54 34.57
CA GLU B 70 -22.61 -18.93 35.76
C GLU B 70 -21.41 -19.71 36.26
N ILE B 71 -21.54 -21.04 36.29
CA ILE B 71 -20.42 -21.88 36.71
C ILE B 71 -19.29 -21.86 35.67
N PHE B 72 -19.65 -21.73 34.39
CA PHE B 72 -18.66 -21.60 33.33
C PHE B 72 -17.75 -20.41 33.60
N ILE B 73 -18.37 -19.27 33.91
CA ILE B 73 -17.64 -18.04 34.13
C ILE B 73 -16.69 -18.17 35.32
N GLU B 74 -17.17 -18.69 36.44
CA GLU B 74 -16.34 -18.90 37.61
C GLU B 74 -15.17 -19.80 37.30
N LYS B 75 -15.43 -20.91 36.60
CA LYS B 75 -14.39 -21.88 36.31
C LYS B 75 -13.47 -21.46 35.17
N ALA B 76 -14.01 -20.85 34.13
CA ALA B 76 -13.20 -20.46 32.98
C ALA B 76 -12.14 -19.46 33.43
N VAL B 77 -12.52 -18.53 34.29
CA VAL B 77 -11.55 -17.53 34.71
C VAL B 77 -10.36 -18.18 35.43
N ASP B 78 -10.64 -18.98 36.45
CA ASP B 78 -9.58 -19.65 37.20
C ASP B 78 -8.63 -20.45 36.32
N LEU B 79 -9.19 -21.25 35.42
CA LEU B 79 -8.39 -22.08 34.52
C LEU B 79 -7.59 -21.24 33.52
N GLY B 80 -8.18 -20.14 33.07
CA GLY B 80 -7.53 -19.26 32.12
C GLY B 80 -6.36 -18.58 32.78
N VAL B 81 -6.57 -18.20 34.04
CA VAL B 81 -5.54 -17.53 34.82
C VAL B 81 -4.37 -18.46 35.10
N GLU B 82 -4.68 -19.70 35.43
CA GLU B 82 -3.66 -20.71 35.69
C GLU B 82 -2.84 -20.99 34.42
N ALA B 83 -3.52 -21.29 33.33
CA ALA B 83 -2.86 -21.45 32.04
C ALA B 83 -1.97 -20.26 31.69
N LEU B 84 -2.51 -19.07 31.71
CA LEU B 84 -1.76 -17.88 31.35
C LEU B 84 -0.56 -17.60 32.26
N LEU B 85 -0.70 -17.89 33.55
CA LEU B 85 0.38 -17.75 34.52
C LEU B 85 1.49 -18.73 34.17
N GLY B 86 1.12 -19.95 33.82
CA GLY B 86 2.06 -20.96 33.38
C GLY B 86 2.86 -20.59 32.14
N ALA B 87 2.19 -20.09 31.10
CA ALA B 87 2.86 -19.72 29.85
C ALA B 87 3.79 -18.54 30.08
N LEU B 88 3.46 -17.68 31.01
CA LEU B 88 4.31 -16.56 31.32
C LEU B 88 5.59 -16.99 31.98
N ASP B 89 5.49 -17.86 32.95
CA ASP B 89 6.62 -18.38 33.67
C ASP B 89 7.48 -19.28 32.75
N ASP B 90 6.86 -19.99 31.82
CA ASP B 90 7.55 -20.71 30.79
C ASP B 90 8.35 -19.71 29.97
N ALA B 91 7.76 -18.55 29.72
CA ALA B 91 8.35 -17.45 28.96
C ALA B 91 9.25 -16.55 29.82
N ASN B 92 9.23 -16.77 31.13
CA ASN B 92 9.96 -15.93 32.06
C ASN B 92 9.57 -14.46 31.93
N LEU B 93 8.27 -14.23 31.80
CA LEU B 93 7.73 -12.88 31.72
C LEU B 93 6.66 -12.64 32.78
N ARG B 94 6.15 -11.41 32.85
CA ARG B 94 5.18 -11.04 33.87
C ARG B 94 3.91 -10.48 33.24
N PRO B 95 2.80 -10.56 33.97
CA PRO B 95 1.52 -9.97 33.57
C PRO B 95 1.71 -8.57 32.99
N SER B 96 2.42 -7.72 33.71
CA SER B 96 2.56 -6.32 33.31
C SER B 96 3.24 -6.14 31.96
N ASP B 97 3.88 -7.19 31.46
CA ASP B 97 4.58 -7.11 30.17
C ASP B 97 3.63 -7.31 29.01
N ILE B 98 2.47 -7.91 29.27
CA ILE B 98 1.52 -8.20 28.19
C ILE B 98 0.95 -6.92 27.56
N ASP B 99 1.01 -6.86 26.23
CA ASP B 99 0.52 -5.70 25.49
C ASP B 99 -0.87 -5.94 24.93
N MET B 100 -1.21 -7.21 24.74
CA MET B 100 -2.53 -7.55 24.24
C MET B 100 -2.92 -9.00 24.56
N ILE B 101 -4.17 -9.19 24.98
CA ILE B 101 -4.66 -10.50 25.33
C ILE B 101 -5.83 -10.85 24.41
N ALA B 102 -5.74 -12.03 23.81
CA ALA B 102 -6.83 -12.55 23.00
C ALA B 102 -7.34 -13.78 23.73
N THR B 103 -8.66 -13.94 23.76
CA THR B 103 -9.32 -15.03 24.45
C THR B 103 -10.19 -15.81 23.47
N ALA B 104 -10.18 -17.13 23.59
CA ALA B 104 -10.96 -17.98 22.69
C ALA B 104 -11.75 -19.01 23.47
N THR B 105 -13.07 -18.90 23.36
CA THR B 105 -13.96 -19.90 23.89
C THR B 105 -15.18 -19.98 22.99
N VAL B 106 -15.88 -21.11 23.05
CA VAL B 106 -17.13 -21.27 22.34
C VAL B 106 -18.12 -22.02 23.23
N THR B 107 -17.73 -22.29 24.46
CA THR B 107 -18.52 -23.13 25.35
C THR B 107 -19.18 -22.37 26.49
N GLY B 108 -19.12 -21.04 26.42
CA GLY B 108 -19.77 -20.18 27.40
C GLY B 108 -19.94 -18.77 26.88
N VAL B 109 -20.86 -18.01 27.50
CA VAL B 109 -21.23 -16.67 27.07
C VAL B 109 -20.97 -15.62 28.15
N ALA B 110 -19.88 -14.87 27.99
CA ALA B 110 -19.38 -13.98 29.05
C ALA B 110 -19.32 -12.49 28.65
N VAL B 111 -20.07 -11.65 29.36
CA VAL B 111 -20.01 -10.21 29.17
C VAL B 111 -20.22 -9.53 30.53
N PRO B 112 -19.15 -8.92 31.08
CA PRO B 112 -17.84 -8.71 30.43
C PRO B 112 -17.12 -10.00 30.04
N SER B 113 -16.36 -9.92 28.95
CA SER B 113 -15.68 -11.07 28.37
C SER B 113 -14.62 -11.69 29.28
N LEU B 114 -14.15 -12.87 28.89
CA LEU B 114 -13.11 -13.55 29.65
C LEU B 114 -11.82 -12.74 29.76
N ASP B 115 -11.44 -12.02 28.70
CA ASP B 115 -10.22 -11.22 28.76
C ASP B 115 -10.31 -10.08 29.78
N ALA B 116 -11.47 -9.46 29.89
CA ALA B 116 -11.67 -8.43 30.91
C ALA B 116 -11.40 -9.00 32.30
N ARG B 117 -11.99 -10.14 32.59
CA ARG B 117 -11.85 -10.82 33.88
C ARG B 117 -10.43 -11.32 34.16
N ILE B 118 -9.80 -11.92 33.16
CA ILE B 118 -8.43 -12.42 33.32
C ILE B 118 -7.47 -11.24 33.53
N ALA B 119 -7.63 -10.18 32.75
CA ALA B 119 -6.83 -8.98 32.96
C ALA B 119 -6.99 -8.45 34.38
N GLY B 120 -8.23 -8.43 34.86
CA GLY B 120 -8.53 -8.01 36.22
C GLY B 120 -7.85 -8.87 37.25
N ARG B 121 -7.89 -10.17 37.05
CA ARG B 121 -7.38 -11.14 38.01
C ARG B 121 -5.85 -11.19 38.11
N LEU B 122 -5.16 -10.95 36.99
CA LEU B 122 -3.70 -11.08 36.97
C LEU B 122 -2.98 -9.74 37.06
N GLY B 123 -3.73 -8.65 37.07
CA GLY B 123 -3.16 -7.34 37.21
C GLY B 123 -2.50 -6.84 35.94
N LEU B 124 -3.10 -7.14 34.80
CA LEU B 124 -2.62 -6.60 33.54
C LEU B 124 -2.77 -5.08 33.48
N ARG B 125 -1.96 -4.46 32.63
CA ARG B 125 -2.06 -3.03 32.34
C ARG B 125 -3.48 -2.63 31.95
N PRO B 126 -3.96 -1.49 32.48
CA PRO B 126 -5.29 -1.00 32.16
C PRO B 126 -5.46 -0.74 30.67
N ASP B 127 -4.34 -0.66 29.98
CA ASP B 127 -4.38 -0.24 28.58
C ASP B 127 -4.03 -1.41 27.67
N VAL B 128 -3.96 -2.62 28.28
CA VAL B 128 -3.76 -3.81 27.46
C VAL B 128 -4.85 -3.93 26.39
N ARG B 129 -4.51 -4.24 25.18
CA ARG B 129 -5.50 -4.41 24.12
C ARG B 129 -6.23 -5.74 24.27
N ARG B 130 -7.56 -5.70 24.34
CA ARG B 130 -8.35 -6.91 24.49
C ARG B 130 -8.96 -7.39 23.17
N MET B 131 -8.99 -8.71 22.98
CA MET B 131 -9.55 -9.31 21.78
C MET B 131 -10.34 -10.58 22.11
N PRO B 132 -11.58 -10.44 22.56
CA PRO B 132 -12.44 -11.59 22.88
C PRO B 132 -12.93 -12.29 21.63
N LEU B 133 -12.34 -13.43 21.31
CA LEU B 133 -12.74 -14.17 20.13
C LEU B 133 -13.84 -15.14 20.53
N PHE B 134 -14.97 -15.08 19.86
CA PHE B 134 -16.04 -16.01 20.18
C PHE B 134 -16.75 -16.56 18.95
N GLY B 135 -16.85 -17.88 18.86
CA GLY B 135 -17.58 -18.49 17.77
C GLY B 135 -16.74 -19.13 16.69
N LEU B 136 -15.44 -19.23 16.93
CA LEU B 136 -14.54 -19.91 16.02
C LEU B 136 -14.49 -21.41 16.31
N GLY B 137 -14.77 -21.79 17.56
CA GLY B 137 -14.79 -23.18 17.95
C GLY B 137 -13.44 -23.87 17.96
N SER B 138 -13.38 -25.04 17.34
CA SER B 138 -12.19 -25.88 17.35
C SER B 138 -11.06 -25.42 16.43
N VAL B 139 -11.26 -24.32 15.70
CA VAL B 139 -10.23 -23.82 14.82
C VAL B 139 -9.47 -22.73 15.53
N ALA B 140 -10.02 -22.29 16.67
CA ALA B 140 -9.56 -21.06 17.32
C ALA B 140 -8.16 -21.15 17.91
N GLY B 141 -7.69 -22.36 18.21
CA GLY B 141 -6.35 -22.52 18.75
C GLY B 141 -5.28 -22.18 17.74
N ALA B 142 -5.49 -22.60 16.49
CA ALA B 142 -4.56 -22.29 15.42
C ALA B 142 -4.79 -20.87 14.92
N ALA B 143 -6.07 -20.52 14.77
CA ALA B 143 -6.47 -19.18 14.35
C ALA B 143 -6.01 -18.08 15.32
N GLY B 144 -6.12 -18.34 16.62
CA GLY B 144 -5.68 -17.43 17.65
C GLY B 144 -4.18 -17.19 17.63
N VAL B 145 -3.41 -18.27 17.41
CA VAL B 145 -1.98 -18.14 17.23
C VAL B 145 -1.67 -17.25 16.01
N ALA B 146 -2.48 -17.39 14.96
CA ALA B 146 -2.29 -16.61 13.75
C ALA B 146 -2.64 -15.14 13.99
N ARG B 147 -3.63 -14.87 14.83
CA ARG B 147 -3.97 -13.48 15.20
C ARG B 147 -2.89 -12.84 16.08
N LEU B 148 -2.16 -13.67 16.82
CA LEU B 148 -0.99 -13.20 17.56
C LEU B 148 0.06 -12.66 16.61
N ARG B 149 0.30 -13.40 15.53
CA ARG B 149 1.28 -12.98 14.54
C ARG B 149 0.85 -11.68 13.86
N ASP B 150 -0.41 -11.62 13.45
CA ASP B 150 -0.94 -10.44 12.79
C ASP B 150 -0.72 -9.19 13.61
N TYR B 151 -0.90 -9.31 14.93
CA TYR B 151 -0.70 -8.16 15.81
C TYR B 151 0.79 -7.80 15.90
N LEU B 152 1.61 -8.78 16.28
CA LEU B 152 3.03 -8.56 16.57
C LEU B 152 3.89 -8.15 15.37
N ARG B 153 3.53 -8.56 14.17
CA ARG B 153 4.33 -8.15 13.01
C ARG B 153 4.19 -6.66 12.74
N GLY B 154 3.20 -6.04 13.38
CA GLY B 154 3.10 -4.59 13.41
C GLY B 154 3.58 -3.98 14.72
N ALA B 155 3.95 -4.84 15.66
CA ALA B 155 4.42 -4.37 16.96
C ALA B 155 5.57 -5.25 17.47
N PRO B 156 6.77 -5.08 16.88
CA PRO B 156 7.96 -5.92 17.04
C PRO B 156 8.59 -5.85 18.43
N ASP B 157 8.22 -4.87 19.24
CA ASP B 157 8.71 -4.87 20.63
C ASP B 157 7.65 -5.37 21.60
N ASP B 158 6.58 -5.97 21.09
CA ASP B 158 5.39 -6.27 21.92
C ASP B 158 5.25 -7.71 22.38
N VAL B 159 4.50 -7.87 23.46
CA VAL B 159 4.13 -9.17 23.98
C VAL B 159 2.63 -9.41 23.83
N ALA B 160 2.26 -10.47 23.12
CA ALA B 160 0.85 -10.80 22.93
C ALA B 160 0.58 -12.18 23.48
N VAL B 161 -0.57 -12.36 24.12
CA VAL B 161 -0.94 -13.66 24.66
C VAL B 161 -2.31 -14.13 24.17
N LEU B 162 -2.44 -15.46 24.05
CA LEU B 162 -3.71 -16.10 23.72
C LEU B 162 -4.08 -17.02 24.86
N VAL B 163 -5.31 -16.89 25.34
CA VAL B 163 -5.83 -17.82 26.33
C VAL B 163 -7.09 -18.50 25.78
N SER B 164 -7.03 -19.83 25.71
CA SER B 164 -8.17 -20.64 25.30
C SER B 164 -8.74 -21.41 26.49
N VAL B 165 -10.05 -21.30 26.69
CA VAL B 165 -10.72 -22.07 27.72
C VAL B 165 -11.95 -22.74 27.15
N GLU B 166 -11.97 -24.07 27.21
CA GLU B 166 -13.14 -24.82 26.79
C GLU B 166 -13.59 -25.75 27.91
N LEU B 167 -14.78 -25.52 28.39
CA LEU B 167 -15.43 -26.40 29.31
C LEU B 167 -16.65 -27.01 28.68
N CYS B 168 -16.41 -27.97 27.80
CA CYS B 168 -17.49 -28.58 27.03
C CYS B 168 -18.53 -29.27 27.90
N SER B 169 -18.12 -29.79 29.06
CA SER B 169 -19.06 -30.52 29.93
C SER B 169 -20.22 -29.67 30.44
N LEU B 170 -19.99 -28.37 30.53
CA LEU B 170 -21.00 -27.45 31.06
C LEU B 170 -22.15 -27.18 30.08
N THR B 171 -22.02 -27.66 28.85
CA THR B 171 -23.09 -27.49 27.88
C THR B 171 -24.14 -28.58 28.09
N TYR B 172 -23.89 -29.40 29.10
CA TYR B 172 -24.75 -30.54 29.41
C TYR B 172 -26.27 -30.24 29.43
N PRO B 173 -26.69 -29.07 29.92
CA PRO B 173 -28.13 -28.75 29.92
C PRO B 173 -28.79 -28.90 28.54
N ALA B 174 -28.03 -28.72 27.49
CA ALA B 174 -28.58 -28.79 26.14
C ALA B 174 -28.49 -30.19 25.56
N VAL B 175 -27.93 -31.13 26.31
CA VAL B 175 -27.75 -32.50 25.82
C VAL B 175 -29.02 -33.35 25.85
N LYS B 176 -29.22 -34.15 24.81
CA LYS B 176 -30.32 -35.10 24.73
C LYS B 176 -29.85 -36.31 23.98
N PRO B 177 -30.48 -37.44 24.18
CA PRO B 177 -30.05 -38.66 23.52
C PRO B 177 -30.23 -38.61 22.02
N THR B 178 -29.67 -37.60 21.40
CA THR B 178 -29.63 -37.35 19.96
C THR B 178 -28.26 -37.83 19.47
N VAL B 179 -28.18 -38.30 18.23
CA VAL B 179 -26.91 -38.87 17.79
C VAL B 179 -25.80 -37.84 17.81
N SER B 180 -26.10 -36.63 17.34
CA SER B 180 -25.11 -35.57 17.35
C SER B 180 -24.59 -35.30 18.75
N SER B 181 -25.50 -35.11 19.70
CA SER B 181 -25.13 -34.84 21.09
C SER B 181 -24.35 -35.99 21.71
N LEU B 182 -24.78 -37.22 21.42
CA LEU B 182 -24.15 -38.38 22.02
C LEU B 182 -22.69 -38.51 21.58
N VAL B 183 -22.42 -38.26 20.31
CA VAL B 183 -21.05 -38.23 19.82
C VAL B 183 -20.18 -37.26 20.62
N GLY B 184 -20.70 -36.06 20.89
CA GLY B 184 -20.00 -35.10 21.71
C GLY B 184 -19.73 -35.59 23.12
N THR B 185 -20.68 -36.35 23.70
CA THR B 185 -20.49 -36.91 25.05
C THR B 185 -19.38 -37.94 25.05
N ALA B 186 -19.01 -38.40 23.86
CA ALA B 186 -17.96 -39.39 23.72
C ALA B 186 -16.57 -38.75 23.68
N LEU B 187 -16.48 -37.49 23.17
CA LEU B 187 -15.20 -36.92 22.79
C LEU B 187 -14.83 -35.75 23.69
N PHE B 188 -15.70 -34.86 24.04
CA PHE B 188 -15.32 -33.59 24.64
C PHE B 188 -15.08 -33.60 26.16
N GLY B 189 -13.90 -33.13 26.56
CA GLY B 189 -13.56 -32.91 27.95
C GLY B 189 -13.28 -31.43 28.24
N ASP B 190 -12.73 -31.14 29.41
CA ASP B 190 -12.53 -29.76 29.85
C ASP B 190 -11.05 -29.40 29.96
N GLY B 191 -10.73 -28.11 29.83
CA GLY B 191 -9.36 -27.64 29.92
C GLY B 191 -9.05 -26.29 29.29
N ALA B 192 -7.82 -25.81 29.47
CA ALA B 192 -7.41 -24.52 28.93
C ALA B 192 -5.97 -24.55 28.47
N ALA B 193 -5.56 -23.51 27.75
CA ALA B 193 -4.17 -23.40 27.31
C ALA B 193 -3.83 -21.95 27.00
N ALA B 194 -2.57 -21.60 27.21
CA ALA B 194 -2.14 -20.24 26.92
C ALA B 194 -0.83 -20.21 26.11
N VAL B 195 -0.77 -19.27 25.16
CA VAL B 195 0.42 -19.03 24.37
C VAL B 195 0.90 -17.60 24.60
N VAL B 196 2.18 -17.46 24.91
CA VAL B 196 2.79 -16.16 25.04
C VAL B 196 3.79 -15.94 23.91
N ALA B 197 3.53 -14.95 23.06
CA ALA B 197 4.39 -14.71 21.92
C ALA B 197 5.01 -13.32 21.99
N VAL B 198 6.11 -13.17 21.27
CA VAL B 198 6.88 -11.96 21.34
C VAL B 198 7.18 -11.44 19.93
N GLY B 199 7.34 -10.13 19.80
CA GLY B 199 7.70 -9.52 18.53
C GLY B 199 9.16 -9.77 18.18
N ASP B 200 9.48 -9.67 16.89
CA ASP B 200 10.80 -9.97 16.34
C ASP B 200 11.93 -9.27 17.08
N ARG B 201 11.73 -7.99 17.37
CA ARG B 201 12.74 -7.19 18.05
C ARG B 201 12.81 -7.53 19.55
N ARG B 202 11.70 -7.98 20.11
CA ARG B 202 11.63 -8.34 21.52
C ARG B 202 12.16 -9.75 21.78
N ALA B 203 12.24 -10.56 20.74
CA ALA B 203 12.63 -11.96 20.87
C ALA B 203 14.03 -12.12 21.47
N GLU B 204 15.04 -11.59 20.79
CA GLU B 204 16.43 -11.78 21.18
C GLU B 204 16.82 -11.00 22.42
N GLN B 205 15.81 -10.49 23.13
CA GLN B 205 16.04 -9.72 24.34
C GLN B 205 15.46 -10.44 25.56
N VAL B 206 14.42 -11.24 25.34
CA VAL B 206 13.80 -12.04 26.38
C VAL B 206 14.18 -13.51 26.24
N ARG B 207 14.89 -13.80 25.17
CA ARG B 207 15.37 -15.14 24.87
C ARG B 207 14.27 -16.11 24.45
N ALA B 208 13.29 -15.61 23.70
CA ALA B 208 12.17 -16.44 23.27
C ALA B 208 12.66 -17.77 22.70
N GLY B 209 12.30 -18.85 23.39
CA GLY B 209 12.75 -20.17 22.99
C GLY B 209 11.88 -20.79 21.91
N GLY B 210 10.56 -20.66 22.07
CA GLY B 210 9.61 -21.37 21.24
C GLY B 210 9.77 -21.09 19.76
N PRO B 211 8.95 -21.76 18.93
CA PRO B 211 8.98 -21.68 17.47
C PRO B 211 8.64 -20.28 16.94
N ASP B 212 9.17 -19.95 15.76
CA ASP B 212 8.80 -18.71 15.07
C ASP B 212 7.45 -18.91 14.41
N ILE B 213 6.60 -17.90 14.46
CA ILE B 213 5.35 -17.95 13.72
C ILE B 213 5.57 -17.23 12.41
N LEU B 214 5.63 -17.98 11.31
CA LEU B 214 5.99 -17.42 10.02
C LEU B 214 4.80 -16.88 9.24
N ASP B 215 3.73 -17.67 9.16
CA ASP B 215 2.59 -17.29 8.35
C ASP B 215 1.40 -18.19 8.63
N SER B 216 0.24 -17.78 8.15
CA SER B 216 -0.97 -18.54 8.34
C SER B 216 -1.88 -18.41 7.14
N ARG B 217 -2.90 -19.27 7.06
CA ARG B 217 -3.89 -19.16 6.02
C ARG B 217 -5.22 -19.82 6.40
N SER B 218 -6.27 -19.00 6.40
CA SER B 218 -7.63 -19.46 6.61
C SER B 218 -8.22 -20.03 5.32
N SER B 219 -9.15 -20.97 5.46
CA SER B 219 -9.88 -21.51 4.32
C SER B 219 -11.35 -21.76 4.67
N LEU B 220 -12.21 -20.86 4.25
CA LEU B 220 -13.63 -20.97 4.53
C LEU B 220 -14.36 -21.63 3.35
N TYR B 221 -15.06 -22.73 3.65
CA TYR B 221 -15.72 -23.52 2.62
C TYR B 221 -17.13 -22.99 2.34
N PRO B 222 -17.47 -22.84 1.06
CA PRO B 222 -18.79 -22.33 0.65
C PRO B 222 -19.94 -23.20 1.16
N ASP B 223 -21.10 -22.58 1.41
CA ASP B 223 -22.33 -23.30 1.75
C ASP B 223 -22.11 -24.43 2.75
N SER B 224 -21.55 -24.06 3.89
CA SER B 224 -20.94 -25.01 4.79
C SER B 224 -21.36 -24.72 6.23
N LEU B 225 -22.27 -23.78 6.43
CA LEU B 225 -22.66 -23.35 7.77
C LEU B 225 -23.19 -24.49 8.62
N HIS B 226 -23.97 -25.37 8.00
CA HIS B 226 -24.62 -26.48 8.70
C HIS B 226 -23.64 -27.54 9.21
N ILE B 227 -22.40 -27.52 8.73
CA ILE B 227 -21.46 -28.59 9.08
C ILE B 227 -21.14 -28.68 10.59
N MET B 228 -20.86 -27.54 11.21
CA MET B 228 -20.48 -27.54 12.61
C MET B 228 -20.91 -26.26 13.34
N GLY B 229 -21.54 -26.37 14.51
CA GLY B 229 -21.92 -25.20 15.26
C GLY B 229 -22.78 -25.43 16.49
N TRP B 230 -23.39 -24.36 16.98
CA TRP B 230 -24.32 -24.43 18.08
C TRP B 230 -25.70 -24.17 17.58
N ASP B 231 -26.66 -24.89 18.12
CA ASP B 231 -28.05 -24.51 18.01
C ASP B 231 -28.39 -23.92 19.36
N VAL B 232 -28.52 -22.60 19.39
CA VAL B 232 -28.66 -21.88 20.64
C VAL B 232 -30.13 -21.66 21.00
N GLY B 233 -30.45 -21.81 22.28
CA GLY B 233 -31.80 -21.58 22.72
C GLY B 233 -31.92 -21.57 24.23
N SER B 234 -33.16 -21.69 24.71
CA SER B 234 -33.44 -21.64 26.14
C SER B 234 -32.73 -22.73 26.93
N HIS B 235 -32.28 -23.76 26.25
CA HIS B 235 -31.58 -24.84 26.93
C HIS B 235 -30.06 -24.66 26.90
N GLY B 236 -29.61 -23.65 26.18
CA GLY B 236 -28.19 -23.38 26.09
C GLY B 236 -27.62 -23.74 24.74
N LEU B 237 -26.44 -24.34 24.76
CA LEU B 237 -25.66 -24.58 23.55
C LEU B 237 -25.73 -26.04 23.10
N ARG B 238 -26.44 -26.30 22.01
CA ARG B 238 -26.65 -27.66 21.55
C ARG B 238 -25.78 -27.96 20.32
N LEU B 239 -24.98 -29.01 20.41
CA LEU B 239 -24.04 -29.32 19.35
C LEU B 239 -24.76 -29.56 18.04
N ARG B 240 -24.28 -28.94 16.98
CA ARG B 240 -24.67 -29.34 15.63
C ARG B 240 -23.45 -29.95 14.97
N LEU B 241 -23.59 -31.16 14.46
CA LEU B 241 -22.47 -31.88 13.88
C LEU B 241 -22.92 -32.77 12.72
N SER B 242 -22.57 -32.37 11.51
CA SER B 242 -22.99 -33.12 10.33
C SER B 242 -22.12 -34.34 10.05
N PRO B 243 -22.73 -35.44 9.62
CA PRO B 243 -22.03 -36.62 9.15
C PRO B 243 -21.09 -36.33 7.97
N ASP B 244 -21.31 -35.22 7.27
CA ASP B 244 -20.53 -34.90 6.08
C ASP B 244 -19.14 -34.33 6.38
N LEU B 245 -18.89 -34.01 7.64
CA LEU B 245 -17.65 -33.35 8.03
C LEU B 245 -16.44 -34.04 7.41
N THR B 246 -16.34 -35.35 7.61
CA THR B 246 -15.20 -36.14 7.12
C THR B 246 -15.00 -36.07 5.61
N ASN B 247 -16.11 -36.07 4.87
CA ASN B 247 -16.07 -35.96 3.40
C ASN B 247 -15.38 -34.68 2.96
N LEU B 248 -15.77 -33.57 3.58
CA LEU B 248 -15.21 -32.25 3.27
C LEU B 248 -13.70 -32.19 3.44
N ILE B 249 -13.20 -32.77 4.53
CA ILE B 249 -11.76 -32.77 4.79
C ILE B 249 -10.99 -33.56 3.73
N GLU B 250 -11.38 -34.80 3.51
CA GLU B 250 -10.65 -35.62 2.55
C GLU B 250 -11.07 -35.33 1.11
N ARG B 251 -11.85 -34.28 0.93
CA ARG B 251 -12.06 -33.75 -0.41
C ARG B 251 -11.25 -32.46 -0.67
N TYR B 252 -11.08 -31.59 0.32
CA TYR B 252 -10.41 -30.31 0.08
C TYR B 252 -9.18 -29.99 0.94
N LEU B 253 -8.87 -30.79 1.95
CA LEU B 253 -7.77 -30.44 2.83
C LEU B 253 -6.45 -30.41 2.08
N ALA B 254 -6.14 -31.45 1.33
CA ALA B 254 -4.89 -31.52 0.57
C ALA B 254 -4.67 -30.25 -0.26
N ASN B 255 -5.73 -29.77 -0.92
CA ASN B 255 -5.62 -28.55 -1.69
C ASN B 255 -5.35 -27.31 -0.84
N ASP B 256 -6.00 -27.21 0.30
CA ASP B 256 -5.73 -26.11 1.24
C ASP B 256 -4.25 -26.11 1.59
N VAL B 257 -3.72 -27.29 1.89
CA VAL B 257 -2.34 -27.41 2.34
C VAL B 257 -1.32 -27.15 1.23
N THR B 258 -1.60 -27.68 0.04
CA THR B 258 -0.79 -27.43 -1.15
C THR B 258 -0.70 -25.95 -1.49
N THR B 259 -1.84 -25.28 -1.52
CA THR B 259 -1.90 -23.85 -1.84
C THR B 259 -1.03 -23.05 -0.88
N PHE B 260 -1.12 -23.37 0.41
CA PHE B 260 -0.38 -22.66 1.44
C PHE B 260 1.14 -22.88 1.32
N LEU B 261 1.55 -24.14 1.24
CA LEU B 261 2.97 -24.45 1.16
C LEU B 261 3.61 -23.98 -0.15
N ASP B 262 2.85 -24.04 -1.24
CA ASP B 262 3.32 -23.57 -2.55
C ASP B 262 3.86 -22.14 -2.43
N ALA B 263 3.09 -21.30 -1.76
CA ALA B 263 3.42 -19.89 -1.61
C ALA B 263 4.72 -19.65 -0.88
N HIS B 264 5.27 -20.71 -0.28
CA HIS B 264 6.55 -20.62 0.43
C HIS B 264 7.59 -21.53 -0.19
N ARG B 265 7.27 -22.13 -1.34
CA ARG B 265 8.12 -23.12 -1.96
C ARG B 265 8.44 -24.29 -1.00
N LEU B 266 7.41 -24.84 -0.40
CA LEU B 266 7.58 -26.04 0.41
C LEU B 266 6.65 -27.12 -0.10
N THR B 267 6.87 -28.35 0.37
CA THR B 267 5.95 -29.46 0.16
C THR B 267 5.67 -30.09 1.52
N LYS B 268 4.75 -31.05 1.56
CA LYS B 268 4.47 -31.76 2.80
C LYS B 268 5.76 -32.33 3.35
N ASP B 269 6.66 -32.74 2.45
CA ASP B 269 7.85 -33.48 2.84
C ASP B 269 8.94 -32.62 3.47
N ASP B 270 8.69 -31.32 3.55
CA ASP B 270 9.62 -30.40 4.20
C ASP B 270 9.19 -30.20 5.65
N ILE B 271 7.94 -30.56 5.93
CA ILE B 271 7.39 -30.46 7.27
C ILE B 271 8.06 -31.45 8.20
N GLY B 272 8.74 -30.94 9.22
CA GLY B 272 9.39 -31.78 10.20
C GLY B 272 8.53 -32.14 11.40
N ALA B 273 7.31 -31.62 11.46
CA ALA B 273 6.42 -31.89 12.58
C ALA B 273 5.02 -31.40 12.31
N TRP B 274 4.04 -32.28 12.44
CA TRP B 274 2.64 -31.89 12.31
C TRP B 274 1.99 -31.71 13.66
N VAL B 275 1.21 -30.64 13.78
CA VAL B 275 0.55 -30.28 15.02
C VAL B 275 -0.92 -30.05 14.72
N SER B 276 -1.70 -31.13 14.61
CA SER B 276 -3.06 -30.98 14.14
C SER B 276 -4.09 -31.24 15.21
N HIS B 277 -5.26 -30.63 15.05
CA HIS B 277 -6.38 -30.75 15.97
C HIS B 277 -6.98 -32.17 15.99
N PRO B 278 -7.20 -32.73 17.19
CA PRO B 278 -7.73 -34.07 17.39
C PRO B 278 -9.25 -34.08 17.40
N GLY B 279 -9.88 -33.85 16.26
CA GLY B 279 -11.33 -33.77 16.23
C GLY B 279 -11.99 -35.06 16.71
N GLY B 280 -11.40 -36.18 16.32
CA GLY B 280 -11.90 -37.50 16.64
C GLY B 280 -11.24 -38.49 15.71
N PRO B 281 -11.42 -39.79 15.97
CA PRO B 281 -10.81 -40.82 15.13
C PRO B 281 -11.08 -40.59 13.64
N LYS B 282 -12.34 -40.45 13.25
CA LYS B 282 -12.67 -40.22 11.85
C LYS B 282 -11.91 -39.04 11.25
N VAL B 283 -11.89 -37.92 11.99
CA VAL B 283 -11.23 -36.72 11.54
C VAL B 283 -9.73 -36.91 11.37
N ILE B 284 -9.07 -37.45 12.39
CA ILE B 284 -7.64 -37.63 12.33
C ILE B 284 -7.24 -38.60 11.21
N ASP B 285 -8.07 -39.61 10.99
CA ASP B 285 -7.88 -40.55 9.87
C ASP B 285 -8.01 -39.84 8.53
N ALA B 286 -8.93 -38.88 8.44
CA ALA B 286 -9.19 -38.16 7.20
C ALA B 286 -7.99 -37.30 6.85
N VAL B 287 -7.40 -36.70 7.87
CA VAL B 287 -6.25 -35.83 7.70
C VAL B 287 -5.05 -36.63 7.22
N ALA B 288 -4.79 -37.77 7.87
CA ALA B 288 -3.68 -38.64 7.52
C ALA B 288 -3.90 -39.20 6.12
N THR B 289 -5.13 -39.63 5.87
CA THR B 289 -5.49 -40.20 4.59
C THR B 289 -5.33 -39.19 3.47
N SER B 290 -5.95 -38.02 3.66
CA SER B 290 -6.04 -37.02 2.60
C SER B 290 -4.70 -36.37 2.28
N LEU B 291 -3.84 -36.23 3.28
CA LEU B 291 -2.50 -35.67 3.08
C LEU B 291 -1.44 -36.76 2.85
N ALA B 292 -1.88 -38.02 2.77
CA ALA B 292 -0.98 -39.15 2.56
C ALA B 292 0.19 -39.15 3.55
N LEU B 293 -0.13 -39.18 4.83
CA LEU B 293 0.89 -39.06 5.86
C LEU B 293 1.35 -40.40 6.41
N PRO B 294 2.60 -40.46 6.89
CA PRO B 294 3.10 -41.57 7.69
C PRO B 294 2.34 -41.59 9.01
N PRO B 295 2.05 -42.79 9.54
CA PRO B 295 1.28 -42.95 10.78
C PRO B 295 1.89 -42.22 11.97
N GLU B 296 3.19 -41.93 11.90
CA GLU B 296 3.91 -41.33 13.02
C GLU B 296 3.82 -39.80 13.03
N ALA B 297 3.27 -39.23 11.98
CA ALA B 297 3.09 -37.79 11.87
C ALA B 297 2.09 -37.28 12.89
N LEU B 298 0.99 -38.00 13.07
CA LEU B 298 -0.10 -37.52 13.92
C LEU B 298 -0.08 -38.17 15.30
N GLU B 299 1.05 -38.77 15.67
CA GLU B 299 1.15 -39.56 16.90
C GLU B 299 0.82 -38.77 18.16
N LEU B 300 1.41 -37.59 18.29
CA LEU B 300 1.16 -36.76 19.47
C LEU B 300 -0.31 -36.34 19.55
N THR B 301 -0.94 -36.17 18.39
CA THR B 301 -2.37 -35.88 18.33
C THR B 301 -3.18 -37.05 18.89
N TRP B 302 -2.92 -38.27 18.40
CA TRP B 302 -3.56 -39.47 18.94
C TRP B 302 -3.30 -39.60 20.46
N ARG B 303 -2.09 -39.28 20.90
CA ARG B 303 -1.75 -39.38 22.33
C ARG B 303 -2.58 -38.44 23.19
N SER B 304 -2.69 -37.18 22.76
CA SER B 304 -3.46 -36.20 23.48
C SER B 304 -4.94 -36.57 23.51
N LEU B 305 -5.48 -36.93 22.34
CA LEU B 305 -6.88 -37.32 22.27
C LEU B 305 -7.15 -38.42 23.27
N GLY B 306 -6.26 -39.40 23.32
CA GLY B 306 -6.42 -40.54 24.21
C GLY B 306 -6.29 -40.15 25.66
N GLU B 307 -5.40 -39.19 25.93
CA GLU B 307 -5.05 -38.85 27.30
C GLU B 307 -6.05 -37.91 27.96
N ILE B 308 -6.53 -36.92 27.23
CA ILE B 308 -7.39 -35.90 27.83
C ILE B 308 -8.68 -35.63 27.05
N GLY B 309 -8.87 -36.34 25.93
CA GLY B 309 -10.02 -36.12 25.08
C GLY B 309 -9.90 -34.93 24.15
N ASN B 310 -11.03 -34.53 23.55
CA ASN B 310 -11.10 -33.37 22.68
C ASN B 310 -11.50 -32.10 23.47
N LEU B 311 -10.55 -31.19 23.61
CA LEU B 311 -10.72 -29.97 24.41
C LEU B 311 -11.14 -28.78 23.58
N SER B 312 -11.68 -29.01 22.40
CA SER B 312 -11.99 -27.96 21.49
C SER B 312 -10.76 -27.18 21.12
N SER B 313 -10.82 -25.88 21.26
CA SER B 313 -9.74 -25.04 20.75
C SER B 313 -8.42 -25.14 21.54
N ALA B 314 -8.50 -25.62 22.77
CA ALA B 314 -7.33 -25.77 23.61
C ALA B 314 -6.48 -27.00 23.25
N SER B 315 -7.08 -27.98 22.57
CA SER B 315 -6.39 -29.22 22.26
C SER B 315 -5.10 -29.02 21.45
N ILE B 316 -5.21 -28.26 20.35
CA ILE B 316 -4.08 -27.98 19.48
C ILE B 316 -2.90 -27.41 20.28
N LEU B 317 -3.22 -26.66 21.33
CA LEU B 317 -2.19 -25.98 22.12
C LEU B 317 -1.40 -26.95 23.02
N HIS B 318 -2.12 -27.88 23.65
CA HIS B 318 -1.53 -29.00 24.39
C HIS B 318 -0.61 -29.82 23.49
N ILE B 319 -1.03 -30.03 22.24
CA ILE B 319 -0.24 -30.80 21.29
C ILE B 319 0.96 -29.95 20.82
N LEU B 320 0.74 -28.66 20.68
CA LEU B 320 1.84 -27.74 20.45
C LEU B 320 2.90 -27.84 21.56
N ARG B 321 2.46 -27.77 22.82
CA ARG B 321 3.38 -27.91 23.95
C ARG B 321 4.17 -29.21 23.87
N ASP B 322 3.45 -30.31 23.65
CA ASP B 322 4.05 -31.64 23.61
C ASP B 322 5.07 -31.78 22.49
N THR B 323 4.74 -31.24 21.33
CA THR B 323 5.64 -31.23 20.19
C THR B 323 6.93 -30.48 20.50
N ILE B 324 6.78 -29.26 21.02
CA ILE B 324 7.92 -28.44 21.37
C ILE B 324 8.86 -29.23 22.27
N GLU B 325 8.31 -29.88 23.29
CA GLU B 325 9.12 -30.60 24.24
C GLU B 325 9.90 -31.76 23.63
N LYS B 326 9.41 -32.29 22.51
CA LYS B 326 10.09 -33.39 21.84
C LYS B 326 11.18 -32.84 20.92
N ARG B 327 11.26 -31.52 20.85
CA ARG B 327 12.23 -30.81 20.03
C ARG B 327 12.37 -31.32 18.62
N PRO B 328 11.59 -30.82 17.69
CA PRO B 328 11.76 -31.23 16.29
C PRO B 328 13.05 -30.65 15.72
N PRO B 329 13.58 -31.26 14.65
CA PRO B 329 14.82 -30.81 14.00
C PRO B 329 14.90 -29.28 13.88
N SER B 330 15.87 -28.69 14.58
CA SER B 330 16.09 -27.25 14.56
C SER B 330 16.09 -26.66 13.15
N GLY B 331 15.44 -25.51 12.99
CA GLY B 331 15.34 -24.87 11.70
C GLY B 331 14.31 -25.50 10.76
N SER B 332 13.73 -26.64 11.13
CA SER B 332 12.75 -27.28 10.26
C SER B 332 11.35 -26.67 10.38
N ALA B 333 10.59 -26.76 9.30
CA ALA B 333 9.23 -26.24 9.25
C ALA B 333 8.25 -27.08 10.06
N GLY B 334 7.31 -26.42 10.71
CA GLY B 334 6.21 -27.08 11.39
C GLY B 334 4.91 -26.54 10.86
N LEU B 335 3.86 -27.35 10.88
CA LEU B 335 2.55 -26.93 10.40
C LEU B 335 1.44 -27.24 11.40
N MET B 336 0.75 -26.20 11.87
CA MET B 336 -0.41 -26.37 12.73
C MET B 336 -1.63 -26.51 11.83
N LEU B 337 -2.62 -27.25 12.28
CA LEU B 337 -3.75 -27.56 11.42
C LEU B 337 -5.02 -27.76 12.24
N ALA B 338 -5.94 -26.79 12.19
CA ALA B 338 -7.22 -26.89 12.90
C ALA B 338 -8.41 -26.70 11.97
N MET B 339 -9.59 -27.10 12.44
CA MET B 339 -10.82 -26.99 11.68
C MET B 339 -12.00 -26.79 12.64
N GLY B 340 -12.90 -25.88 12.29
CA GLY B 340 -14.00 -25.56 13.18
C GLY B 340 -15.21 -25.03 12.43
N PRO B 341 -16.23 -24.56 13.17
CA PRO B 341 -17.42 -23.93 12.59
C PRO B 341 -17.06 -22.94 11.50
N GLY B 342 -17.80 -22.99 10.40
CA GLY B 342 -17.47 -22.24 9.21
C GLY B 342 -18.34 -22.64 8.02
N PHE B 343 -18.09 -23.81 7.45
CA PHE B 343 -17.00 -24.69 7.90
C PHE B 343 -15.63 -24.18 7.42
N CYS B 344 -14.60 -24.37 8.25
CA CYS B 344 -13.26 -23.89 7.88
C CYS B 344 -12.08 -24.67 8.43
N THR B 345 -10.92 -24.37 7.86
CA THR B 345 -9.63 -24.87 8.34
C THR B 345 -8.69 -23.68 8.45
N GLU B 346 -7.59 -23.86 9.17
CA GLU B 346 -6.61 -22.81 9.37
C GLU B 346 -5.27 -23.48 9.47
N LEU B 347 -4.27 -22.96 8.77
CA LEU B 347 -2.92 -23.49 8.82
C LEU B 347 -1.97 -22.42 9.36
N VAL B 348 -1.00 -22.84 10.15
CA VAL B 348 0.02 -21.93 10.66
C VAL B 348 1.41 -22.50 10.38
N LEU B 349 2.22 -21.76 9.64
CA LEU B 349 3.57 -22.20 9.32
C LEU B 349 4.53 -21.80 10.44
N LEU B 350 5.29 -22.78 10.93
CA LEU B 350 6.22 -22.52 12.04
C LEU B 350 7.63 -22.90 11.61
N ARG B 351 8.61 -22.44 12.40
CA ARG B 351 9.99 -22.87 12.25
C ARG B 351 10.55 -23.21 13.62
N TRP B 352 10.91 -24.47 13.83
CA TRP B 352 11.37 -24.91 15.14
C TRP B 352 12.74 -24.35 15.52
N ARG B 353 12.92 -24.10 16.81
CA ARG B 353 14.12 -23.43 17.30
C ARG B 353 15.22 -24.43 17.60
N SER C 2 -3.37 19.41 -7.88
CA SER C 2 -2.12 20.07 -8.29
C SER C 2 -2.25 21.59 -8.31
N VAL C 3 -1.53 22.25 -7.43
CA VAL C 3 -1.57 23.69 -7.32
C VAL C 3 -0.15 24.24 -7.31
N ILE C 4 0.11 25.24 -8.14
CA ILE C 4 1.42 25.88 -8.09
C ILE C 4 1.55 26.66 -6.78
N ALA C 5 2.72 26.66 -6.19
CA ALA C 5 2.96 27.35 -4.94
C ALA C 5 4.18 28.24 -4.96
N GLY C 6 5.01 28.07 -5.95
CA GLY C 6 6.23 28.83 -6.07
C GLY C 6 6.83 28.81 -7.44
N VAL C 7 7.12 29.97 -7.99
CA VAL C 7 7.76 30.06 -9.28
C VAL C 7 8.95 30.97 -9.12
N PHE C 8 9.96 30.79 -9.91
CA PHE C 8 11.14 31.63 -9.65
C PHE C 8 12.14 31.52 -10.79
N GLY C 9 12.61 32.68 -11.28
CA GLY C 9 13.59 32.74 -12.34
C GLY C 9 14.99 33.00 -11.80
N ALA C 10 15.99 32.38 -12.40
CA ALA C 10 17.38 32.60 -12.00
C ALA C 10 18.16 32.94 -13.24
N LEU C 11 18.97 33.98 -13.16
CA LEU C 11 19.73 34.42 -14.31
C LEU C 11 21.19 34.59 -14.01
N PRO C 12 22.02 34.39 -15.02
CA PRO C 12 23.45 34.68 -14.83
C PRO C 12 23.66 36.18 -14.68
N PRO C 13 24.64 36.58 -13.87
CA PRO C 13 24.97 37.98 -13.56
C PRO C 13 25.26 38.83 -14.81
N HIS C 14 26.10 38.34 -15.73
CA HIS C 14 26.43 39.10 -16.93
C HIS C 14 25.19 39.33 -17.80
N ARG C 15 24.59 40.52 -17.73
CA ARG C 15 23.68 40.92 -18.81
C ARG C 15 24.40 41.79 -19.85
N TYR C 16 24.11 41.55 -21.12
CA TYR C 16 24.66 42.38 -22.19
C TYR C 16 23.55 42.89 -23.07
N SER C 17 23.76 44.05 -23.68
CA SER C 17 22.85 44.56 -24.68
C SER C 17 22.94 43.69 -25.91
N GLN C 18 21.87 43.66 -26.70
CA GLN C 18 21.90 42.96 -27.97
C GLN C 18 23.02 43.52 -28.84
N SER C 19 23.19 44.85 -28.80
CA SER C 19 24.24 45.51 -29.60
C SER C 19 25.65 45.31 -29.03
N GLU C 20 25.79 45.33 -27.70
CA GLU C 20 27.07 44.95 -27.12
C GLU C 20 27.45 43.57 -27.64
N ILE C 21 26.45 42.69 -27.73
CA ILE C 21 26.67 41.31 -28.16
C ILE C 21 26.98 41.22 -29.65
N THR C 22 26.21 41.92 -30.47
CA THR C 22 26.45 41.91 -31.91
C THR C 22 27.83 42.46 -32.25
N ASP C 23 28.22 43.52 -31.55
CA ASP C 23 29.45 44.23 -31.86
C ASP C 23 30.70 43.40 -31.58
N SER C 24 30.69 42.65 -30.49
CA SER C 24 31.83 41.81 -30.16
C SER C 24 31.77 40.57 -31.04
N PHE C 25 30.56 40.13 -31.34
CA PHE C 25 30.34 38.88 -32.06
C PHE C 25 30.83 38.93 -33.52
N VAL C 26 30.56 40.03 -34.24
CA VAL C 26 31.04 40.15 -35.61
C VAL C 26 32.57 40.09 -35.65
N GLU C 27 33.21 40.45 -34.53
CA GLU C 27 34.66 40.46 -34.45
C GLU C 27 35.26 39.13 -34.00
N PHE C 28 34.38 38.17 -33.68
CA PHE C 28 34.80 36.83 -33.27
C PHE C 28 35.50 36.11 -34.42
N PRO C 29 36.38 35.15 -34.09
CA PRO C 29 37.15 34.41 -35.10
C PRO C 29 36.27 33.74 -36.14
N GLY C 30 36.49 34.05 -37.41
CA GLY C 30 35.78 33.41 -38.50
C GLY C 30 34.41 34.02 -38.81
N LEU C 31 34.09 35.12 -38.18
CA LEU C 31 32.76 35.71 -38.29
C LEU C 31 32.64 37.02 -39.04
N LYS C 32 33.71 37.80 -39.11
CA LYS C 32 33.69 39.13 -39.74
C LYS C 32 33.20 39.13 -41.18
N GLU C 33 33.48 38.06 -41.92
CA GLU C 33 33.02 37.98 -43.30
C GLU C 33 31.49 38.02 -43.39
N HIS C 34 30.81 37.72 -42.28
CA HIS C 34 29.35 37.56 -42.28
C HIS C 34 28.64 38.67 -41.51
N GLU C 35 29.36 39.72 -41.17
CA GLU C 35 28.79 40.81 -40.37
C GLU C 35 27.43 41.28 -40.84
N GLU C 36 27.21 41.33 -42.16
CA GLU C 36 25.96 41.88 -42.65
C GLU C 36 24.78 41.05 -42.15
N ILE C 37 24.78 39.75 -42.46
CA ILE C 37 23.69 38.87 -42.07
C ILE C 37 23.52 38.84 -40.53
N ILE C 38 24.64 38.82 -39.82
CA ILE C 38 24.60 38.79 -38.37
C ILE C 38 23.87 40.00 -37.82
N ARG C 39 24.28 41.20 -38.25
CA ARG C 39 23.65 42.42 -37.75
C ARG C 39 22.18 42.46 -38.12
N ARG C 40 21.86 41.96 -39.31
CA ARG C 40 20.49 41.92 -39.76
C ARG C 40 19.67 40.98 -38.88
N LEU C 41 20.18 39.76 -38.67
CA LEU C 41 19.50 38.78 -37.83
C LEU C 41 19.36 39.24 -36.37
N HIS C 42 20.45 39.72 -35.78
CA HIS C 42 20.46 40.18 -34.39
C HIS C 42 19.52 41.34 -34.12
N ALA C 43 19.29 42.18 -35.13
CA ALA C 43 18.42 43.33 -34.95
C ALA C 43 16.95 42.95 -35.09
N ALA C 44 16.68 41.94 -35.91
CA ALA C 44 15.32 41.55 -36.26
C ALA C 44 14.69 40.59 -35.26
N ALA C 45 15.45 40.25 -34.22
CA ALA C 45 15.08 39.23 -33.25
C ALA C 45 14.23 39.77 -32.12
N LYS C 46 14.18 41.08 -32.00
CA LYS C 46 13.41 41.74 -30.93
C LYS C 46 13.93 41.32 -29.56
N VAL C 47 15.22 40.99 -29.50
CA VAL C 47 15.91 40.80 -28.24
C VAL C 47 16.74 42.05 -27.99
N ASN C 48 16.62 42.64 -26.80
CA ASN C 48 17.32 43.87 -26.50
C ASN C 48 18.52 43.60 -25.60
N GLY C 49 18.49 42.45 -24.93
CA GLY C 49 19.55 42.05 -24.02
C GLY C 49 19.48 40.56 -23.69
N ARG C 50 20.60 40.01 -23.24
CA ARG C 50 20.65 38.61 -22.88
C ARG C 50 21.64 38.39 -21.74
N HIS C 51 21.35 37.43 -20.87
CA HIS C 51 22.29 37.07 -19.83
C HIS C 51 23.16 35.95 -20.35
N LEU C 52 24.45 36.03 -20.08
CA LEU C 52 25.37 34.99 -20.51
C LEU C 52 26.11 34.41 -19.31
N VAL C 53 26.32 33.10 -19.34
CA VAL C 53 26.92 32.42 -18.22
C VAL C 53 28.44 32.67 -18.16
N LEU C 54 29.04 32.95 -19.30
CA LEU C 54 30.44 33.34 -19.41
C LEU C 54 30.59 34.79 -19.84
N PRO C 55 31.70 35.44 -19.51
CA PRO C 55 31.96 36.80 -20.02
C PRO C 55 31.99 36.79 -21.55
N LEU C 56 31.25 37.72 -22.15
CA LEU C 56 31.16 37.80 -23.61
C LEU C 56 32.44 37.41 -24.34
N GLN C 57 33.56 37.97 -23.90
CA GLN C 57 34.81 37.83 -24.65
C GLN C 57 35.51 36.47 -24.46
N GLN C 58 34.92 35.58 -23.67
CA GLN C 58 35.51 34.25 -23.48
C GLN C 58 35.06 33.24 -24.54
N TYR C 59 33.90 33.46 -25.14
CA TYR C 59 33.35 32.55 -26.14
C TYR C 59 34.23 32.21 -27.35
N PRO C 60 35.02 33.19 -27.86
CA PRO C 60 35.90 32.87 -28.99
C PRO C 60 36.84 31.71 -28.69
N SER C 61 37.05 31.45 -27.40
CA SER C 61 37.97 30.39 -26.98
C SER C 61 37.24 29.12 -26.58
N LEU C 62 35.91 29.17 -26.62
CA LEU C 62 35.09 28.01 -26.28
C LEU C 62 34.87 27.16 -27.50
N THR C 63 35.90 26.41 -27.91
CA THR C 63 35.78 25.57 -29.11
C THR C 63 35.73 24.06 -28.85
N ASP C 64 36.02 23.63 -27.63
CA ASP C 64 36.00 22.22 -27.27
C ASP C 64 34.67 21.81 -26.63
N PHE C 65 33.96 20.90 -27.27
CA PHE C 65 32.67 20.45 -26.77
C PHE C 65 32.78 19.92 -25.34
N GLY C 66 33.88 19.23 -25.04
CA GLY C 66 34.16 18.73 -23.71
C GLY C 66 34.32 19.82 -22.66
N ASP C 67 35.03 20.90 -22.99
CA ASP C 67 35.20 22.02 -22.09
C ASP C 67 33.84 22.64 -21.83
N ALA C 68 33.09 22.84 -22.91
CA ALA C 68 31.76 23.43 -22.81
C ALA C 68 30.78 22.60 -21.99
N ASN C 69 30.78 21.28 -22.18
CA ASN C 69 29.87 20.42 -21.43
C ASN C 69 30.24 20.40 -19.95
N GLU C 70 31.54 20.30 -19.67
CA GLU C 70 32.02 20.41 -18.30
C GLU C 70 31.53 21.70 -17.66
N ILE C 71 31.81 22.83 -18.31
CA ILE C 71 31.34 24.12 -17.81
C ILE C 71 29.83 24.10 -17.62
N PHE C 72 29.13 23.52 -18.60
CA PHE C 72 27.69 23.40 -18.50
C PHE C 72 27.28 22.69 -17.20
N ILE C 73 27.97 21.62 -16.85
CA ILE C 73 27.61 20.90 -15.63
C ILE C 73 27.92 21.72 -14.38
N GLU C 74 29.10 22.33 -14.33
CA GLU C 74 29.45 23.20 -13.22
C GLU C 74 28.39 24.28 -13.00
N LYS C 75 28.00 24.96 -14.08
CA LYS C 75 27.15 26.15 -14.02
C LYS C 75 25.66 25.83 -13.93
N ALA C 76 25.23 24.77 -14.63
CA ALA C 76 23.82 24.42 -14.67
C ALA C 76 23.30 24.07 -13.28
N VAL C 77 24.14 23.43 -12.48
CA VAL C 77 23.73 23.03 -11.15
C VAL C 77 23.58 24.27 -10.29
N ASP C 78 24.62 25.11 -10.28
CA ASP C 78 24.60 26.42 -9.61
C ASP C 78 23.31 27.17 -9.89
N LEU C 79 23.02 27.41 -11.16
CA LEU C 79 21.80 28.10 -11.53
C LEU C 79 20.54 27.32 -11.15
N GLY C 80 20.61 26.00 -11.26
CA GLY C 80 19.48 25.15 -10.95
C GLY C 80 19.08 25.21 -9.49
N VAL C 81 20.06 25.15 -8.60
CA VAL C 81 19.73 25.15 -7.17
C VAL C 81 19.32 26.54 -6.72
N GLU C 82 19.79 27.57 -7.41
CA GLU C 82 19.37 28.95 -7.14
C GLU C 82 17.88 29.15 -7.44
N ALA C 83 17.45 28.68 -8.61
CA ALA C 83 16.05 28.76 -9.01
C ALA C 83 15.14 27.98 -8.06
N LEU C 84 15.48 26.72 -7.80
CA LEU C 84 14.68 25.86 -6.93
C LEU C 84 14.49 26.51 -5.56
N LEU C 85 15.60 26.89 -4.95
CA LEU C 85 15.58 27.54 -3.65
C LEU C 85 14.66 28.77 -3.64
N GLY C 86 14.71 29.57 -4.71
CA GLY C 86 13.89 30.75 -4.80
C GLY C 86 12.42 30.42 -4.88
N ALA C 87 12.09 29.32 -5.53
CA ALA C 87 10.71 28.91 -5.68
C ALA C 87 10.19 28.33 -4.37
N LEU C 88 11.04 27.55 -3.69
CA LEU C 88 10.68 26.98 -2.40
C LEU C 88 10.37 28.07 -1.38
N ASP C 89 11.28 29.06 -1.30
CA ASP C 89 11.07 30.22 -0.45
C ASP C 89 9.78 30.97 -0.80
N ASP C 90 9.54 31.09 -2.10
CA ASP C 90 8.29 31.64 -2.61
C ASP C 90 7.13 30.78 -2.10
N ALA C 91 7.35 29.47 -2.04
CA ALA C 91 6.28 28.56 -1.62
C ALA C 91 6.29 28.35 -0.11
N ASN C 92 7.24 28.97 0.59
CA ASN C 92 7.41 28.76 2.02
C ASN C 92 7.66 27.30 2.36
N LEU C 93 8.38 26.59 1.49
CA LEU C 93 8.68 25.18 1.71
C LEU C 93 10.19 24.95 1.82
N ARG C 94 10.59 23.83 2.43
CA ARG C 94 12.00 23.45 2.54
C ARG C 94 12.35 22.32 1.57
N PRO C 95 13.64 22.19 1.20
CA PRO C 95 14.07 21.14 0.28
C PRO C 95 13.68 19.72 0.71
N SER C 96 13.58 19.45 2.01
CA SER C 96 13.19 18.10 2.47
C SER C 96 11.72 17.77 2.20
N ASP C 97 10.90 18.80 1.93
CA ASP C 97 9.49 18.61 1.63
C ASP C 97 9.29 18.01 0.24
N ILE C 98 10.28 18.17 -0.63
CA ILE C 98 10.17 17.69 -2.01
C ILE C 98 10.07 16.17 -2.04
N ASP C 99 9.09 15.66 -2.80
CA ASP C 99 8.89 14.22 -2.93
C ASP C 99 9.33 13.72 -4.29
N MET C 100 9.19 14.55 -5.30
CA MET C 100 9.77 14.21 -6.60
C MET C 100 10.32 15.48 -7.26
N ILE C 101 11.47 15.35 -7.92
CA ILE C 101 12.06 16.47 -8.63
C ILE C 101 12.20 16.11 -10.09
N ALA C 102 11.64 16.94 -10.95
CA ALA C 102 11.83 16.76 -12.39
C ALA C 102 12.86 17.76 -12.88
N THR C 103 13.69 17.31 -13.81
CA THR C 103 14.72 18.14 -14.39
C THR C 103 14.49 18.22 -15.88
N ALA C 104 14.78 19.37 -16.49
CA ALA C 104 14.58 19.53 -17.93
C ALA C 104 15.67 20.39 -18.55
N THR C 105 16.36 19.82 -19.54
CA THR C 105 17.38 20.54 -20.28
C THR C 105 17.61 19.88 -21.63
N VAL C 106 18.03 20.67 -22.62
CA VAL C 106 18.39 20.15 -23.93
C VAL C 106 19.75 20.70 -24.32
N THR C 107 20.43 21.27 -23.34
CA THR C 107 21.53 22.17 -23.62
C THR C 107 22.86 21.66 -23.08
N GLY C 108 22.80 20.51 -22.42
CA GLY C 108 23.97 19.88 -21.85
C GLY C 108 23.72 18.40 -21.67
N VAL C 109 24.79 17.62 -21.51
CA VAL C 109 24.68 16.18 -21.32
C VAL C 109 25.30 15.81 -19.99
N ALA C 110 24.46 15.51 -19.00
CA ALA C 110 24.90 15.23 -17.63
C ALA C 110 24.46 13.85 -17.11
N VAL C 111 25.43 12.93 -16.99
CA VAL C 111 25.20 11.65 -16.33
C VAL C 111 26.30 11.43 -15.29
N PRO C 112 25.94 11.45 -13.99
CA PRO C 112 24.62 11.63 -13.39
C PRO C 112 23.95 12.96 -13.75
N SER C 113 22.64 12.93 -13.86
CA SER C 113 21.82 14.07 -14.26
C SER C 113 21.81 15.24 -13.27
N LEU C 114 21.13 16.31 -13.68
CA LEU C 114 21.05 17.54 -12.90
C LEU C 114 20.26 17.34 -11.62
N ASP C 115 19.17 16.59 -11.72
CA ASP C 115 18.30 16.37 -10.57
C ASP C 115 19.06 15.67 -9.45
N ALA C 116 19.84 14.64 -9.80
CA ALA C 116 20.73 14.01 -8.83
C ALA C 116 21.71 15.03 -8.23
N ARG C 117 22.33 15.84 -9.09
CA ARG C 117 23.32 16.83 -8.64
C ARG C 117 22.69 17.91 -7.79
N ILE C 118 21.55 18.42 -8.24
CA ILE C 118 20.77 19.40 -7.48
C ILE C 118 20.31 18.78 -6.14
N ALA C 119 19.79 17.56 -6.19
CA ALA C 119 19.31 16.91 -4.97
C ALA C 119 20.44 16.76 -3.95
N GLY C 120 21.62 16.41 -4.41
CA GLY C 120 22.76 16.26 -3.52
C GLY C 120 23.14 17.59 -2.89
N ARG C 121 22.99 18.65 -3.67
CA ARG C 121 23.37 20.00 -3.25
C ARG C 121 22.47 20.58 -2.16
N LEU C 122 21.16 20.52 -2.37
CA LEU C 122 20.22 21.19 -1.48
C LEU C 122 19.77 20.30 -0.31
N GLY C 123 20.18 19.05 -0.35
CA GLY C 123 19.83 18.10 0.70
C GLY C 123 18.44 17.48 0.59
N LEU C 124 18.00 17.19 -0.63
CA LEU C 124 16.73 16.49 -0.78
C LEU C 124 16.80 15.13 -0.10
N ARG C 125 15.64 14.58 0.24
CA ARG C 125 15.59 13.25 0.81
C ARG C 125 16.25 12.26 -0.15
N PRO C 126 17.05 11.34 0.38
CA PRO C 126 17.76 10.30 -0.37
C PRO C 126 16.81 9.47 -1.22
N ASP C 127 15.53 9.54 -0.86
CA ASP C 127 14.52 8.73 -1.53
C ASP C 127 13.60 9.58 -2.38
N VAL C 128 14.06 10.77 -2.74
CA VAL C 128 13.26 11.61 -3.63
C VAL C 128 13.11 10.98 -5.01
N ARG C 129 11.94 11.08 -5.60
CA ARG C 129 11.74 10.59 -6.95
C ARG C 129 12.41 11.53 -7.97
N ARG C 130 13.05 10.94 -8.97
CA ARG C 130 13.82 11.72 -9.93
C ARG C 130 13.33 11.51 -11.35
N MET C 131 13.15 12.59 -12.09
CA MET C 131 12.68 12.48 -13.45
C MET C 131 13.47 13.38 -14.39
N PRO C 132 14.56 12.85 -14.97
CA PRO C 132 15.48 13.60 -15.83
C PRO C 132 14.99 13.65 -17.28
N LEU C 133 14.34 14.75 -17.64
CA LEU C 133 13.79 14.92 -18.98
C LEU C 133 14.78 15.59 -19.93
N PHE C 134 15.20 14.86 -20.95
CA PHE C 134 16.09 15.43 -21.94
C PHE C 134 15.54 15.18 -23.34
N GLY C 135 15.54 16.22 -24.16
CA GLY C 135 15.13 16.06 -25.55
C GLY C 135 13.76 16.64 -25.84
N LEU C 136 13.19 17.30 -24.83
CA LEU C 136 11.91 17.99 -25.00
C LEU C 136 12.12 19.40 -25.54
N GLY C 137 13.35 19.89 -25.26
CA GLY C 137 13.80 21.19 -25.73
C GLY C 137 12.87 22.29 -25.28
N SER C 138 12.43 23.10 -26.24
CA SER C 138 11.66 24.30 -25.94
C SER C 138 10.23 24.04 -25.43
N VAL C 139 9.78 22.79 -25.44
CA VAL C 139 8.45 22.48 -24.95
C VAL C 139 8.49 22.04 -23.49
N ALA C 140 9.70 21.87 -22.95
CA ALA C 140 9.86 21.24 -21.63
C ALA C 140 9.32 22.06 -20.46
N GLY C 141 9.09 23.36 -20.67
CA GLY C 141 8.51 24.19 -19.64
C GLY C 141 7.04 23.90 -19.41
N ALA C 142 6.26 23.89 -20.49
CA ALA C 142 4.87 23.46 -20.43
C ALA C 142 4.76 21.99 -20.04
N ALA C 143 5.43 21.11 -20.80
CA ALA C 143 5.39 19.69 -20.55
C ALA C 143 5.76 19.31 -19.12
N GLY C 144 6.76 19.99 -18.56
CA GLY C 144 7.22 19.70 -17.22
C GLY C 144 6.15 20.02 -16.18
N VAL C 145 5.44 21.11 -16.42
CA VAL C 145 4.34 21.49 -15.54
C VAL C 145 3.23 20.45 -15.67
N ALA C 146 3.01 19.98 -16.90
CA ALA C 146 2.01 18.96 -17.16
C ALA C 146 2.33 17.64 -16.43
N ARG C 147 3.59 17.20 -16.47
CA ARG C 147 3.97 15.97 -15.76
C ARG C 147 3.92 16.14 -14.24
N LEU C 148 3.91 17.39 -13.77
CA LEU C 148 3.78 17.69 -12.34
C LEU C 148 2.36 17.42 -11.88
N ARG C 149 1.41 17.81 -12.74
CA ARG C 149 0.01 17.47 -12.50
C ARG C 149 -0.14 15.96 -12.54
N ASP C 150 0.43 15.33 -13.55
CA ASP C 150 0.33 13.88 -13.73
C ASP C 150 0.80 13.16 -12.48
N TYR C 151 1.86 13.68 -11.86
CA TYR C 151 2.39 13.05 -10.66
C TYR C 151 1.51 13.32 -9.43
N LEU C 152 1.07 14.58 -9.29
CA LEU C 152 0.35 15.02 -8.10
C LEU C 152 -1.10 14.57 -8.13
N ARG C 153 -1.60 14.34 -9.35
CA ARG C 153 -2.92 13.77 -9.57
C ARG C 153 -3.07 12.53 -8.69
N GLY C 154 -2.02 11.72 -8.64
CA GLY C 154 -2.01 10.51 -7.82
C GLY C 154 -1.22 10.61 -6.53
N ALA C 155 -1.01 11.82 -6.05
CA ALA C 155 -0.32 12.05 -4.78
C ALA C 155 -0.70 13.39 -4.13
N PRO C 156 -1.93 13.50 -3.69
CA PRO C 156 -2.51 14.77 -3.20
C PRO C 156 -1.86 15.33 -1.93
N ASP C 157 -0.90 14.61 -1.35
CA ASP C 157 -0.22 15.12 -0.17
C ASP C 157 1.19 15.53 -0.51
N ASP C 158 1.56 15.34 -1.77
CA ASP C 158 2.96 15.42 -2.14
C ASP C 158 3.37 16.80 -2.64
N VAL C 159 4.68 16.99 -2.72
CA VAL C 159 5.31 18.17 -3.28
C VAL C 159 6.17 17.69 -4.43
N ALA C 160 6.00 18.29 -5.61
CA ALA C 160 6.85 17.99 -6.75
C ALA C 160 7.38 19.25 -7.39
N VAL C 161 8.67 19.25 -7.72
CA VAL C 161 9.30 20.43 -8.30
C VAL C 161 9.78 20.19 -9.72
N LEU C 162 9.76 21.23 -10.55
CA LEU C 162 10.35 21.18 -11.89
C LEU C 162 11.46 22.22 -11.98
N VAL C 163 12.63 21.79 -12.39
CA VAL C 163 13.77 22.69 -12.52
C VAL C 163 14.29 22.74 -13.96
N SER C 164 14.04 23.85 -14.64
CA SER C 164 14.53 24.04 -16.01
C SER C 164 15.85 24.82 -16.02
N VAL C 165 16.82 24.36 -16.80
CA VAL C 165 18.04 25.12 -16.96
C VAL C 165 18.59 25.03 -18.38
N GLU C 166 18.66 26.18 -19.04
CA GLU C 166 19.19 26.23 -20.39
C GLU C 166 20.36 27.21 -20.50
N LEU C 167 21.52 26.71 -20.82
CA LEU C 167 22.63 27.57 -21.10
C LEU C 167 23.00 27.39 -22.56
N CYS C 168 22.19 27.97 -23.44
CA CYS C 168 22.36 27.91 -24.90
C CYS C 168 23.72 28.41 -25.38
N SER C 169 24.27 29.41 -24.71
CA SER C 169 25.52 30.00 -25.15
C SER C 169 26.67 28.99 -25.13
N LEU C 170 26.53 27.96 -24.30
CA LEU C 170 27.60 26.97 -24.14
C LEU C 170 27.66 25.96 -25.28
N THR C 171 26.72 25.99 -26.21
CA THR C 171 26.80 25.12 -27.37
C THR C 171 27.62 25.78 -28.48
N TYR C 172 28.30 26.87 -28.12
CA TYR C 172 29.09 27.66 -29.07
C TYR C 172 30.06 26.83 -29.91
N PRO C 173 30.75 25.86 -29.32
CA PRO C 173 31.66 25.01 -30.10
C PRO C 173 31.02 24.44 -31.37
N ALA C 174 29.71 24.23 -31.37
CA ALA C 174 29.03 23.68 -32.54
C ALA C 174 28.66 24.74 -33.57
N VAL C 175 28.83 26.01 -33.21
CA VAL C 175 28.33 27.10 -34.03
C VAL C 175 29.25 27.45 -35.18
N LYS C 176 28.64 27.66 -36.35
CA LYS C 176 29.33 28.07 -37.57
C LYS C 176 28.47 29.06 -38.33
N PRO C 177 29.07 29.91 -39.14
CA PRO C 177 28.31 30.90 -39.87
C PRO C 177 27.50 30.29 -40.99
N THR C 178 26.56 29.44 -40.62
CA THR C 178 25.52 28.95 -41.50
C THR C 178 24.22 29.58 -40.99
N VAL C 179 23.22 29.68 -41.81
CA VAL C 179 22.04 30.49 -41.52
C VAL C 179 21.39 30.05 -40.22
N SER C 180 20.81 28.88 -40.14
CA SER C 180 20.02 28.54 -38.94
C SER C 180 20.81 28.67 -37.63
N SER C 181 22.11 28.45 -37.70
CA SER C 181 22.96 28.61 -36.53
C SER C 181 23.16 30.09 -36.17
N LEU C 182 23.15 30.98 -37.16
CA LEU C 182 23.23 32.41 -36.88
C LEU C 182 21.92 32.94 -36.31
N VAL C 183 20.81 32.38 -36.78
CA VAL C 183 19.50 32.69 -36.23
C VAL C 183 19.50 32.39 -34.74
N GLY C 184 20.14 31.27 -34.38
CA GLY C 184 20.29 30.90 -32.98
C GLY C 184 21.05 31.94 -32.17
N THR C 185 22.25 32.32 -32.62
CA THR C 185 23.04 33.34 -31.95
C THR C 185 22.29 34.66 -31.79
N ALA C 186 21.21 34.84 -32.55
CA ALA C 186 20.43 36.07 -32.48
C ALA C 186 19.42 36.07 -31.36
N LEU C 187 18.96 34.89 -30.98
CA LEU C 187 17.78 34.78 -30.10
C LEU C 187 18.07 34.24 -28.71
N PHE C 188 18.90 33.20 -28.64
CA PHE C 188 19.00 32.39 -27.41
C PHE C 188 19.91 32.98 -26.33
N GLY C 189 19.45 32.87 -25.09
CA GLY C 189 20.22 33.36 -23.97
C GLY C 189 20.32 32.29 -22.91
N ASP C 190 20.96 32.62 -21.81
CA ASP C 190 21.10 31.68 -20.71
C ASP C 190 20.14 32.01 -19.57
N GLY C 191 19.75 30.97 -18.81
CA GLY C 191 18.92 31.17 -17.64
C GLY C 191 18.33 29.89 -17.08
N ALA C 192 17.58 30.02 -16.00
CA ALA C 192 16.94 28.89 -15.35
C ALA C 192 15.66 29.31 -14.67
N ALA C 193 14.79 28.34 -14.40
CA ALA C 193 13.57 28.56 -13.65
C ALA C 193 13.16 27.31 -12.86
N ALA C 194 12.30 27.48 -11.88
CA ALA C 194 11.80 26.36 -11.09
C ALA C 194 10.34 26.56 -10.68
N VAL C 195 9.55 25.50 -10.76
CA VAL C 195 8.17 25.51 -10.31
C VAL C 195 8.00 24.57 -9.13
N VAL C 196 7.39 25.06 -8.05
CA VAL C 196 7.06 24.21 -6.92
C VAL C 196 5.54 24.01 -6.87
N ALA C 197 5.11 22.75 -7.01
CA ALA C 197 3.69 22.42 -7.00
C ALA C 197 3.33 21.40 -5.91
N VAL C 198 2.09 21.44 -5.41
CA VAL C 198 1.66 20.47 -4.40
C VAL C 198 0.34 19.82 -4.79
N GLY C 199 0.02 18.72 -4.06
CA GLY C 199 -1.24 18.02 -4.26
C GLY C 199 -2.43 18.79 -3.72
N ASP C 200 -3.62 18.46 -4.20
CA ASP C 200 -4.83 19.15 -3.77
C ASP C 200 -4.93 19.25 -2.25
N ARG C 201 -4.73 18.14 -1.57
CA ARG C 201 -4.92 18.08 -0.13
C ARG C 201 -3.82 18.86 0.58
N ARG C 202 -2.61 18.77 0.02
CA ARG C 202 -1.47 19.47 0.58
C ARG C 202 -1.65 20.97 0.34
N ALA C 203 -2.41 21.32 -0.70
CA ALA C 203 -2.64 22.71 -1.07
C ALA C 203 -3.13 23.60 0.07
N GLU C 204 -4.18 23.18 0.75
CA GLU C 204 -4.73 23.99 1.84
C GLU C 204 -3.74 24.15 2.99
N GLN C 205 -3.08 23.06 3.37
CA GLN C 205 -2.10 23.09 4.47
C GLN C 205 -1.01 24.16 4.25
N VAL C 206 -0.28 24.05 3.14
CA VAL C 206 0.82 24.97 2.83
C VAL C 206 0.28 26.29 2.28
N ARG C 207 -1.03 26.34 2.07
CA ARG C 207 -1.70 27.50 1.47
C ARG C 207 -1.09 27.96 0.15
N ALA C 208 -0.93 27.01 -0.78
CA ALA C 208 -0.47 27.29 -2.14
C ALA C 208 -1.25 28.45 -2.76
N GLY C 209 -0.52 29.43 -3.28
CA GLY C 209 -1.14 30.63 -3.80
C GLY C 209 -1.16 30.69 -5.32
N GLY C 210 -0.23 29.96 -5.94
CA GLY C 210 -0.15 29.93 -7.40
C GLY C 210 -1.42 29.39 -8.01
N PRO C 211 -1.45 29.31 -9.35
CA PRO C 211 -2.60 28.83 -10.14
C PRO C 211 -2.82 27.31 -10.00
N ASP C 212 -4.08 26.88 -10.18
CA ASP C 212 -4.38 25.46 -10.28
C ASP C 212 -3.91 24.95 -11.63
N ILE C 213 -3.33 23.75 -11.64
CA ILE C 213 -3.01 23.08 -12.88
C ILE C 213 -4.16 22.13 -13.16
N LEU C 214 -4.89 22.38 -14.23
CA LEU C 214 -6.18 21.72 -14.40
C LEU C 214 -6.10 20.61 -15.44
N ASP C 215 -5.32 20.75 -16.45
CA ASP C 215 -5.30 19.79 -17.55
C ASP C 215 -4.18 20.11 -18.53
N SER C 216 -3.83 19.16 -19.38
CA SER C 216 -2.86 19.40 -20.45
C SER C 216 -3.12 18.54 -21.69
N ARG C 217 -2.62 18.97 -22.83
CA ARG C 217 -2.69 18.17 -24.04
C ARG C 217 -1.46 18.33 -24.94
N SER C 218 -0.78 17.22 -25.19
CA SER C 218 0.34 17.18 -26.11
C SER C 218 -0.22 17.14 -27.53
N SER C 219 0.59 17.52 -28.50
CA SER C 219 0.20 17.33 -29.88
C SER C 219 1.42 17.15 -30.77
N LEU C 220 1.76 15.88 -30.95
CA LEU C 220 2.88 15.53 -31.83
C LEU C 220 2.47 15.56 -33.29
N TYR C 221 3.17 16.32 -34.09
CA TYR C 221 2.91 16.46 -35.51
C TYR C 221 3.66 15.37 -36.25
N PRO C 222 3.01 14.75 -37.25
CA PRO C 222 3.60 13.63 -38.01
C PRO C 222 4.72 14.07 -38.96
N ASP C 223 5.71 13.20 -39.15
CA ASP C 223 6.76 13.44 -40.13
C ASP C 223 7.36 14.84 -40.01
N SER C 224 7.69 15.25 -38.80
CA SER C 224 8.16 16.61 -38.58
C SER C 224 9.34 16.63 -37.64
N LEU C 225 10.09 15.53 -37.64
CA LEU C 225 11.25 15.36 -36.77
C LEU C 225 12.38 16.31 -37.17
N HIS C 226 12.27 16.85 -38.37
CA HIS C 226 13.32 17.67 -38.98
C HIS C 226 13.09 19.16 -38.73
N ILE C 227 11.90 19.49 -38.24
CA ILE C 227 11.56 20.88 -37.96
C ILE C 227 12.55 21.51 -36.98
N MET C 228 12.76 20.87 -35.83
CA MET C 228 13.87 21.25 -34.97
C MET C 228 14.44 20.14 -34.09
N GLY C 229 15.69 20.33 -33.69
CA GLY C 229 16.42 19.41 -32.82
C GLY C 229 17.90 19.73 -32.88
N TRP C 230 18.74 18.78 -32.46
CA TRP C 230 20.18 18.89 -32.60
C TRP C 230 20.69 17.96 -33.69
N ASP C 231 21.85 18.30 -34.23
CA ASP C 231 22.67 17.34 -34.93
C ASP C 231 23.89 17.17 -34.07
N VAL C 232 23.91 16.07 -33.33
CA VAL C 232 24.93 15.82 -32.31
C VAL C 232 26.18 15.18 -32.93
N GLY C 233 27.33 15.76 -32.62
CA GLY C 233 28.58 15.25 -33.16
C GLY C 233 29.78 15.57 -32.29
N SER C 234 30.96 15.23 -32.81
CA SER C 234 32.23 15.54 -32.15
C SER C 234 32.30 16.99 -31.71
N HIS C 235 31.62 17.87 -32.44
CA HIS C 235 31.66 19.30 -32.13
C HIS C 235 30.53 19.76 -31.21
N GLY C 236 29.71 18.81 -30.79
CA GLY C 236 28.68 19.09 -29.80
C GLY C 236 27.28 19.15 -30.35
N LEU C 237 26.57 20.22 -30.03
CA LEU C 237 25.16 20.34 -30.35
C LEU C 237 24.89 21.43 -31.39
N ARG C 238 24.75 21.01 -32.64
CA ARG C 238 24.50 21.91 -33.76
C ARG C 238 22.99 22.03 -33.97
N LEU C 239 22.49 23.25 -33.98
CA LEU C 239 21.06 23.48 -34.09
C LEU C 239 20.53 23.11 -35.45
N ARG C 240 19.37 22.46 -35.46
CA ARG C 240 18.62 22.25 -36.68
C ARG C 240 17.31 23.03 -36.53
N LEU C 241 17.09 24.02 -37.39
CA LEU C 241 15.87 24.81 -37.35
C LEU C 241 15.32 25.02 -38.76
N SER C 242 14.18 24.41 -39.05
CA SER C 242 13.60 24.51 -40.37
C SER C 242 12.82 25.80 -40.50
N PRO C 243 12.82 26.38 -41.70
CA PRO C 243 12.00 27.55 -42.06
C PRO C 243 10.51 27.21 -42.02
N ASP C 244 10.16 25.95 -42.22
CA ASP C 244 8.76 25.53 -42.29
C ASP C 244 8.01 25.65 -40.96
N LEU C 245 8.72 25.91 -39.88
CA LEU C 245 8.21 25.88 -38.52
C LEU C 245 6.95 26.75 -38.38
N THR C 246 7.05 28.00 -38.77
CA THR C 246 5.94 28.94 -38.68
C THR C 246 4.72 28.48 -39.47
N ASN C 247 4.95 27.90 -40.63
CA ASN C 247 3.85 27.45 -41.48
C ASN C 247 3.04 26.32 -40.84
N LEU C 248 3.70 25.50 -40.03
CA LEU C 248 3.05 24.40 -39.31
C LEU C 248 2.22 24.93 -38.16
N ILE C 249 2.75 25.98 -37.51
CA ILE C 249 2.03 26.68 -36.46
C ILE C 249 0.74 27.24 -37.05
N GLU C 250 0.86 28.04 -38.09
CA GLU C 250 -0.29 28.66 -38.75
C GLU C 250 -1.30 27.63 -39.27
N ARG C 251 -0.81 26.47 -39.69
CA ARG C 251 -1.67 25.46 -40.24
C ARG C 251 -2.47 24.69 -39.18
N TYR C 252 -1.86 24.40 -38.04
CA TYR C 252 -2.45 23.42 -37.14
C TYR C 252 -2.63 23.85 -35.67
N LEU C 253 -2.22 25.07 -35.32
CA LEU C 253 -2.29 25.45 -33.91
C LEU C 253 -3.72 25.72 -33.45
N ALA C 254 -4.49 26.43 -34.27
CA ALA C 254 -5.87 26.76 -33.95
C ALA C 254 -6.67 25.51 -33.58
N ASN C 255 -6.45 24.45 -34.33
CA ASN C 255 -7.14 23.19 -34.05
C ASN C 255 -6.69 22.60 -32.70
N ASP C 256 -5.38 22.49 -32.50
CA ASP C 256 -4.83 22.03 -31.22
C ASP C 256 -5.56 22.65 -30.03
N VAL C 257 -5.88 23.93 -30.15
CA VAL C 257 -6.45 24.68 -29.04
C VAL C 257 -7.95 24.47 -28.94
N THR C 258 -8.59 24.36 -30.09
CA THR C 258 -10.03 24.18 -30.14
C THR C 258 -10.40 22.82 -29.56
N THR C 259 -9.74 21.76 -30.03
CA THR C 259 -10.01 20.43 -29.50
C THR C 259 -9.78 20.42 -27.98
N PHE C 260 -8.73 21.11 -27.51
CA PHE C 260 -8.41 21.17 -26.09
C PHE C 260 -9.40 21.98 -25.26
N LEU C 261 -9.75 23.17 -25.71
CA LEU C 261 -10.69 24.01 -24.95
C LEU C 261 -12.12 23.48 -24.94
N ASP C 262 -12.61 22.98 -26.08
CA ASP C 262 -13.96 22.41 -26.16
C ASP C 262 -14.22 21.45 -25.00
N ALA C 263 -13.25 20.57 -24.76
CA ALA C 263 -13.37 19.56 -23.71
C ALA C 263 -13.69 20.18 -22.36
N HIS C 264 -13.48 21.48 -22.22
CA HIS C 264 -13.85 22.17 -20.98
C HIS C 264 -14.98 23.17 -21.18
N ARG C 265 -15.66 23.08 -22.30
CA ARG C 265 -16.65 24.09 -22.69
C ARG C 265 -16.05 25.48 -22.58
N LEU C 266 -14.89 25.66 -23.19
CA LEU C 266 -14.24 26.97 -23.21
C LEU C 266 -13.94 27.46 -24.62
N THR C 267 -13.86 28.78 -24.75
CA THR C 267 -13.51 29.41 -26.00
C THR C 267 -12.25 30.24 -25.73
N LYS C 268 -11.51 30.58 -26.79
CA LYS C 268 -10.37 31.46 -26.62
C LYS C 268 -10.78 32.63 -25.74
N ASP C 269 -11.93 33.21 -26.06
CA ASP C 269 -12.40 34.41 -25.34
C ASP C 269 -12.56 34.17 -23.86
N ASP C 270 -12.66 32.90 -23.46
CA ASP C 270 -12.73 32.56 -22.05
C ASP C 270 -11.38 32.67 -21.35
N ILE C 271 -10.30 32.61 -22.13
CA ILE C 271 -8.97 32.64 -21.53
C ILE C 271 -8.61 34.02 -21.01
N GLY C 272 -8.34 34.11 -19.71
CA GLY C 272 -7.97 35.37 -19.07
C GLY C 272 -6.51 35.79 -19.19
N ALA C 273 -5.61 34.82 -19.31
CA ALA C 273 -4.19 35.13 -19.51
C ALA C 273 -3.51 34.07 -20.35
N TRP C 274 -2.75 34.52 -21.35
CA TRP C 274 -2.00 33.61 -22.20
C TRP C 274 -0.54 33.60 -21.76
N VAL C 275 0.02 32.41 -21.54
CA VAL C 275 1.44 32.31 -21.24
C VAL C 275 2.10 31.48 -22.32
N SER C 276 2.63 32.16 -23.34
CA SER C 276 3.13 31.49 -24.54
C SER C 276 4.65 31.50 -24.64
N HIS C 277 5.22 30.44 -25.20
CA HIS C 277 6.66 30.38 -25.43
C HIS C 277 7.05 31.38 -26.49
N PRO C 278 8.12 32.16 -26.22
CA PRO C 278 8.66 33.22 -27.07
C PRO C 278 9.66 32.65 -28.06
N GLY C 279 9.18 31.96 -29.09
CA GLY C 279 10.09 31.34 -30.03
C GLY C 279 11.02 32.37 -30.64
N GLY C 280 10.43 33.50 -30.96
CA GLY C 280 11.08 34.58 -31.66
C GLY C 280 9.95 35.34 -32.31
N PRO C 281 10.24 36.47 -32.96
CA PRO C 281 9.19 37.30 -33.56
C PRO C 281 8.26 36.53 -34.51
N LYS C 282 8.83 35.83 -35.48
CA LYS C 282 8.03 35.12 -36.49
C LYS C 282 7.10 34.13 -35.81
N VAL C 283 7.60 33.48 -34.77
CA VAL C 283 6.81 32.52 -34.03
C VAL C 283 5.68 33.19 -33.25
N ILE C 284 6.01 34.17 -32.42
CA ILE C 284 4.99 34.88 -31.66
C ILE C 284 3.86 35.38 -32.57
N ASP C 285 4.23 36.00 -33.69
CA ASP C 285 3.28 36.50 -34.66
C ASP C 285 2.35 35.39 -35.18
N ALA C 286 2.95 34.29 -35.62
CA ALA C 286 2.20 33.10 -36.06
C ALA C 286 1.17 32.63 -35.03
N VAL C 287 1.57 32.58 -33.77
CA VAL C 287 0.64 32.18 -32.72
C VAL C 287 -0.50 33.18 -32.68
N ALA C 288 -0.16 34.46 -32.54
CA ALA C 288 -1.15 35.55 -32.53
C ALA C 288 -2.07 35.48 -33.74
N THR C 289 -1.49 35.24 -34.90
CA THR C 289 -2.24 35.16 -36.15
C THR C 289 -3.15 33.92 -36.26
N SER C 290 -2.58 32.74 -36.04
CA SER C 290 -3.31 31.49 -36.25
C SER C 290 -4.54 31.45 -35.36
N LEU C 291 -4.36 31.77 -34.08
CA LEU C 291 -5.46 32.13 -33.20
C LEU C 291 -5.82 33.56 -33.61
N ALA C 292 -6.80 34.17 -32.97
CA ALA C 292 -7.09 35.55 -33.35
C ALA C 292 -6.90 36.44 -32.14
N LEU C 293 -5.64 36.66 -31.79
CA LEU C 293 -5.32 37.29 -30.51
C LEU C 293 -5.03 38.78 -30.69
N PRO C 294 -5.58 39.59 -29.77
CA PRO C 294 -5.24 41.02 -29.71
C PRO C 294 -3.78 41.15 -29.29
N PRO C 295 -3.13 42.26 -29.66
CA PRO C 295 -1.70 42.50 -29.40
C PRO C 295 -1.36 42.36 -27.93
N GLU C 296 -2.28 42.74 -27.05
CA GLU C 296 -1.97 42.71 -25.63
C GLU C 296 -1.86 41.28 -25.08
N ALA C 297 -2.50 40.33 -25.76
CA ALA C 297 -2.61 38.97 -25.22
C ALA C 297 -1.23 38.34 -24.99
N LEU C 298 -0.30 38.63 -25.91
CA LEU C 298 1.01 38.00 -25.83
C LEU C 298 2.08 39.01 -25.43
N GLU C 299 1.74 40.12 -24.82
CA GLU C 299 2.72 41.16 -24.54
C GLU C 299 3.78 40.76 -23.50
N LEU C 300 3.39 39.99 -22.50
CA LEU C 300 4.35 39.50 -21.51
C LEU C 300 5.39 38.61 -22.16
N THR C 301 4.98 37.90 -23.20
CA THR C 301 5.91 37.07 -23.94
C THR C 301 6.88 37.96 -24.70
N TRP C 302 6.34 38.99 -25.35
CA TRP C 302 7.14 39.94 -26.09
C TRP C 302 8.16 40.63 -25.18
N ARG C 303 7.71 41.03 -24.00
CA ARG C 303 8.61 41.69 -23.06
C ARG C 303 9.72 40.77 -22.59
N SER C 304 9.37 39.52 -22.31
CA SER C 304 10.38 38.57 -21.87
C SER C 304 11.42 38.33 -22.97
N LEU C 305 10.93 38.10 -24.20
CA LEU C 305 11.83 37.96 -25.34
C LEU C 305 12.79 39.12 -25.44
N GLY C 306 12.26 40.34 -25.29
CA GLY C 306 13.05 41.54 -25.44
C GLY C 306 14.04 41.71 -24.31
N GLU C 307 13.67 41.25 -23.13
CA GLU C 307 14.45 41.51 -21.91
C GLU C 307 15.58 40.51 -21.61
N ILE C 308 15.40 39.23 -21.95
CA ILE C 308 16.37 38.20 -21.59
C ILE C 308 16.61 37.16 -22.68
N GLY C 309 16.00 37.34 -23.84
CA GLY C 309 16.18 36.41 -24.94
C GLY C 309 15.28 35.18 -24.85
N ASN C 310 15.58 34.22 -25.73
CA ASN C 310 14.90 32.94 -25.77
C ASN C 310 15.66 31.93 -24.90
N LEU C 311 15.09 31.56 -23.76
CA LEU C 311 15.82 30.73 -22.80
C LEU C 311 15.47 29.25 -22.97
N SER C 312 14.96 28.90 -24.13
CA SER C 312 14.48 27.57 -24.41
C SER C 312 13.32 27.21 -23.50
N SER C 313 13.40 26.08 -22.84
CA SER C 313 12.35 25.68 -21.90
C SER C 313 12.08 26.62 -20.72
N ALA C 314 13.09 27.35 -20.23
CA ALA C 314 12.92 28.23 -19.07
C ALA C 314 12.04 29.47 -19.30
N SER C 315 11.91 29.91 -20.54
CA SER C 315 11.22 31.18 -20.85
C SER C 315 9.78 31.25 -20.35
N ILE C 316 8.97 30.26 -20.72
CA ILE C 316 7.56 30.26 -20.39
C ILE C 316 7.36 30.21 -18.88
N LEU C 317 8.39 29.79 -18.16
CA LEU C 317 8.32 29.78 -16.70
C LEU C 317 8.63 31.17 -16.14
N HIS C 318 9.53 31.89 -16.81
CA HIS C 318 9.76 33.30 -16.51
C HIS C 318 8.49 34.09 -16.77
N ILE C 319 7.91 33.84 -17.95
CA ILE C 319 6.67 34.50 -18.36
C ILE C 319 5.49 34.14 -17.47
N LEU C 320 5.46 32.90 -16.96
CA LEU C 320 4.49 32.50 -15.96
C LEU C 320 4.67 33.33 -14.70
N ARG C 321 5.91 33.42 -14.24
CA ARG C 321 6.24 34.24 -13.07
C ARG C 321 5.77 35.67 -13.26
N ASP C 322 6.02 36.22 -14.44
CA ASP C 322 5.58 37.60 -14.71
C ASP C 322 4.05 37.69 -14.65
N THR C 323 3.38 36.73 -15.28
CA THR C 323 1.92 36.70 -15.30
C THR C 323 1.31 36.59 -13.91
N ILE C 324 1.85 35.70 -13.09
CA ILE C 324 1.36 35.58 -11.72
C ILE C 324 1.40 36.94 -11.03
N GLU C 325 2.49 37.67 -11.22
CA GLU C 325 2.67 38.96 -10.57
C GLU C 325 1.66 40.00 -11.05
N LYS C 326 1.21 39.88 -12.30
CA LYS C 326 0.25 40.83 -12.87
C LYS C 326 -1.15 40.54 -12.32
N ARG C 327 -1.33 39.38 -11.71
CA ARG C 327 -2.61 38.98 -11.19
C ARG C 327 -3.74 39.14 -12.17
N PRO C 328 -4.05 38.08 -12.87
CA PRO C 328 -5.21 38.09 -13.78
C PRO C 328 -6.49 37.99 -12.95
N PRO C 329 -7.66 38.11 -13.59
CA PRO C 329 -8.94 37.99 -12.88
C PRO C 329 -8.99 36.74 -12.01
N SER C 330 -9.28 36.92 -10.73
CA SER C 330 -9.43 35.79 -9.82
C SER C 330 -10.48 34.80 -10.32
N GLY C 331 -10.08 33.54 -10.48
CA GLY C 331 -10.98 32.50 -10.94
C GLY C 331 -11.00 32.30 -12.44
N SER C 332 -10.28 33.15 -13.18
CA SER C 332 -10.24 33.04 -14.63
C SER C 332 -9.28 31.94 -15.10
N ALA C 333 -9.41 31.60 -16.38
CA ALA C 333 -8.61 30.55 -16.99
C ALA C 333 -7.23 31.07 -17.39
N GLY C 334 -6.23 30.19 -17.32
CA GLY C 334 -4.92 30.49 -17.88
C GLY C 334 -4.53 29.41 -18.88
N LEU C 335 -3.83 29.78 -19.92
CA LEU C 335 -3.41 28.80 -20.91
C LEU C 335 -1.92 28.93 -21.23
N MET C 336 -1.17 27.88 -20.97
CA MET C 336 0.23 27.81 -21.37
C MET C 336 0.31 27.19 -22.74
N LEU C 337 1.16 27.73 -23.61
CA LEU C 337 1.42 27.08 -24.88
C LEU C 337 2.89 27.13 -25.25
N ALA C 338 3.44 25.96 -25.55
CA ALA C 338 4.84 25.87 -25.96
C ALA C 338 4.95 24.97 -27.19
N MET C 339 6.11 25.01 -27.84
CA MET C 339 6.35 24.14 -28.97
C MET C 339 7.83 23.73 -28.96
N GLY C 340 8.14 22.58 -29.53
CA GLY C 340 9.53 22.13 -29.56
C GLY C 340 9.79 20.90 -30.39
N PRO C 341 11.01 20.41 -30.31
CA PRO C 341 11.45 19.27 -31.08
C PRO C 341 10.47 18.14 -31.03
N GLY C 342 10.09 17.62 -32.17
CA GLY C 342 9.07 16.60 -32.20
C GLY C 342 8.54 16.30 -33.55
N PHE C 343 7.84 17.21 -34.20
CA PHE C 343 7.51 18.52 -33.70
C PHE C 343 6.27 18.44 -32.87
N CYS C 344 6.18 19.26 -31.86
CA CYS C 344 5.03 19.14 -30.95
C CYS C 344 4.67 20.44 -30.25
N THR C 345 3.44 20.50 -29.76
CA THR C 345 3.00 21.58 -28.88
C THR C 345 2.45 20.99 -27.58
N GLU C 346 2.42 21.78 -26.52
CA GLU C 346 1.87 21.36 -25.24
C GLU C 346 1.00 22.49 -24.71
N LEU C 347 -0.25 22.21 -24.38
CA LEU C 347 -1.13 23.19 -23.78
C LEU C 347 -1.45 22.83 -22.33
N VAL C 348 -1.37 23.80 -21.45
CA VAL C 348 -1.72 23.55 -20.05
C VAL C 348 -2.78 24.53 -19.56
N LEU C 349 -3.92 24.01 -19.16
CA LEU C 349 -4.99 24.85 -18.63
C LEU C 349 -4.75 25.19 -17.15
N LEU C 350 -4.76 26.47 -16.82
CA LEU C 350 -4.60 26.92 -15.44
C LEU C 350 -5.84 27.65 -14.95
N ARG C 351 -5.95 27.82 -13.64
CA ARG C 351 -6.93 28.72 -13.08
C ARG C 351 -6.27 29.61 -12.04
N TRP C 352 -6.30 30.91 -12.28
CA TRP C 352 -5.64 31.85 -11.39
C TRP C 352 -6.46 32.03 -10.13
N ARG C 353 -5.83 32.62 -9.12
CA ARG C 353 -6.53 32.87 -7.87
C ARG C 353 -6.90 34.34 -7.72
N SER D 2 -2.95 3.68 9.13
CA SER D 2 -4.12 3.15 8.43
C SER D 2 -5.16 4.23 8.19
N VAL D 3 -5.80 4.17 7.03
CA VAL D 3 -6.73 5.22 6.62
C VAL D 3 -8.13 4.68 6.38
N ILE D 4 -9.15 5.39 6.86
CA ILE D 4 -10.54 5.00 6.61
C ILE D 4 -10.89 5.35 5.17
N ALA D 5 -11.65 4.50 4.51
CA ALA D 5 -12.01 4.73 3.11
C ALA D 5 -13.51 4.76 2.92
N GLY D 6 -14.24 4.12 3.83
CA GLY D 6 -15.70 4.08 3.80
C GLY D 6 -16.32 3.86 5.17
N VAL D 7 -17.44 4.49 5.42
CA VAL D 7 -18.26 4.32 6.62
C VAL D 7 -19.74 4.40 6.29
N PHE D 8 -20.55 3.52 6.80
CA PHE D 8 -21.92 3.40 6.33
C PHE D 8 -22.88 2.86 7.38
N GLY D 9 -23.94 3.62 7.66
CA GLY D 9 -24.99 3.17 8.55
C GLY D 9 -26.07 2.39 7.83
N ALA D 10 -26.49 1.26 8.40
CA ALA D 10 -27.61 0.51 7.84
C ALA D 10 -28.70 0.36 8.89
N LEU D 11 -29.93 0.70 8.54
CA LEU D 11 -31.05 0.66 9.45
C LEU D 11 -32.22 -0.15 8.96
N PRO D 12 -32.87 -0.84 9.88
CA PRO D 12 -34.07 -1.62 9.53
C PRO D 12 -35.17 -0.69 9.05
N PRO D 13 -36.09 -1.20 8.22
CA PRO D 13 -37.17 -0.43 7.58
C PRO D 13 -38.18 0.18 8.56
N HIS D 14 -38.61 -0.59 9.55
CA HIS D 14 -39.56 -0.10 10.55
C HIS D 14 -38.98 1.03 11.39
N ARG D 15 -39.46 2.26 11.18
CA ARG D 15 -39.13 3.34 12.09
C ARG D 15 -40.36 3.87 12.82
N TYR D 16 -40.22 4.06 14.12
CA TYR D 16 -41.32 4.54 14.95
C TYR D 16 -40.90 5.73 15.79
N SER D 17 -41.79 6.70 15.94
CA SER D 17 -41.56 7.75 16.92
C SER D 17 -41.51 7.08 18.31
N GLN D 18 -40.74 7.67 19.23
CA GLN D 18 -40.68 7.21 20.62
C GLN D 18 -42.08 7.04 21.21
N SER D 19 -42.94 8.02 20.99
CA SER D 19 -44.33 7.95 21.46
C SER D 19 -45.10 6.72 20.95
N GLU D 20 -44.96 6.39 19.67
CA GLU D 20 -45.63 5.22 19.12
C GLU D 20 -45.16 3.97 19.85
N ILE D 21 -43.87 3.92 20.15
CA ILE D 21 -43.29 2.78 20.83
C ILE D 21 -43.86 2.67 22.25
N THR D 22 -43.73 3.74 23.02
CA THR D 22 -44.24 3.70 24.38
C THR D 22 -45.71 3.29 24.42
N ASP D 23 -46.51 3.79 23.48
CA ASP D 23 -47.94 3.49 23.49
C ASP D 23 -48.26 2.01 23.30
N SER D 24 -47.44 1.32 22.53
CA SER D 24 -47.64 -0.10 22.32
C SER D 24 -47.05 -0.87 23.48
N PHE D 25 -45.89 -0.39 23.95
CA PHE D 25 -45.12 -1.09 24.95
C PHE D 25 -45.89 -1.28 26.26
N VAL D 26 -46.48 -0.21 26.77
CA VAL D 26 -47.18 -0.25 28.04
C VAL D 26 -48.38 -1.19 27.97
N GLU D 27 -48.76 -1.65 26.81
CA GLU D 27 -49.87 -2.60 26.67
C GLU D 27 -49.39 -4.04 26.55
N PHE D 28 -48.08 -4.23 26.40
CA PHE D 28 -47.54 -5.59 26.32
C PHE D 28 -47.85 -6.38 27.58
N PRO D 29 -48.05 -7.71 27.43
CA PRO D 29 -48.34 -8.60 28.55
C PRO D 29 -47.38 -8.38 29.71
N GLY D 30 -47.90 -8.34 30.94
CA GLY D 30 -47.07 -8.21 32.13
C GLY D 30 -46.52 -6.82 32.39
N LEU D 31 -46.82 -5.86 31.52
CA LEU D 31 -46.27 -4.52 31.66
C LEU D 31 -47.29 -3.48 32.05
N LYS D 32 -48.54 -3.72 31.71
CA LYS D 32 -49.55 -2.71 31.96
C LYS D 32 -49.55 -2.14 33.39
N GLU D 33 -48.98 -2.86 34.35
CA GLU D 33 -48.91 -2.37 35.72
C GLU D 33 -47.76 -1.40 35.93
N HIS D 34 -46.91 -1.27 34.92
CA HIS D 34 -45.73 -0.42 35.01
C HIS D 34 -45.78 0.73 34.00
N GLU D 35 -46.98 1.06 33.56
CA GLU D 35 -47.18 2.11 32.57
C GLU D 35 -46.46 3.38 32.97
N GLU D 36 -46.85 3.93 34.11
CA GLU D 36 -46.33 5.21 34.54
C GLU D 36 -44.81 5.26 34.50
N ILE D 37 -44.13 4.28 35.10
CA ILE D 37 -42.68 4.36 35.12
C ILE D 37 -42.09 4.19 33.72
N ILE D 38 -42.80 3.44 32.87
CA ILE D 38 -42.30 3.21 31.53
C ILE D 38 -42.38 4.50 30.74
N ARG D 39 -43.54 5.14 30.84
CA ARG D 39 -43.74 6.44 30.20
C ARG D 39 -42.71 7.44 30.69
N ARG D 40 -42.47 7.46 31.99
CA ARG D 40 -41.48 8.37 32.55
C ARG D 40 -40.08 8.16 31.97
N LEU D 41 -39.63 6.90 31.87
CA LEU D 41 -38.28 6.61 31.42
C LEU D 41 -38.12 6.79 29.91
N HIS D 42 -39.17 6.44 29.17
CA HIS D 42 -39.16 6.59 27.72
C HIS D 42 -39.14 8.05 27.30
N ALA D 43 -39.85 8.89 28.06
CA ALA D 43 -39.93 10.31 27.77
C ALA D 43 -38.67 11.06 28.18
N ALA D 44 -37.94 10.51 29.14
CA ALA D 44 -36.74 11.15 29.69
C ALA D 44 -35.47 10.72 28.97
N ALA D 45 -35.62 9.98 27.89
CA ALA D 45 -34.48 9.34 27.25
C ALA D 45 -33.83 10.22 26.21
N LYS D 46 -34.50 11.30 25.83
CA LYS D 46 -34.01 12.21 24.78
C LYS D 46 -33.81 11.43 23.48
N VAL D 47 -34.66 10.43 23.28
CA VAL D 47 -34.70 9.66 22.06
C VAL D 47 -36.06 9.98 21.47
N ASN D 48 -36.11 10.38 20.21
CA ASN D 48 -37.39 10.79 19.62
C ASN D 48 -37.95 9.80 18.61
N GLY D 49 -37.08 8.91 18.13
CA GLY D 49 -37.48 7.81 17.26
C GLY D 49 -36.45 6.70 17.31
N ARG D 50 -36.84 5.51 16.89
CA ARG D 50 -35.92 4.37 16.85
C ARG D 50 -36.38 3.43 15.76
N HIS D 51 -35.44 2.64 15.27
CA HIS D 51 -35.73 1.63 14.27
C HIS D 51 -35.76 0.27 14.94
N LEU D 52 -36.81 -0.50 14.65
CA LEU D 52 -36.95 -1.83 15.19
C LEU D 52 -36.88 -2.87 14.08
N VAL D 53 -36.18 -3.97 14.33
CA VAL D 53 -35.96 -4.98 13.31
C VAL D 53 -37.25 -5.74 12.96
N LEU D 54 -38.10 -5.92 13.97
CA LEU D 54 -39.43 -6.53 13.81
C LEU D 54 -40.52 -5.45 13.92
N PRO D 55 -41.72 -5.76 13.41
CA PRO D 55 -42.87 -4.88 13.63
C PRO D 55 -43.19 -4.76 15.12
N LEU D 56 -43.64 -3.61 15.55
CA LEU D 56 -43.88 -3.33 16.94
C LEU D 56 -44.74 -4.38 17.60
N GLN D 57 -45.86 -4.70 16.98
CA GLN D 57 -46.88 -5.55 17.58
C GLN D 57 -46.50 -7.02 17.71
N GLN D 58 -45.31 -7.37 17.26
CA GLN D 58 -44.87 -8.75 17.19
C GLN D 58 -44.05 -9.16 18.42
N TYR D 59 -43.54 -8.18 19.15
CA TYR D 59 -42.64 -8.47 20.28
C TYR D 59 -43.28 -9.19 21.48
N PRO D 60 -44.57 -8.92 21.77
CA PRO D 60 -45.22 -9.65 22.86
C PRO D 60 -45.17 -11.16 22.66
N SER D 61 -45.07 -11.59 21.39
CA SER D 61 -45.05 -13.01 21.05
C SER D 61 -43.61 -13.56 21.05
N LEU D 62 -42.67 -12.67 21.32
CA LEU D 62 -41.27 -13.06 21.33
C LEU D 62 -40.81 -13.33 22.76
N THR D 63 -41.24 -14.46 23.31
CA THR D 63 -40.91 -14.80 24.70
C THR D 63 -39.89 -15.93 24.81
N ASP D 64 -39.55 -16.54 23.68
CA ASP D 64 -38.57 -17.62 23.66
C ASP D 64 -37.21 -17.20 23.09
N PHE D 65 -36.17 -17.45 23.85
CA PHE D 65 -34.81 -17.03 23.50
C PHE D 65 -34.33 -17.67 22.19
N GLY D 66 -34.64 -18.94 21.97
CA GLY D 66 -34.27 -19.61 20.74
C GLY D 66 -34.88 -19.00 19.50
N ASP D 67 -36.10 -18.48 19.61
CA ASP D 67 -36.74 -17.75 18.51
C ASP D 67 -36.00 -16.44 18.31
N ALA D 68 -35.89 -15.68 19.39
CA ALA D 68 -35.18 -14.42 19.35
C ALA D 68 -33.84 -14.60 18.64
N ASN D 69 -33.04 -15.53 19.14
CA ASN D 69 -31.67 -15.67 18.69
C ASN D 69 -31.55 -16.18 17.25
N GLU D 70 -32.49 -17.03 16.83
CA GLU D 70 -32.55 -17.51 15.45
C GLU D 70 -32.89 -16.37 14.49
N ILE D 71 -33.87 -15.56 14.87
CA ILE D 71 -34.21 -14.36 14.11
C ILE D 71 -33.04 -13.38 14.13
N PHE D 72 -32.40 -13.23 15.28
CA PHE D 72 -31.19 -12.42 15.36
C PHE D 72 -30.22 -12.83 14.25
N ILE D 73 -29.96 -14.13 14.15
CA ILE D 73 -28.99 -14.64 13.20
C ILE D 73 -29.37 -14.28 11.76
N GLU D 74 -30.66 -14.40 11.45
CA GLU D 74 -31.15 -14.08 10.11
C GLU D 74 -31.07 -12.56 9.83
N LYS D 75 -31.60 -11.75 10.74
CA LYS D 75 -31.59 -10.30 10.54
C LYS D 75 -30.20 -9.68 10.60
N ALA D 76 -29.37 -10.15 11.52
CA ALA D 76 -28.05 -9.55 11.70
C ALA D 76 -27.20 -9.68 10.44
N VAL D 77 -27.21 -10.86 9.83
CA VAL D 77 -26.49 -11.07 8.58
C VAL D 77 -26.98 -10.12 7.49
N ASP D 78 -28.30 -10.06 7.30
CA ASP D 78 -28.90 -9.13 6.34
C ASP D 78 -28.40 -7.70 6.46
N LEU D 79 -28.48 -7.16 7.66
CA LEU D 79 -28.09 -5.76 7.91
C LEU D 79 -26.58 -5.58 7.82
N GLY D 80 -25.83 -6.57 8.29
CA GLY D 80 -24.39 -6.49 8.26
C GLY D 80 -23.95 -6.42 6.81
N VAL D 81 -24.62 -7.21 6.00
CA VAL D 81 -24.36 -7.25 4.56
C VAL D 81 -24.66 -5.90 3.92
N GLU D 82 -25.76 -5.26 4.31
CA GLU D 82 -26.15 -3.98 3.75
C GLU D 82 -25.18 -2.85 4.13
N ALA D 83 -24.71 -2.85 5.37
CA ALA D 83 -23.75 -1.85 5.85
C ALA D 83 -22.38 -2.05 5.21
N LEU D 84 -21.94 -3.30 5.11
CA LEU D 84 -20.67 -3.64 4.46
C LEU D 84 -20.69 -3.26 2.98
N LEU D 85 -21.75 -3.67 2.28
CA LEU D 85 -21.89 -3.32 0.88
C LEU D 85 -21.80 -1.81 0.70
N GLY D 86 -22.55 -1.08 1.51
CA GLY D 86 -22.54 0.37 1.46
C GLY D 86 -21.16 0.94 1.68
N ALA D 87 -20.45 0.46 2.70
CA ALA D 87 -19.14 1.00 3.05
C ALA D 87 -18.13 0.80 1.93
N LEU D 88 -18.29 -0.28 1.17
CA LEU D 88 -17.41 -0.57 0.06
C LEU D 88 -17.70 0.34 -1.13
N ASP D 89 -18.99 0.55 -1.41
CA ASP D 89 -19.35 1.47 -2.49
C ASP D 89 -18.78 2.84 -2.16
N ASP D 90 -18.89 3.23 -0.89
CA ASP D 90 -18.34 4.50 -0.42
C ASP D 90 -16.81 4.55 -0.54
N ALA D 91 -16.16 3.40 -0.53
CA ALA D 91 -14.71 3.34 -0.64
C ALA D 91 -14.23 2.89 -2.02
N ASN D 92 -15.17 2.71 -2.95
CA ASN D 92 -14.84 2.22 -4.30
C ASN D 92 -14.02 0.94 -4.32
N LEU D 93 -14.24 0.08 -3.33
CA LEU D 93 -13.59 -1.23 -3.28
C LEU D 93 -14.63 -2.31 -3.38
N ARG D 94 -14.21 -3.56 -3.52
CA ARG D 94 -15.17 -4.66 -3.63
C ARG D 94 -14.86 -5.81 -2.66
N PRO D 95 -15.86 -6.67 -2.41
CA PRO D 95 -15.72 -7.78 -1.44
C PRO D 95 -14.42 -8.60 -1.60
N SER D 96 -14.04 -8.94 -2.82
CA SER D 96 -12.80 -9.68 -3.04
C SER D 96 -11.56 -8.92 -2.56
N ASP D 97 -11.69 -7.61 -2.37
CA ASP D 97 -10.57 -6.77 -1.91
C ASP D 97 -10.29 -6.90 -0.41
N ILE D 98 -11.26 -7.42 0.31
CA ILE D 98 -11.17 -7.51 1.76
C ILE D 98 -10.22 -8.60 2.18
N ASP D 99 -9.24 -8.25 3.00
CA ASP D 99 -8.27 -9.21 3.51
C ASP D 99 -8.66 -9.70 4.90
N MET D 100 -9.43 -8.90 5.62
CA MET D 100 -9.73 -9.20 7.01
C MET D 100 -11.06 -8.59 7.38
N ILE D 101 -11.93 -9.39 7.99
CA ILE D 101 -13.21 -8.89 8.45
C ILE D 101 -13.36 -9.10 9.96
N ALA D 102 -13.66 -8.03 10.67
CA ALA D 102 -13.94 -8.13 12.10
C ALA D 102 -15.41 -7.83 12.34
N THR D 103 -16.00 -8.59 13.23
CA THR D 103 -17.42 -8.50 13.48
C THR D 103 -17.64 -8.15 14.94
N ALA D 104 -18.57 -7.24 15.19
CA ALA D 104 -18.85 -6.84 16.56
C ALA D 104 -20.34 -6.87 16.85
N THR D 105 -20.73 -7.66 17.83
CA THR D 105 -22.09 -7.64 18.34
C THR D 105 -22.08 -8.05 19.81
N VAL D 106 -23.22 -7.91 20.45
CA VAL D 106 -23.37 -8.33 21.81
C VAL D 106 -24.83 -8.75 22.06
N THR D 107 -25.67 -8.51 21.09
CA THR D 107 -27.11 -8.72 21.26
C THR D 107 -27.57 -10.08 20.72
N GLY D 108 -26.63 -10.96 20.42
CA GLY D 108 -26.96 -12.27 19.88
C GLY D 108 -25.78 -13.23 19.82
N VAL D 109 -26.08 -14.53 19.77
CA VAL D 109 -25.07 -15.58 19.88
C VAL D 109 -25.06 -16.46 18.65
N ALA D 110 -23.95 -16.48 17.91
CA ALA D 110 -23.90 -17.16 16.61
C ALA D 110 -22.63 -17.97 16.38
N VAL D 111 -22.79 -19.27 16.18
CA VAL D 111 -21.68 -20.16 15.81
C VAL D 111 -22.14 -21.09 14.69
N PRO D 112 -21.53 -20.99 13.50
CA PRO D 112 -20.44 -20.09 13.10
C PRO D 112 -20.78 -18.62 13.26
N SER D 113 -19.76 -17.80 13.44
CA SER D 113 -19.89 -16.37 13.71
C SER D 113 -20.51 -15.57 12.56
N LEU D 114 -20.92 -14.34 12.87
CA LEU D 114 -21.48 -13.45 11.86
C LEU D 114 -20.55 -13.26 10.66
N ASP D 115 -19.28 -12.96 10.91
CA ASP D 115 -18.33 -12.72 9.83
C ASP D 115 -18.23 -13.87 8.84
N ALA D 116 -18.51 -15.08 9.30
CA ALA D 116 -18.43 -16.24 8.41
C ALA D 116 -19.63 -16.22 7.49
N ARG D 117 -20.76 -15.79 8.03
CA ARG D 117 -21.99 -15.73 7.27
C ARG D 117 -21.92 -14.60 6.24
N ILE D 118 -21.50 -13.42 6.68
CA ILE D 118 -21.38 -12.27 5.80
C ILE D 118 -20.40 -12.58 4.67
N ALA D 119 -19.30 -13.23 5.03
CA ALA D 119 -18.28 -13.59 4.05
C ALA D 119 -18.86 -14.48 2.95
N GLY D 120 -19.71 -15.43 3.33
CA GLY D 120 -20.34 -16.29 2.36
C GLY D 120 -21.29 -15.51 1.46
N ARG D 121 -22.15 -14.71 2.08
CA ARG D 121 -23.16 -13.95 1.36
C ARG D 121 -22.54 -13.03 0.29
N LEU D 122 -21.47 -12.33 0.64
CA LEU D 122 -20.82 -11.41 -0.32
C LEU D 122 -19.71 -12.08 -1.11
N GLY D 123 -19.51 -13.37 -0.92
CA GLY D 123 -18.48 -14.07 -1.65
C GLY D 123 -17.11 -13.47 -1.46
N LEU D 124 -16.75 -13.20 -0.20
CA LEU D 124 -15.39 -12.84 0.14
C LEU D 124 -14.45 -13.99 -0.21
N ARG D 125 -13.15 -13.71 -0.28
CA ARG D 125 -12.19 -14.76 -0.55
C ARG D 125 -12.24 -15.80 0.56
N PRO D 126 -11.99 -17.07 0.21
CA PRO D 126 -11.95 -18.19 1.17
C PRO D 126 -10.84 -18.04 2.21
N ASP D 127 -9.82 -17.24 1.90
CA ASP D 127 -8.69 -17.08 2.82
C ASP D 127 -8.73 -15.78 3.61
N VAL D 128 -9.90 -15.15 3.69
CA VAL D 128 -10.05 -13.89 4.41
C VAL D 128 -9.91 -14.10 5.92
N ARG D 129 -9.09 -13.25 6.57
CA ARG D 129 -8.86 -13.35 8.00
C ARG D 129 -10.08 -12.84 8.77
N ARG D 130 -10.58 -13.67 9.68
CA ARG D 130 -11.82 -13.36 10.40
C ARG D 130 -11.54 -13.10 11.88
N MET D 131 -12.22 -12.09 12.43
CA MET D 131 -12.07 -11.72 13.83
C MET D 131 -13.43 -11.40 14.44
N PRO D 132 -14.11 -12.42 15.01
CA PRO D 132 -15.42 -12.19 15.60
C PRO D 132 -15.27 -11.75 17.04
N LEU D 133 -15.71 -10.55 17.37
CA LEU D 133 -15.60 -10.06 18.72
C LEU D 133 -16.96 -10.12 19.39
N PHE D 134 -17.03 -10.70 20.58
CA PHE D 134 -18.32 -10.78 21.23
C PHE D 134 -18.46 -9.98 22.53
N GLY D 135 -17.53 -10.13 23.45
CA GLY D 135 -17.74 -9.58 24.78
C GLY D 135 -17.68 -8.07 24.98
N LEU D 136 -17.69 -7.25 23.90
CA LEU D 136 -17.24 -5.87 24.03
C LEU D 136 -18.42 -4.92 24.23
N GLY D 137 -19.56 -5.16 23.71
CA GLY D 137 -20.71 -4.31 23.95
C GLY D 137 -20.61 -2.96 23.29
N SER D 138 -20.90 -1.91 24.07
CA SER D 138 -20.97 -0.54 23.56
C SER D 138 -19.63 0.15 23.27
N VAL D 139 -18.52 -0.52 23.54
CA VAL D 139 -17.21 0.05 23.26
C VAL D 139 -16.67 -0.53 21.96
N ALA D 140 -17.42 -1.49 21.40
CA ALA D 140 -16.95 -2.25 20.25
C ALA D 140 -16.74 -1.43 18.97
N GLY D 141 -17.54 -0.38 18.77
CA GLY D 141 -17.37 0.47 17.60
C GLY D 141 -16.01 1.16 17.56
N ALA D 142 -15.64 1.77 18.68
CA ALA D 142 -14.31 2.36 18.84
C ALA D 142 -13.20 1.31 18.87
N ALA D 143 -13.32 0.34 19.77
CA ALA D 143 -12.26 -0.64 19.95
C ALA D 143 -12.08 -1.46 18.68
N GLY D 144 -13.15 -1.61 17.91
CA GLY D 144 -13.08 -2.29 16.64
C GLY D 144 -12.21 -1.54 15.65
N VAL D 145 -12.47 -0.24 15.51
CA VAL D 145 -11.66 0.59 14.64
C VAL D 145 -10.19 0.47 15.06
N ALA D 146 -9.96 0.28 16.36
CA ALA D 146 -8.61 0.22 16.89
C ALA D 146 -7.93 -1.10 16.52
N ARG D 147 -8.73 -2.15 16.38
CA ARG D 147 -8.18 -3.46 16.03
C ARG D 147 -7.82 -3.48 14.55
N LEU D 148 -8.58 -2.72 13.76
CA LEU D 148 -8.32 -2.53 12.35
C LEU D 148 -6.96 -1.87 12.18
N ARG D 149 -6.67 -0.90 13.03
CA ARG D 149 -5.38 -0.25 12.98
C ARG D 149 -4.30 -1.27 13.35
N ASP D 150 -4.52 -1.99 14.44
CA ASP D 150 -3.56 -3.00 14.87
C ASP D 150 -3.28 -3.99 13.75
N TYR D 151 -4.34 -4.47 13.08
CA TYR D 151 -4.13 -5.35 11.93
C TYR D 151 -3.38 -4.66 10.76
N LEU D 152 -3.80 -3.47 10.40
CA LEU D 152 -3.28 -2.78 9.23
C LEU D 152 -1.86 -2.28 9.48
N ARG D 153 -1.45 -2.13 10.71
CA ARG D 153 -0.08 -1.79 11.02
C ARG D 153 0.83 -2.87 10.60
N GLY D 154 0.43 -4.10 10.83
CA GLY D 154 1.19 -5.28 10.47
C GLY D 154 1.04 -5.67 9.02
N ALA D 155 0.00 -5.16 8.36
CA ALA D 155 -0.22 -5.43 6.95
C ALA D 155 -0.55 -4.14 6.17
N PRO D 156 0.48 -3.33 5.89
CA PRO D 156 0.22 -1.99 5.32
C PRO D 156 -0.36 -2.02 3.91
N ASP D 157 -0.33 -3.17 3.24
CA ASP D 157 -0.86 -3.27 1.89
C ASP D 157 -2.31 -3.73 1.85
N ASP D 158 -2.89 -3.97 3.02
CA ASP D 158 -4.17 -4.66 3.08
C ASP D 158 -5.41 -3.80 3.22
N VAL D 159 -6.56 -4.46 3.09
CA VAL D 159 -7.87 -3.89 3.39
C VAL D 159 -8.51 -4.69 4.53
N ALA D 160 -8.91 -4.01 5.59
CA ALA D 160 -9.63 -4.66 6.66
C ALA D 160 -10.95 -3.93 6.85
N VAL D 161 -11.96 -4.64 7.34
CA VAL D 161 -13.29 -4.07 7.53
C VAL D 161 -13.85 -4.47 8.91
N LEU D 162 -14.70 -3.62 9.47
CA LEU D 162 -15.38 -3.93 10.71
C LEU D 162 -16.88 -3.83 10.45
N VAL D 163 -17.61 -4.91 10.73
CA VAL D 163 -19.05 -4.88 10.65
C VAL D 163 -19.61 -4.95 12.08
N SER D 164 -20.48 -4.00 12.42
CA SER D 164 -21.11 -4.00 13.72
C SER D 164 -22.63 -4.06 13.56
N VAL D 165 -23.24 -5.08 14.15
CA VAL D 165 -24.69 -5.23 14.12
C VAL D 165 -25.23 -5.36 15.53
N GLU D 166 -26.21 -4.53 15.86
CA GLU D 166 -26.87 -4.61 17.16
C GLU D 166 -28.37 -4.61 16.99
N LEU D 167 -29.00 -5.70 17.33
CA LEU D 167 -30.43 -5.78 17.32
C LEU D 167 -30.91 -5.94 18.74
N CYS D 168 -30.73 -4.89 19.50
CA CYS D 168 -31.06 -4.85 20.93
C CYS D 168 -32.50 -5.26 21.21
N SER D 169 -33.41 -5.00 20.28
CA SER D 169 -34.83 -5.22 20.55
C SER D 169 -35.12 -6.72 20.66
N LEU D 170 -34.26 -7.51 20.03
CA LEU D 170 -34.41 -8.96 20.03
C LEU D 170 -34.02 -9.63 21.34
N THR D 171 -33.53 -8.85 22.31
CA THR D 171 -33.23 -9.40 23.63
C THR D 171 -34.48 -9.33 24.49
N TYR D 172 -35.57 -8.88 23.88
CA TYR D 172 -36.86 -8.78 24.56
C TYR D 172 -37.27 -9.97 25.47
N PRO D 173 -37.01 -11.22 25.05
CA PRO D 173 -37.48 -12.30 25.92
C PRO D 173 -36.88 -12.22 27.32
N ALA D 174 -35.81 -11.44 27.46
CA ALA D 174 -35.13 -11.30 28.75
C ALA D 174 -35.60 -10.08 29.56
N VAL D 175 -36.47 -9.27 29.00
CA VAL D 175 -36.89 -8.03 29.63
C VAL D 175 -37.82 -8.29 30.81
N LYS D 176 -37.44 -7.68 31.97
CA LYS D 176 -38.30 -7.70 33.16
C LYS D 176 -38.65 -6.29 33.61
N PRO D 177 -39.76 -6.10 34.27
CA PRO D 177 -40.09 -4.79 34.77
C PRO D 177 -39.21 -4.37 35.93
N THR D 178 -37.91 -4.40 35.73
CA THR D 178 -36.95 -3.81 36.65
C THR D 178 -36.48 -2.46 36.10
N VAL D 179 -35.99 -1.58 36.97
CA VAL D 179 -35.49 -0.27 36.54
C VAL D 179 -34.38 -0.39 35.48
N SER D 180 -33.46 -1.31 35.71
CA SER D 180 -32.39 -1.59 34.76
C SER D 180 -32.91 -1.95 33.37
N SER D 181 -33.71 -3.02 33.27
CA SER D 181 -34.28 -3.41 31.98
C SER D 181 -35.12 -2.32 31.31
N LEU D 182 -35.97 -1.67 32.09
CA LEU D 182 -36.83 -0.63 31.56
C LEU D 182 -36.05 0.57 31.02
N VAL D 183 -34.96 0.95 31.69
CA VAL D 183 -34.10 2.01 31.17
C VAL D 183 -33.67 1.65 29.75
N GLY D 184 -33.12 0.45 29.59
CA GLY D 184 -32.67 0.01 28.29
C GLY D 184 -33.80 -0.05 27.28
N THR D 185 -35.00 -0.29 27.79
CA THR D 185 -36.14 -0.38 26.90
C THR D 185 -36.53 1.00 26.41
N ALA D 186 -35.98 2.03 27.04
CA ALA D 186 -36.21 3.42 26.62
C ALA D 186 -35.13 3.90 25.64
N LEU D 187 -33.93 3.34 25.80
CA LEU D 187 -32.76 3.83 25.11
C LEU D 187 -32.42 3.12 23.80
N PHE D 188 -32.52 1.80 23.78
CA PHE D 188 -31.92 1.05 22.67
C PHE D 188 -32.77 0.82 21.42
N GLY D 189 -32.15 1.04 20.26
CA GLY D 189 -32.75 0.74 18.99
C GLY D 189 -31.98 -0.35 18.28
N ASP D 190 -32.37 -0.64 17.03
CA ASP D 190 -31.71 -1.66 16.22
C ASP D 190 -30.90 -0.99 15.10
N GLY D 191 -29.79 -1.59 14.69
CA GLY D 191 -28.99 -1.00 13.62
C GLY D 191 -27.63 -1.63 13.34
N ALA D 192 -27.02 -1.22 12.23
CA ALA D 192 -25.74 -1.77 11.82
C ALA D 192 -24.84 -0.69 11.23
N ALA D 193 -23.56 -0.99 11.10
CA ALA D 193 -22.61 -0.05 10.52
C ALA D 193 -21.35 -0.78 10.09
N ALA D 194 -20.69 -0.26 9.06
CA ALA D 194 -19.51 -0.89 8.50
C ALA D 194 -18.42 0.13 8.31
N VAL D 195 -17.19 -0.28 8.49
CA VAL D 195 -16.07 0.60 8.27
C VAL D 195 -15.08 -0.14 7.39
N VAL D 196 -14.69 0.50 6.28
CA VAL D 196 -13.64 -0.04 5.45
C VAL D 196 -12.40 0.81 5.65
N ALA D 197 -11.30 0.15 6.02
CA ALA D 197 -9.99 0.79 6.19
C ALA D 197 -8.90 0.09 5.36
N VAL D 198 -7.83 0.82 5.07
CA VAL D 198 -6.72 0.30 4.28
C VAL D 198 -5.39 0.67 4.93
N GLY D 199 -4.37 -0.14 4.68
CA GLY D 199 -3.04 0.12 5.22
C GLY D 199 -2.42 1.37 4.62
N ASP D 200 -1.31 1.82 5.19
CA ASP D 200 -0.63 3.02 4.72
C ASP D 200 -0.20 2.91 3.26
N ARG D 201 0.39 1.77 2.89
CA ARG D 201 0.85 1.55 1.53
C ARG D 201 -0.34 1.43 0.58
N ARG D 202 -1.35 0.66 0.98
CA ARG D 202 -2.54 0.50 0.15
C ARG D 202 -3.19 1.87 -0.07
N ALA D 203 -3.08 2.74 0.92
CA ALA D 203 -3.62 4.10 0.82
C ALA D 203 -2.85 4.95 -0.20
N GLU D 204 -1.59 4.61 -0.44
CA GLU D 204 -0.82 5.25 -1.49
C GLU D 204 -1.30 4.77 -2.85
N GLN D 205 -1.48 3.46 -2.99
CA GLN D 205 -1.99 2.83 -4.22
C GLN D 205 -3.37 3.34 -4.67
N VAL D 206 -4.29 3.59 -3.74
CA VAL D 206 -5.65 4.01 -4.09
C VAL D 206 -6.16 5.11 -3.16
N ARG D 207 -6.89 6.08 -3.70
CA ARG D 207 -7.38 7.19 -2.89
C ARG D 207 -8.26 6.77 -1.72
N ALA D 208 -7.86 7.21 -0.53
CA ALA D 208 -8.62 6.98 0.67
C ALA D 208 -9.17 8.32 1.13
N GLY D 209 -10.48 8.45 1.16
CA GLY D 209 -11.11 9.72 1.44
C GLY D 209 -11.30 10.03 2.91
N GLY D 210 -11.22 8.99 3.74
CA GLY D 210 -11.53 9.13 5.14
C GLY D 210 -10.37 9.62 5.99
N PRO D 211 -10.59 9.76 7.30
CA PRO D 211 -9.58 10.22 8.24
C PRO D 211 -8.51 9.15 8.45
N ASP D 212 -7.35 9.57 8.92
CA ASP D 212 -6.31 8.62 9.30
C ASP D 212 -6.56 8.14 10.71
N ILE D 213 -6.25 6.88 10.99
CA ILE D 213 -6.35 6.38 12.36
C ILE D 213 -4.96 6.43 12.97
N LEU D 214 -4.74 7.41 13.83
CA LEU D 214 -3.40 7.68 14.31
C LEU D 214 -2.98 6.77 15.45
N ASP D 215 -3.89 6.57 16.39
CA ASP D 215 -3.55 5.87 17.62
C ASP D 215 -4.82 5.60 18.40
N SER D 216 -4.72 4.68 19.36
CA SER D 216 -5.84 4.30 20.21
C SER D 216 -5.34 4.01 21.62
N ARG D 217 -6.23 4.05 22.60
CA ARG D 217 -5.87 3.61 23.93
C ARG D 217 -7.07 3.03 24.67
N SER D 218 -6.90 1.82 25.18
CA SER D 218 -7.89 1.18 26.02
C SER D 218 -7.70 1.64 27.45
N SER D 219 -8.77 1.63 28.23
CA SER D 219 -8.67 1.90 29.65
C SER D 219 -9.67 1.00 30.40
N LEU D 220 -9.16 -0.06 31.02
CA LEU D 220 -9.96 -0.99 31.80
C LEU D 220 -9.93 -0.64 33.28
N TYR D 221 -11.07 -0.31 33.84
CA TYR D 221 -11.15 0.11 35.23
C TYR D 221 -11.13 -1.06 36.23
N PRO D 222 -10.35 -0.92 37.30
CA PRO D 222 -10.29 -1.91 38.38
C PRO D 222 -11.67 -2.23 38.97
N ASP D 223 -11.92 -3.51 39.21
CA ASP D 223 -13.10 -3.93 39.96
C ASP D 223 -14.41 -3.31 39.48
N SER D 224 -14.67 -3.36 38.18
CA SER D 224 -15.89 -2.76 37.63
C SER D 224 -16.76 -3.68 36.76
N LEU D 225 -16.75 -4.99 37.05
CA LEU D 225 -17.50 -5.96 36.24
C LEU D 225 -19.02 -5.74 36.29
N HIS D 226 -19.51 -5.26 37.42
CA HIS D 226 -20.95 -5.09 37.65
C HIS D 226 -21.51 -3.85 36.98
N ILE D 227 -20.65 -3.01 36.43
CA ILE D 227 -21.09 -1.74 35.85
C ILE D 227 -22.02 -1.94 34.67
N MET D 228 -21.60 -2.78 33.72
CA MET D 228 -22.52 -3.27 32.69
C MET D 228 -22.14 -4.68 32.22
N GLY D 229 -23.14 -5.44 31.78
CA GLY D 229 -22.91 -6.79 31.27
C GLY D 229 -24.21 -7.53 31.02
N TRP D 230 -24.11 -8.83 30.73
CA TRP D 230 -25.29 -9.66 30.51
C TRP D 230 -25.52 -10.60 31.66
N ASP D 231 -26.78 -10.81 32.00
CA ASP D 231 -27.19 -11.91 32.86
C ASP D 231 -27.71 -12.99 31.92
N VAL D 232 -26.92 -14.04 31.71
CA VAL D 232 -27.22 -15.05 30.69
C VAL D 232 -27.91 -16.31 31.22
N GLY D 233 -29.04 -16.65 30.62
CA GLY D 233 -29.80 -17.80 31.05
C GLY D 233 -30.81 -18.27 30.03
N SER D 234 -31.69 -19.17 30.44
CA SER D 234 -32.56 -19.99 29.57
C SER D 234 -33.47 -19.04 28.86
N HIS D 235 -33.61 -17.96 29.58
CA HIS D 235 -34.22 -16.75 29.13
C HIS D 235 -33.43 -15.84 28.18
N GLY D 236 -32.17 -16.14 27.84
CA GLY D 236 -31.48 -15.15 27.02
C GLY D 236 -30.70 -14.06 27.73
N LEU D 237 -30.56 -12.88 27.14
CA LEU D 237 -29.58 -11.93 27.62
C LEU D 237 -30.23 -10.78 28.37
N ARG D 238 -30.06 -10.75 29.70
CA ARG D 238 -30.69 -9.76 30.55
C ARG D 238 -29.70 -8.69 30.95
N LEU D 239 -30.10 -7.43 30.75
CA LEU D 239 -29.20 -6.29 30.97
C LEU D 239 -28.83 -6.07 32.43
N ARG D 240 -27.54 -6.03 32.70
CA ARG D 240 -27.04 -5.53 33.97
C ARG D 240 -26.51 -4.13 33.70
N LEU D 241 -27.05 -3.15 34.40
CA LEU D 241 -26.57 -1.77 34.23
C LEU D 241 -26.58 -1.03 35.56
N SER D 242 -25.40 -0.85 36.15
CA SER D 242 -25.30 -0.16 37.43
C SER D 242 -25.48 1.34 37.28
N PRO D 243 -26.03 1.98 38.31
CA PRO D 243 -26.24 3.44 38.41
C PRO D 243 -24.94 4.21 38.65
N ASP D 244 -23.94 3.54 39.17
CA ASP D 244 -22.64 4.16 39.40
C ASP D 244 -21.92 4.47 38.09
N LEU D 245 -22.50 4.07 36.97
CA LEU D 245 -21.86 4.25 35.67
C LEU D 245 -21.34 5.67 35.49
N THR D 246 -22.20 6.65 35.69
CA THR D 246 -21.87 8.04 35.38
C THR D 246 -20.86 8.64 36.37
N ASN D 247 -20.98 8.26 37.64
CA ASN D 247 -19.99 8.65 38.65
C ASN D 247 -18.60 8.18 38.27
N LEU D 248 -18.53 7.01 37.62
CA LEU D 248 -17.25 6.46 37.19
C LEU D 248 -16.68 7.26 36.05
N ILE D 249 -17.55 7.71 35.15
CA ILE D 249 -17.11 8.56 34.06
C ILE D 249 -16.54 9.87 34.60
N GLU D 250 -17.31 10.53 35.45
CA GLU D 250 -16.89 11.80 36.02
C GLU D 250 -15.61 11.68 36.84
N ARG D 251 -15.43 10.52 37.48
CA ARG D 251 -14.31 10.36 38.38
C ARG D 251 -13.03 9.99 37.63
N TYR D 252 -13.14 9.50 36.40
CA TYR D 252 -11.95 8.97 35.75
C TYR D 252 -11.74 9.32 34.28
N LEU D 253 -12.76 9.80 33.60
CA LEU D 253 -12.66 9.99 32.16
C LEU D 253 -11.61 11.04 31.82
N ALA D 254 -11.67 12.20 32.44
CA ALA D 254 -10.71 13.27 32.21
C ALA D 254 -9.27 12.76 32.21
N ASN D 255 -8.94 11.91 33.17
CA ASN D 255 -7.58 11.39 33.27
C ASN D 255 -7.23 10.40 32.14
N ASP D 256 -8.23 9.70 31.61
CA ASP D 256 -8.03 8.80 30.47
C ASP D 256 -7.68 9.61 29.23
N VAL D 257 -8.41 10.69 29.02
CA VAL D 257 -8.17 11.56 27.88
C VAL D 257 -6.78 12.21 27.97
N THR D 258 -6.42 12.71 29.15
CA THR D 258 -5.15 13.40 29.32
C THR D 258 -3.96 12.48 29.08
N THR D 259 -3.99 11.30 29.68
CA THR D 259 -2.93 10.32 29.49
C THR D 259 -2.67 10.09 28.00
N PHE D 260 -3.75 9.90 27.25
CA PHE D 260 -3.65 9.59 25.84
C PHE D 260 -3.21 10.79 25.02
N LEU D 261 -3.88 11.92 25.20
CA LEU D 261 -3.52 13.09 24.44
C LEU D 261 -2.12 13.60 24.76
N ASP D 262 -1.68 13.48 26.00
CA ASP D 262 -0.32 13.81 26.43
C ASP D 262 0.76 13.16 25.61
N ALA D 263 0.64 11.86 25.40
CA ALA D 263 1.56 11.11 24.58
C ALA D 263 1.65 11.62 23.17
N HIS D 264 0.78 12.55 22.82
CA HIS D 264 0.75 13.05 21.49
C HIS D 264 1.01 14.53 21.48
N ARG D 265 1.40 15.05 22.62
CA ARG D 265 1.57 16.48 22.78
C ARG D 265 0.35 17.24 22.28
N LEU D 266 -0.80 16.93 22.86
CA LEU D 266 -2.07 17.55 22.49
C LEU D 266 -2.91 17.74 23.72
N THR D 267 -4.00 18.49 23.57
CA THR D 267 -4.95 18.72 24.65
C THR D 267 -6.36 18.64 24.09
N LYS D 268 -7.34 18.57 24.99
CA LYS D 268 -8.74 18.49 24.58
C LYS D 268 -9.10 19.73 23.78
N ASP D 269 -8.21 20.70 23.83
CA ASP D 269 -8.41 21.97 23.15
C ASP D 269 -7.83 21.92 21.75
N ASP D 270 -7.04 20.88 21.50
CA ASP D 270 -6.42 20.67 20.19
C ASP D 270 -7.26 19.75 19.31
N ILE D 271 -8.28 19.11 19.87
CA ILE D 271 -9.13 18.28 19.03
C ILE D 271 -10.37 19.06 18.59
N GLY D 272 -10.68 19.00 17.30
CA GLY D 272 -11.77 19.79 16.75
C GLY D 272 -12.90 18.97 16.17
N ALA D 273 -13.03 17.75 16.62
CA ALA D 273 -14.15 16.93 16.27
C ALA D 273 -14.28 15.75 17.21
N TRP D 274 -15.18 15.87 18.19
CA TRP D 274 -15.47 14.81 19.15
C TRP D 274 -16.51 13.85 18.58
N VAL D 275 -16.19 12.56 18.61
CA VAL D 275 -17.08 11.50 18.16
C VAL D 275 -17.31 10.50 19.30
N SER D 276 -18.28 10.78 20.15
CA SER D 276 -18.47 9.99 21.35
C SER D 276 -19.75 9.18 21.28
N HIS D 277 -19.73 8.06 21.99
CA HIS D 277 -20.85 7.14 22.10
C HIS D 277 -22.02 7.80 22.83
N PRO D 278 -23.25 7.61 22.32
CA PRO D 278 -24.47 8.14 22.96
C PRO D 278 -25.05 7.16 23.96
N GLY D 279 -24.47 7.04 25.15
CA GLY D 279 -25.00 6.09 26.10
C GLY D 279 -26.42 6.45 26.48
N GLY D 280 -26.71 7.74 26.47
CA GLY D 280 -27.94 8.28 27.00
C GLY D 280 -27.67 9.66 27.55
N PRO D 281 -28.73 10.39 27.94
CA PRO D 281 -28.63 11.77 28.44
C PRO D 281 -27.58 11.98 29.55
N LYS D 282 -27.64 11.17 30.61
CA LYS D 282 -26.76 11.34 31.75
C LYS D 282 -25.31 10.96 31.43
N VAL D 283 -25.13 9.99 30.54
CA VAL D 283 -23.80 9.59 30.12
C VAL D 283 -23.16 10.71 29.30
N ILE D 284 -23.88 11.20 28.28
CA ILE D 284 -23.38 12.30 27.47
C ILE D 284 -23.06 13.52 28.33
N ASP D 285 -23.89 13.78 29.34
CA ASP D 285 -23.67 14.89 30.24
C ASP D 285 -22.36 14.69 31.00
N ALA D 286 -22.19 13.50 31.58
CA ALA D 286 -21.01 13.16 32.34
C ALA D 286 -19.75 13.38 31.51
N VAL D 287 -19.81 12.95 30.25
CA VAL D 287 -18.68 13.13 29.36
C VAL D 287 -18.37 14.60 29.12
N ALA D 288 -19.41 15.42 28.98
CA ALA D 288 -19.25 16.84 28.75
C ALA D 288 -18.74 17.59 29.98
N THR D 289 -19.25 17.21 31.15
CA THR D 289 -18.80 17.79 32.40
C THR D 289 -17.37 17.36 32.74
N SER D 290 -17.13 16.06 32.68
CA SER D 290 -15.81 15.51 32.93
C SER D 290 -14.73 16.24 32.13
N LEU D 291 -15.04 16.55 30.89
CA LEU D 291 -14.04 17.07 29.97
C LEU D 291 -14.12 18.59 29.82
N ALA D 292 -15.09 19.20 30.49
CA ALA D 292 -15.32 20.63 30.37
C ALA D 292 -15.49 21.03 28.91
N LEU D 293 -16.23 20.23 28.16
CA LEU D 293 -16.51 20.50 26.75
C LEU D 293 -17.55 21.60 26.54
N PRO D 294 -17.41 22.37 25.45
CA PRO D 294 -18.42 23.36 25.02
C PRO D 294 -19.72 22.66 24.71
N PRO D 295 -20.83 23.42 24.61
CA PRO D 295 -22.14 22.82 24.36
C PRO D 295 -22.16 22.03 23.06
N GLU D 296 -21.55 22.61 22.03
CA GLU D 296 -21.65 22.04 20.69
C GLU D 296 -20.65 20.92 20.40
N ALA D 297 -19.74 20.64 21.32
CA ALA D 297 -18.75 19.58 21.13
C ALA D 297 -19.39 18.21 20.87
N LEU D 298 -20.51 17.93 21.51
CA LEU D 298 -21.18 16.64 21.32
C LEU D 298 -22.55 16.74 20.63
N GLU D 299 -22.78 17.80 19.86
CA GLU D 299 -24.07 17.98 19.22
C GLU D 299 -24.49 16.81 18.34
N LEU D 300 -23.55 16.27 17.57
CA LEU D 300 -23.85 15.17 16.66
C LEU D 300 -24.25 13.90 17.44
N THR D 301 -23.61 13.71 18.59
CA THR D 301 -23.94 12.64 19.51
C THR D 301 -25.36 12.76 20.09
N TRP D 302 -25.77 13.98 20.43
CA TRP D 302 -27.13 14.24 20.88
C TRP D 302 -28.07 14.05 19.72
N ARG D 303 -27.64 14.48 18.54
CA ARG D 303 -28.48 14.39 17.36
C ARG D 303 -28.76 12.93 17.01
N SER D 304 -27.70 12.13 16.91
CA SER D 304 -27.86 10.71 16.63
C SER D 304 -28.77 10.01 17.67
N LEU D 305 -28.49 10.22 18.95
CA LEU D 305 -29.33 9.63 20.00
C LEU D 305 -30.79 10.03 19.83
N GLY D 306 -31.01 11.27 19.37
CA GLY D 306 -32.35 11.79 19.20
C GLY D 306 -33.07 11.11 18.05
N GLU D 307 -32.34 10.83 16.98
CA GLU D 307 -32.93 10.33 15.75
C GLU D 307 -33.08 8.81 15.68
N ILE D 308 -32.17 8.07 16.31
CA ILE D 308 -32.20 6.61 16.19
C ILE D 308 -32.07 5.85 17.51
N GLY D 309 -31.85 6.57 18.60
CA GLY D 309 -31.63 5.96 19.90
C GLY D 309 -30.22 5.40 20.04
N ASN D 310 -30.02 4.55 21.04
CA ASN D 310 -28.75 3.90 21.29
C ASN D 310 -28.66 2.60 20.49
N LEU D 311 -27.64 2.50 19.64
CA LEU D 311 -27.45 1.32 18.81
C LEU D 311 -26.31 0.45 19.32
N SER D 312 -25.99 0.54 20.59
CA SER D 312 -24.85 -0.14 21.15
C SER D 312 -23.60 0.26 20.38
N SER D 313 -22.79 -0.68 19.95
CA SER D 313 -21.54 -0.40 19.22
C SER D 313 -21.67 0.30 17.85
N ALA D 314 -22.83 0.20 17.22
CA ALA D 314 -23.04 0.84 15.91
C ALA D 314 -23.23 2.37 15.99
N SER D 315 -23.73 2.87 17.11
CA SER D 315 -23.96 4.30 17.27
C SER D 315 -22.76 5.17 16.94
N ILE D 316 -21.65 4.98 17.65
CA ILE D 316 -20.50 5.84 17.46
C ILE D 316 -20.04 5.81 15.98
N LEU D 317 -20.30 4.70 15.29
CA LEU D 317 -20.00 4.60 13.85
C LEU D 317 -20.93 5.46 13.00
N HIS D 318 -22.22 5.49 13.34
CA HIS D 318 -23.15 6.35 12.63
C HIS D 318 -22.71 7.79 12.85
N ILE D 319 -22.29 8.06 14.09
CA ILE D 319 -21.86 9.38 14.48
C ILE D 319 -20.56 9.77 13.75
N LEU D 320 -19.66 8.80 13.56
CA LEU D 320 -18.46 9.05 12.77
C LEU D 320 -18.81 9.47 11.35
N ARG D 321 -19.76 8.77 10.74
CA ARG D 321 -20.22 9.08 9.40
C ARG D 321 -20.74 10.51 9.31
N ASP D 322 -21.61 10.88 10.24
CA ASP D 322 -22.16 12.21 10.27
C ASP D 322 -21.04 13.23 10.35
N THR D 323 -20.01 12.93 11.13
CA THR D 323 -18.90 13.87 11.33
C THR D 323 -18.10 14.05 10.04
N ILE D 324 -17.77 12.94 9.38
CA ILE D 324 -17.05 12.97 8.12
C ILE D 324 -17.78 13.78 7.05
N GLU D 325 -19.10 13.68 7.01
CA GLU D 325 -19.91 14.38 6.02
C GLU D 325 -19.88 15.88 6.27
N LYS D 326 -19.79 16.27 7.54
CA LYS D 326 -19.66 17.68 7.88
C LYS D 326 -18.30 18.25 7.45
N ARG D 327 -17.41 17.38 7.04
CA ARG D 327 -16.04 17.74 6.67
C ARG D 327 -15.37 18.67 7.65
N PRO D 328 -14.81 18.10 8.70
CA PRO D 328 -14.08 18.88 9.70
C PRO D 328 -12.84 19.51 9.09
N PRO D 329 -12.26 20.54 9.75
CA PRO D 329 -11.11 21.29 9.23
C PRO D 329 -9.96 20.37 8.84
N SER D 330 -9.58 20.39 7.57
CA SER D 330 -8.51 19.55 7.08
C SER D 330 -7.26 19.67 7.94
N GLY D 331 -6.80 18.55 8.47
CA GLY D 331 -5.63 18.51 9.33
C GLY D 331 -5.95 18.48 10.82
N SER D 332 -7.19 18.77 11.18
CA SER D 332 -7.58 18.75 12.58
C SER D 332 -7.63 17.33 13.15
N ALA D 333 -7.44 17.25 14.46
CA ALA D 333 -7.45 16.00 15.19
C ALA D 333 -8.89 15.63 15.53
N GLY D 334 -9.18 14.33 15.49
CA GLY D 334 -10.47 13.82 15.88
C GLY D 334 -10.32 12.86 17.05
N LEU D 335 -11.39 12.66 17.80
CA LEU D 335 -11.33 11.80 18.97
C LEU D 335 -12.61 10.98 19.12
N MET D 336 -12.48 9.67 18.93
CA MET D 336 -13.58 8.73 19.22
C MET D 336 -13.54 8.32 20.68
N LEU D 337 -14.69 8.29 21.29
CA LEU D 337 -14.82 8.06 22.72
C LEU D 337 -15.99 7.14 23.04
N ALA D 338 -15.70 5.93 23.45
CA ALA D 338 -16.76 4.96 23.73
C ALA D 338 -16.52 4.31 25.09
N MET D 339 -17.51 3.57 25.56
CA MET D 339 -17.34 2.82 26.79
C MET D 339 -18.26 1.59 26.79
N GLY D 340 -17.93 0.62 27.62
CA GLY D 340 -18.71 -0.61 27.68
C GLY D 340 -18.29 -1.61 28.73
N PRO D 341 -18.84 -2.81 28.68
CA PRO D 341 -18.61 -3.85 29.69
C PRO D 341 -17.13 -4.03 29.94
N GLY D 342 -16.74 -4.10 31.21
CA GLY D 342 -15.34 -4.08 31.59
C GLY D 342 -15.15 -3.87 33.08
N PHE D 343 -15.46 -2.67 33.56
CA PHE D 343 -15.87 -1.53 32.74
C PHE D 343 -14.65 -0.91 32.09
N CYS D 344 -14.84 -0.34 30.90
CA CYS D 344 -13.73 0.14 30.10
C CYS D 344 -14.12 1.28 29.17
N THR D 345 -13.09 2.01 28.75
CA THR D 345 -13.28 3.19 27.93
C THR D 345 -12.32 3.02 26.75
N GLU D 346 -12.71 3.47 25.57
CA GLU D 346 -11.79 3.40 24.42
C GLU D 346 -11.64 4.77 23.74
N LEU D 347 -10.40 5.13 23.49
CA LEU D 347 -10.07 6.38 22.81
C LEU D 347 -9.37 6.08 21.50
N VAL D 348 -9.78 6.75 20.43
CA VAL D 348 -9.11 6.63 19.13
C VAL D 348 -8.84 8.00 18.53
N LEU D 349 -7.56 8.31 18.33
CA LEU D 349 -7.16 9.59 17.75
C LEU D 349 -7.26 9.55 16.22
N LEU D 350 -7.97 10.52 15.66
CA LEU D 350 -8.11 10.62 14.20
C LEU D 350 -7.43 11.86 13.66
N ARG D 351 -7.20 11.90 12.36
CA ARG D 351 -6.78 13.11 11.64
C ARG D 351 -7.59 13.27 10.40
N TRP D 352 -8.39 14.30 10.31
CA TRP D 352 -9.19 14.51 9.12
C TRP D 352 -8.49 15.28 8.05
N ARG D 353 -9.19 15.44 6.96
CA ARG D 353 -8.66 15.74 5.64
C ARG D 353 -8.48 14.38 4.98
#